data_4X2Q
#
_entry.id   4X2Q
#
_cell.length_a   84.597
_cell.length_b   140.508
_cell.length_c   164.452
_cell.angle_alpha   90.000
_cell.angle_beta   90.000
_cell.angle_gamma   90.000
#
_symmetry.space_group_name_H-M   'P 21 21 21'
#
loop_
_entity.id
_entity.type
_entity.pdbx_description
1 polymer 'Retinal dehydrogenase 2'
2 non-polymer NICOTINAMIDE-ADENINE-DINUCLEOTIDE
#
_entity_poly.entity_id   1
_entity_poly.type   'polypeptide(L)'
_entity_poly.pdbx_seq_one_letter_code
;HHHHHHASLHLLPSPTPNLEIKYTKIFINNEWQNSESGRVFPVYNPATGEQVCEVQEADKADIDKAVQAARLAFSLGSVW
RRMDASERGRLLDKLADLVERDRAVLATMESLNGGKPFLQAFYVDLQGVIKTFRYYAGWADKIHGMTIPVDGDYFTFTRH
EPIGVCGQIIPWNFPLLMFAWKIAPALCCGNTVVIKPAEQTPLSALYMGALIKEAGFPPGVINILPGYGPTAGAAIASHI
GIDKIAFTGSTEVGKLIQEAAGRSNLKRVTLELGGKSPNIIFADADLDYAVEQAHQGVFFNQGQCCTAGSRIFVEESIYE
EFVRRSVERAKRRVVGSPFDPTTEQGPQIDKKQYNKILELIQSGVAEGAKLECGGKGLGRKGFFIEPTVFSNVTDDMRIA
KEEIFGPVQEILRFKTMDEVIERANNSDFGLVAAVFTNDINKALTVSSAMQAGTVWINCYNALNAQSPFGGFKMSGNGRE
MGEFGLREYSEVKTVTVKIPQKNS
;
_entity_poly.pdbx_strand_id   A,B,C,D
#
loop_
_chem_comp.id
_chem_comp.type
_chem_comp.name
_chem_comp.formula
NAD non-polymer NICOTINAMIDE-ADENINE-DINUCLEOTIDE 'C21 H27 N7 O14 P2'
#
# COMPACT_ATOMS: atom_id res chain seq x y z
N LEU A 12 1.09 38.59 -18.45
CA LEU A 12 1.00 38.74 -19.93
C LEU A 12 2.33 38.39 -20.60
N PRO A 13 2.72 37.09 -20.57
CA PRO A 13 4.05 36.67 -21.03
C PRO A 13 4.20 36.61 -22.55
N SER A 14 5.37 36.98 -23.04
CA SER A 14 5.67 37.01 -24.48
C SER A 14 6.80 36.05 -24.86
N PRO A 15 6.83 35.59 -26.13
CA PRO A 15 7.94 34.76 -26.60
C PRO A 15 9.24 35.54 -26.62
N THR A 16 10.35 34.88 -26.29
CA THR A 16 11.67 35.50 -26.39
C THR A 16 12.03 35.75 -27.86
N PRO A 17 12.25 37.04 -28.22
CA PRO A 17 12.31 37.53 -29.60
C PRO A 17 13.32 36.83 -30.52
N ASN A 18 14.60 37.08 -30.31
CA ASN A 18 15.64 36.49 -31.15
C ASN A 18 16.20 35.21 -30.53
N LEU A 19 15.33 34.21 -30.42
CA LEU A 19 15.72 32.92 -29.85
C LEU A 19 16.63 32.16 -30.80
N GLU A 20 17.90 32.01 -30.41
CA GLU A 20 18.84 31.21 -31.17
C GLU A 20 19.07 29.86 -30.49
N ILE A 21 19.14 28.81 -31.30
CA ILE A 21 19.35 27.46 -30.78
C ILE A 21 20.84 27.29 -30.48
N LYS A 22 21.18 27.31 -29.20
CA LYS A 22 22.57 27.20 -28.75
C LYS A 22 23.03 25.74 -28.68
N TYR A 23 22.10 24.85 -28.33
CA TYR A 23 22.44 23.45 -28.08
C TYR A 23 21.94 22.53 -29.18
N THR A 24 22.84 22.19 -30.10
CA THR A 24 22.51 21.40 -31.28
C THR A 24 23.36 20.13 -31.41
N LYS A 25 24.09 19.80 -30.34
CA LYS A 25 24.98 18.64 -30.34
C LYS A 25 24.42 17.46 -29.54
N ILE A 26 25.04 16.29 -29.71
CA ILE A 26 24.65 15.09 -28.97
C ILE A 26 25.16 15.17 -27.53
N PHE A 27 24.29 14.81 -26.58
CA PHE A 27 24.61 14.90 -25.16
C PHE A 27 24.89 13.53 -24.53
N ILE A 28 26.18 13.16 -24.50
CA ILE A 28 26.62 11.92 -23.89
C ILE A 28 27.57 12.24 -22.74
N ASN A 29 27.38 11.55 -21.61
CA ASN A 29 28.29 11.63 -20.46
C ASN A 29 28.52 13.06 -19.98
N ASN A 30 27.46 13.87 -20.03
CA ASN A 30 27.49 15.30 -19.69
C ASN A 30 28.32 16.20 -20.61
N GLU A 31 28.80 15.63 -21.72
CA GLU A 31 29.60 16.37 -22.68
C GLU A 31 28.88 16.51 -24.02
N TRP A 32 29.17 17.59 -24.74
CA TRP A 32 28.62 17.81 -26.07
C TRP A 32 29.55 17.21 -27.11
N GLN A 33 29.15 16.07 -27.67
CA GLN A 33 29.94 15.36 -28.68
C GLN A 33 29.31 15.46 -30.06
N ASN A 34 30.14 15.38 -31.10
CA ASN A 34 29.68 15.32 -32.48
C ASN A 34 29.16 13.93 -32.84
N SER A 35 28.59 13.82 -34.03
CA SER A 35 28.19 12.53 -34.57
C SER A 35 29.41 11.75 -35.03
N GLU A 36 29.43 10.45 -34.75
CA GLU A 36 30.54 9.58 -35.15
C GLU A 36 30.68 9.49 -36.65
N SER A 37 29.55 9.48 -37.34
CA SER A 37 29.51 9.50 -38.80
C SER A 37 29.88 10.88 -39.33
N GLY A 38 29.52 11.92 -38.59
CA GLY A 38 29.77 13.31 -38.99
C GLY A 38 28.58 13.99 -39.61
N ARG A 39 27.53 13.20 -39.90
CA ARG A 39 26.31 13.71 -40.53
C ARG A 39 25.44 14.55 -39.59
N VAL A 40 24.81 15.57 -40.17
CA VAL A 40 24.00 16.53 -39.43
C VAL A 40 22.64 16.66 -40.13
N PHE A 41 21.56 16.51 -39.36
CA PHE A 41 20.20 16.59 -39.93
C PHE A 41 19.52 17.95 -39.67
N PRO A 42 18.64 18.39 -40.59
CA PRO A 42 17.97 19.68 -40.44
C PRO A 42 16.69 19.61 -39.63
N VAL A 43 16.36 20.70 -38.93
CA VAL A 43 15.12 20.80 -38.16
C VAL A 43 14.22 21.87 -38.79
N TYR A 44 12.98 21.48 -39.06
CA TYR A 44 12.04 22.33 -39.80
C TYR A 44 11.04 23.03 -38.89
N ASN A 45 10.89 24.33 -39.11
CA ASN A 45 9.81 25.12 -38.53
C ASN A 45 8.53 24.81 -39.30
N PRO A 46 7.57 24.15 -38.63
CA PRO A 46 6.32 23.80 -39.30
C PRO A 46 5.39 25.01 -39.51
N ALA A 47 5.71 26.14 -38.88
CA ALA A 47 4.91 27.36 -39.01
C ALA A 47 5.12 28.05 -40.34
N THR A 48 6.32 27.94 -40.90
CA THR A 48 6.69 28.62 -42.14
C THR A 48 7.35 27.70 -43.17
N GLY A 49 7.76 26.52 -42.73
CA GLY A 49 8.44 25.55 -43.59
C GLY A 49 9.95 25.77 -43.67
N GLU A 50 10.42 26.80 -42.96
CA GLU A 50 11.83 27.19 -42.95
C GLU A 50 12.71 26.20 -42.18
N GLN A 51 14.01 26.26 -42.44
CA GLN A 51 15.00 25.51 -41.67
C GLN A 51 15.47 26.38 -40.49
N VAL A 52 15.16 25.92 -39.28
CA VAL A 52 15.55 26.63 -38.05
C VAL A 52 17.06 26.52 -37.84
N CYS A 53 17.56 25.28 -37.87
CA CYS A 53 18.97 24.98 -37.61
C CYS A 53 19.30 23.54 -38.00
N GLU A 54 20.53 23.13 -37.71
CA GLU A 54 21.01 21.79 -38.01
C GLU A 54 21.52 21.09 -36.74
N VAL A 55 21.13 19.83 -36.57
CA VAL A 55 21.45 19.07 -35.37
C VAL A 55 22.17 17.76 -35.73
N GLN A 56 23.07 17.32 -34.85
CA GLN A 56 23.91 16.14 -35.08
C GLN A 56 23.09 14.85 -35.17
N GLU A 57 23.24 14.12 -36.29
CA GLU A 57 22.51 12.89 -36.53
C GLU A 57 23.19 11.67 -35.90
N ALA A 58 22.61 11.20 -34.79
CA ALA A 58 23.13 10.03 -34.07
C ALA A 58 22.88 8.74 -34.83
N ASP A 59 23.73 7.75 -34.62
CA ASP A 59 23.59 6.44 -35.26
C ASP A 59 24.01 5.34 -34.29
N LYS A 60 24.12 4.11 -34.78
CA LYS A 60 24.49 2.94 -33.97
C LYS A 60 25.74 3.15 -33.12
N ALA A 61 26.77 3.76 -33.72
CA ALA A 61 28.02 4.06 -33.02
C ALA A 61 27.84 5.09 -31.90
N ASP A 62 26.94 6.04 -32.12
CA ASP A 62 26.59 7.04 -31.12
C ASP A 62 25.83 6.41 -29.94
N ILE A 63 24.98 5.44 -30.26
CA ILE A 63 24.22 4.71 -29.26
C ILE A 63 25.16 3.93 -28.34
N ASP A 64 26.07 3.16 -28.94
CA ASP A 64 27.05 2.36 -28.21
C ASP A 64 27.80 3.15 -27.14
N LYS A 65 28.28 4.35 -27.50
CA LYS A 65 28.98 5.22 -26.56
C LYS A 65 28.07 5.65 -25.43
N ALA A 66 26.85 6.04 -25.77
CA ALA A 66 25.86 6.49 -24.80
C ALA A 66 25.49 5.40 -23.81
N VAL A 67 25.38 4.17 -24.31
CA VAL A 67 25.05 3.01 -23.48
C VAL A 67 26.17 2.74 -22.48
N GLN A 68 27.41 2.69 -22.97
CA GLN A 68 28.59 2.49 -22.12
C GLN A 68 28.69 3.56 -21.04
N ALA A 69 28.34 4.79 -21.41
CA ALA A 69 28.35 5.93 -20.48
C ALA A 69 27.27 5.79 -19.40
N ALA A 70 26.11 5.31 -19.79
CA ALA A 70 25.00 5.10 -18.86
C ALA A 70 25.23 3.85 -18.00
N ARG A 71 25.95 2.88 -18.54
CA ARG A 71 26.29 1.67 -17.81
C ARG A 71 27.27 1.96 -16.68
N LEU A 72 28.27 2.81 -16.97
CA LEU A 72 29.28 3.21 -16.00
C LEU A 72 28.70 4.02 -14.85
N ALA A 73 27.82 4.96 -15.18
CA ALA A 73 27.14 5.79 -14.19
C ALA A 73 26.15 5.00 -13.34
N PHE A 74 25.97 3.72 -13.66
CA PHE A 74 25.04 2.87 -12.93
C PHE A 74 25.74 1.72 -12.17
N SER A 75 27.01 1.49 -12.46
CA SER A 75 27.79 0.44 -11.78
C SER A 75 27.77 0.59 -10.25
N LEU A 76 28.08 -0.50 -9.55
CA LEU A 76 27.89 -0.59 -8.10
C LEU A 76 28.62 0.45 -7.24
N GLY A 77 29.70 1.04 -7.75
CA GLY A 77 30.43 2.06 -7.00
C GLY A 77 30.03 3.48 -7.33
N SER A 78 29.21 3.64 -8.37
CA SER A 78 28.83 4.94 -8.91
C SER A 78 28.32 5.95 -7.90
N VAL A 79 28.49 7.24 -8.22
CA VAL A 79 27.98 8.35 -7.41
C VAL A 79 26.44 8.38 -7.42
N TRP A 80 25.85 7.90 -8.52
CA TRP A 80 24.40 7.86 -8.69
C TRP A 80 23.75 6.71 -7.91
N ARG A 81 24.58 5.75 -7.48
CA ARG A 81 24.10 4.61 -6.69
C ARG A 81 24.33 4.81 -5.20
N ARG A 82 25.38 5.54 -4.84
CA ARG A 82 25.65 5.86 -3.43
C ARG A 82 24.73 6.97 -2.93
N MET A 83 24.25 7.80 -3.86
CA MET A 83 23.39 8.94 -3.56
C MET A 83 22.13 8.52 -2.80
N ASP A 84 21.86 9.22 -1.70
CA ASP A 84 20.62 9.02 -0.95
C ASP A 84 19.42 9.25 -1.87
N ALA A 85 18.39 8.42 -1.74
CA ALA A 85 17.21 8.53 -2.59
C ALA A 85 16.56 9.91 -2.50
N SER A 86 16.61 10.53 -1.32
CA SER A 86 16.05 11.86 -1.10
C SER A 86 16.78 12.93 -1.89
N GLU A 87 18.04 12.65 -2.21
CA GLU A 87 18.88 13.59 -2.95
C GLU A 87 18.71 13.41 -4.47
N ARG A 88 18.16 12.27 -4.87
CA ARG A 88 17.70 12.08 -6.25
C ARG A 88 16.43 12.89 -6.44
N GLY A 89 15.68 13.04 -5.35
CA GLY A 89 14.52 13.92 -5.33
C GLY A 89 14.95 15.37 -5.38
N ARG A 90 16.09 15.66 -4.76
CA ARG A 90 16.65 17.00 -4.73
C ARG A 90 17.08 17.48 -6.13
N LEU A 91 17.66 16.57 -6.92
CA LEU A 91 18.09 16.91 -8.28
C LEU A 91 16.92 17.04 -9.24
N LEU A 92 15.86 16.29 -8.99
CA LEU A 92 14.64 16.42 -9.78
C LEU A 92 13.93 17.73 -9.49
N ASP A 93 13.90 18.13 -8.21
CA ASP A 93 13.25 19.35 -7.78
C ASP A 93 14.02 20.58 -8.24
N LYS A 94 15.34 20.45 -8.31
CA LYS A 94 16.21 21.52 -8.81
C LYS A 94 16.09 21.68 -10.31
N LEU A 95 15.83 20.57 -11.01
CA LEU A 95 15.61 20.58 -12.45
C LEU A 95 14.33 21.34 -12.79
N ALA A 96 13.30 21.14 -11.97
CA ALA A 96 12.04 21.84 -12.11
C ALA A 96 12.22 23.35 -12.00
N ASP A 97 13.08 23.78 -11.07
CA ASP A 97 13.45 25.19 -10.89
C ASP A 97 13.98 25.81 -12.17
N LEU A 98 14.89 25.09 -12.83
CA LEU A 98 15.57 25.57 -14.02
C LEU A 98 14.61 25.69 -15.20
N VAL A 99 13.66 24.77 -15.27
CA VAL A 99 12.60 24.84 -16.27
C VAL A 99 11.68 26.04 -15.98
N GLU A 100 11.38 26.24 -14.69
CA GLU A 100 10.58 27.39 -14.25
C GLU A 100 11.26 28.71 -14.57
N ARG A 101 12.58 28.76 -14.40
CA ARG A 101 13.37 29.96 -14.67
C ARG A 101 13.43 30.27 -16.17
N ASP A 102 13.59 29.22 -16.97
CA ASP A 102 13.65 29.34 -18.42
C ASP A 102 12.34 28.92 -19.08
N ARG A 103 11.24 29.20 -18.40
CA ARG A 103 9.89 28.84 -18.86
C ARG A 103 9.53 29.53 -20.19
N ALA A 104 9.92 30.80 -20.32
CA ALA A 104 9.66 31.56 -21.53
C ALA A 104 10.47 31.02 -22.72
N VAL A 105 11.73 30.68 -22.45
CA VAL A 105 12.66 30.20 -23.48
C VAL A 105 12.24 28.85 -24.04
N LEU A 106 11.98 27.90 -23.13
CA LEU A 106 11.61 26.53 -23.50
C LEU A 106 10.23 26.43 -24.16
N ALA A 107 9.34 27.34 -23.80
CA ALA A 107 8.02 27.41 -24.43
C ALA A 107 8.13 27.94 -25.85
N THR A 108 9.08 28.86 -26.05
CA THR A 108 9.34 29.43 -27.37
C THR A 108 9.93 28.37 -28.32
N MET A 109 10.86 27.56 -27.81
CA MET A 109 11.42 26.44 -28.58
C MET A 109 10.34 25.44 -28.99
N GLU A 110 9.45 25.13 -28.05
CA GLU A 110 8.37 24.16 -28.26
C GLU A 110 7.32 24.68 -29.23
N SER A 111 7.24 26.00 -29.35
CA SER A 111 6.30 26.66 -30.25
C SER A 111 6.87 26.77 -31.67
N LEU A 112 8.13 27.20 -31.75
CA LEU A 112 8.86 27.33 -33.01
C LEU A 112 9.09 25.98 -33.68
N ASN A 113 9.55 25.01 -32.89
CA ASN A 113 9.89 23.67 -33.37
C ASN A 113 8.68 22.73 -33.46
N GLY A 114 7.85 22.74 -32.41
CA GLY A 114 6.66 21.89 -32.37
C GLY A 114 5.53 22.42 -33.24
N GLY A 115 5.36 23.75 -33.26
CA GLY A 115 4.29 24.38 -34.01
C GLY A 115 3.12 24.84 -33.15
N LYS A 116 3.05 24.29 -31.93
CA LYS A 116 1.97 24.60 -31.00
C LYS A 116 2.00 26.09 -30.58
N PRO A 117 0.81 26.72 -30.49
CA PRO A 117 0.70 28.13 -30.05
C PRO A 117 1.45 28.40 -28.74
N PHE A 118 2.17 29.52 -28.71
CA PHE A 118 3.09 29.84 -27.62
C PHE A 118 2.44 29.87 -26.24
N LEU A 119 1.25 30.47 -26.13
CA LEU A 119 0.55 30.58 -24.85
C LEU A 119 0.14 29.22 -24.29
N GLN A 120 -0.23 28.29 -25.18
CA GLN A 120 -0.52 26.91 -24.81
C GLN A 120 0.75 26.21 -24.33
N ALA A 121 1.88 26.55 -24.95
CA ALA A 121 3.17 25.97 -24.57
C ALA A 121 3.66 26.46 -23.22
N PHE A 122 3.34 27.71 -22.89
CA PHE A 122 3.76 28.31 -21.63
C PHE A 122 2.86 27.89 -20.47
N TYR A 123 1.56 27.81 -20.72
CA TYR A 123 0.57 27.56 -19.66
C TYR A 123 0.11 26.12 -19.53
N VAL A 124 0.15 25.36 -20.62
CA VAL A 124 -0.28 23.96 -20.60
C VAL A 124 0.92 23.02 -20.63
N ASP A 125 1.66 23.04 -21.74
CA ASP A 125 2.79 22.13 -21.94
C ASP A 125 3.85 22.20 -20.84
N LEU A 126 4.39 23.40 -20.60
CA LEU A 126 5.47 23.55 -19.64
C LEU A 126 5.06 23.48 -18.18
N GLN A 127 3.81 23.85 -17.89
CA GLN A 127 3.28 23.72 -16.53
C GLN A 127 3.31 22.25 -16.14
N GLY A 128 2.82 21.41 -17.05
CA GLY A 128 2.88 19.96 -16.90
C GLY A 128 4.30 19.46 -16.70
N VAL A 129 5.23 19.95 -17.52
CA VAL A 129 6.64 19.60 -17.42
C VAL A 129 7.19 19.85 -16.01
N ILE A 130 6.98 21.07 -15.51
CA ILE A 130 7.43 21.44 -14.16
C ILE A 130 6.74 20.61 -13.08
N LYS A 131 5.42 20.50 -13.17
CA LYS A 131 4.60 19.78 -12.17
C LYS A 131 5.03 18.33 -11.98
N THR A 132 5.42 17.67 -13.07
CA THR A 132 5.84 16.26 -13.01
C THR A 132 7.21 16.11 -12.37
N PHE A 133 8.12 17.03 -12.68
CA PHE A 133 9.44 17.03 -12.05
C PHE A 133 9.35 17.31 -10.56
N ARG A 134 8.33 18.06 -10.15
CA ARG A 134 8.03 18.29 -8.73
C ARG A 134 7.34 17.08 -8.11
N TYR A 135 6.51 16.40 -8.91
CA TYR A 135 5.77 15.23 -8.44
C TYR A 135 6.68 14.02 -8.22
N TYR A 136 7.62 13.80 -9.13
CA TYR A 136 8.51 12.64 -9.05
C TYR A 136 9.72 12.90 -8.18
N ALA A 137 10.01 14.17 -7.92
CA ALA A 137 11.00 14.54 -6.93
C ALA A 137 10.55 14.03 -5.57
N GLY A 138 9.24 14.18 -5.30
CA GLY A 138 8.63 13.75 -4.05
C GLY A 138 8.64 12.26 -3.82
N TRP A 139 8.57 11.48 -4.91
CA TRP A 139 8.50 10.02 -4.81
C TRP A 139 9.84 9.33 -4.48
N ALA A 140 10.95 9.97 -4.85
CA ALA A 140 12.29 9.35 -4.77
C ALA A 140 12.57 8.53 -3.50
N ASP A 141 12.33 9.12 -2.33
CA ASP A 141 12.60 8.46 -1.05
C ASP A 141 11.32 7.96 -0.38
N LYS A 142 10.36 7.56 -1.21
CA LYS A 142 9.07 7.08 -0.72
C LYS A 142 8.65 5.80 -1.44
N ILE A 143 9.50 5.32 -2.35
CA ILE A 143 9.30 4.04 -3.02
C ILE A 143 9.64 2.91 -2.05
N HIS A 144 8.59 2.33 -1.46
CA HIS A 144 8.75 1.34 -0.41
C HIS A 144 8.58 -0.10 -0.90
N GLY A 145 9.28 -1.03 -0.26
CA GLY A 145 9.05 -2.46 -0.45
C GLY A 145 8.12 -2.95 0.65
N MET A 146 8.27 -4.21 1.05
CA MET A 146 7.44 -4.78 2.12
C MET A 146 8.06 -5.97 2.83
N THR A 147 7.57 -6.25 4.04
CA THR A 147 7.99 -7.41 4.83
C THR A 147 6.84 -8.40 4.96
N ILE A 148 7.09 -9.65 4.55
CA ILE A 148 6.04 -10.67 4.44
C ILE A 148 6.18 -11.75 5.53
N PRO A 149 5.08 -12.02 6.26
CA PRO A 149 5.09 -13.04 7.31
C PRO A 149 4.88 -14.46 6.76
N VAL A 150 5.86 -14.96 6.03
CA VAL A 150 5.77 -16.26 5.36
C VAL A 150 5.88 -17.41 6.36
N ASP A 151 5.40 -18.60 5.96
CA ASP A 151 5.43 -19.80 6.80
C ASP A 151 6.85 -20.21 7.20
N GLY A 152 6.97 -20.91 8.33
CA GLY A 152 8.26 -21.43 8.79
C GLY A 152 9.17 -20.38 9.43
N ASP A 153 10.30 -20.83 9.97
CA ASP A 153 11.24 -19.94 10.64
C ASP A 153 12.04 -19.09 9.65
N TYR A 154 11.36 -18.14 9.02
CA TYR A 154 11.95 -17.27 8.01
C TYR A 154 11.45 -15.83 8.16
N PHE A 155 12.09 -14.91 7.46
CA PHE A 155 11.74 -13.50 7.46
C PHE A 155 12.09 -12.93 6.08
N THR A 156 11.06 -12.63 5.29
CA THR A 156 11.27 -12.14 3.93
C THR A 156 10.91 -10.66 3.78
N PHE A 157 11.73 -9.93 3.03
CA PHE A 157 11.44 -8.55 2.69
C PHE A 157 11.74 -8.25 1.21
N THR A 158 11.05 -7.26 0.65
CA THR A 158 11.25 -6.91 -0.76
C THR A 158 11.91 -5.56 -0.89
N ARG A 159 12.79 -5.46 -1.89
CA ARG A 159 13.49 -4.24 -2.26
C ARG A 159 13.01 -3.76 -3.62
N HIS A 160 12.65 -2.48 -3.71
CA HIS A 160 12.39 -1.85 -5.00
C HIS A 160 13.66 -1.20 -5.51
N GLU A 161 14.22 -1.81 -6.55
CA GLU A 161 15.51 -1.39 -7.10
C GLU A 161 15.38 -0.88 -8.52
N PRO A 162 16.31 0.00 -8.96
CA PRO A 162 16.35 0.40 -10.37
C PRO A 162 16.56 -0.80 -11.29
N ILE A 163 16.10 -0.69 -12.54
CA ILE A 163 16.29 -1.75 -13.53
C ILE A 163 17.71 -1.72 -14.07
N GLY A 164 18.14 -0.54 -14.52
CA GLY A 164 19.45 -0.35 -15.11
C GLY A 164 19.44 0.73 -16.18
N VAL A 165 20.02 0.41 -17.33
CA VAL A 165 20.01 1.32 -18.47
C VAL A 165 18.63 1.24 -19.14
N CYS A 166 17.98 2.39 -19.27
CA CYS A 166 16.63 2.47 -19.84
C CYS A 166 16.60 3.21 -21.17
N GLY A 167 16.27 2.48 -22.23
CA GLY A 167 16.06 3.09 -23.54
C GLY A 167 14.70 3.74 -23.58
N GLN A 168 14.64 4.96 -24.10
CA GLN A 168 13.39 5.69 -24.21
C GLN A 168 13.25 6.34 -25.58
N ILE A 169 12.11 6.14 -26.21
CA ILE A 169 11.82 6.71 -27.52
C ILE A 169 10.45 7.41 -27.48
N ILE A 170 10.44 8.72 -27.74
CA ILE A 170 9.21 9.50 -27.72
C ILE A 170 8.89 10.13 -29.09
N PRO A 171 7.59 10.43 -29.35
CA PRO A 171 7.20 11.06 -30.60
C PRO A 171 7.43 12.57 -30.64
N TRP A 172 6.73 13.26 -31.53
CA TRP A 172 6.82 14.71 -31.72
C TRP A 172 5.60 15.43 -31.17
N ASN A 173 4.68 14.67 -30.58
CA ASN A 173 3.39 15.16 -30.08
C ASN A 173 3.53 16.25 -29.01
N PHE A 174 4.18 15.91 -27.91
CA PHE A 174 4.46 16.85 -26.84
C PHE A 174 5.92 16.71 -26.44
N PRO A 175 6.84 17.14 -27.34
CA PRO A 175 8.28 16.86 -27.26
C PRO A 175 8.86 16.95 -25.84
N LEU A 176 8.56 18.04 -25.14
CA LEU A 176 9.11 18.30 -23.82
C LEU A 176 8.33 17.60 -22.71
N LEU A 177 7.00 17.59 -22.82
CA LEU A 177 6.16 16.85 -21.88
C LEU A 177 6.48 15.37 -21.94
N MET A 178 6.57 14.82 -23.14
CA MET A 178 6.93 13.43 -23.34
C MET A 178 8.31 13.12 -22.76
N PHE A 179 9.22 14.07 -22.92
CA PHE A 179 10.56 13.99 -22.35
C PHE A 179 10.44 13.91 -20.83
N ALA A 180 9.65 14.82 -20.27
CA ALA A 180 9.44 14.91 -18.82
C ALA A 180 8.75 13.67 -18.26
N TRP A 181 7.67 13.24 -18.90
CA TRP A 181 6.91 12.06 -18.48
C TRP A 181 7.72 10.75 -18.50
N LYS A 182 8.81 10.74 -19.25
CA LYS A 182 9.63 9.54 -19.36
C LYS A 182 10.93 9.62 -18.56
N ILE A 183 11.54 10.81 -18.52
CA ILE A 183 12.76 11.03 -17.75
C ILE A 183 12.49 10.96 -16.25
N ALA A 184 11.49 11.71 -15.79
CA ALA A 184 11.21 11.88 -14.37
C ALA A 184 11.07 10.57 -13.57
N PRO A 185 10.20 9.63 -14.02
CA PRO A 185 10.04 8.42 -13.23
C PRO A 185 11.30 7.56 -13.23
N ALA A 186 11.96 7.46 -14.38
CA ALA A 186 13.15 6.62 -14.54
C ALA A 186 14.24 7.00 -13.54
N LEU A 187 14.48 8.30 -13.41
CA LEU A 187 15.50 8.83 -12.52
C LEU A 187 15.07 8.71 -11.07
N CYS A 188 13.76 8.91 -10.86
CA CYS A 188 13.15 8.78 -9.53
C CYS A 188 13.46 7.42 -8.91
N CYS A 189 13.62 6.40 -9.77
CA CYS A 189 13.89 5.04 -9.33
C CYS A 189 15.38 4.66 -9.40
N GLY A 190 16.21 5.62 -9.80
CA GLY A 190 17.66 5.41 -9.79
C GLY A 190 18.24 4.81 -11.06
N ASN A 191 17.49 4.90 -12.15
CA ASN A 191 17.97 4.40 -13.44
C ASN A 191 18.88 5.40 -14.16
N THR A 192 19.57 4.91 -15.19
CA THR A 192 20.29 5.76 -16.13
C THR A 192 19.57 5.69 -17.47
N VAL A 193 19.40 6.84 -18.11
CA VAL A 193 18.53 6.95 -19.28
C VAL A 193 19.25 7.30 -20.58
N VAL A 194 18.95 6.52 -21.62
CA VAL A 194 19.30 6.85 -22.99
C VAL A 194 17.99 7.11 -23.71
N ILE A 195 17.74 8.38 -24.04
CA ILE A 195 16.49 8.81 -24.65
C ILE A 195 16.69 9.26 -26.09
N LYS A 196 15.67 9.11 -26.92
CA LYS A 196 15.75 9.48 -28.34
C LYS A 196 14.55 10.32 -28.75
N PRO A 197 14.72 11.66 -28.78
CA PRO A 197 13.62 12.52 -29.19
C PRO A 197 13.37 12.45 -30.69
N ALA A 198 12.13 12.74 -31.09
CA ALA A 198 11.71 12.68 -32.49
C ALA A 198 12.64 13.46 -33.42
N GLU A 199 12.74 12.99 -34.66
CA GLU A 199 13.59 13.62 -35.68
C GLU A 199 13.23 15.08 -35.94
N GLN A 200 11.93 15.37 -35.92
CA GLN A 200 11.42 16.72 -36.21
C GLN A 200 11.45 17.67 -35.00
N THR A 201 11.36 17.12 -33.79
CA THR A 201 11.39 17.95 -32.57
C THR A 201 12.46 17.54 -31.55
N PRO A 202 13.75 17.82 -31.86
CA PRO A 202 14.79 17.49 -30.89
C PRO A 202 15.27 18.66 -30.03
N LEU A 203 14.92 19.88 -30.42
CA LEU A 203 15.48 21.09 -29.79
C LEU A 203 15.14 21.23 -28.31
N SER A 204 13.86 21.07 -27.97
CA SER A 204 13.40 21.17 -26.59
C SER A 204 14.10 20.16 -25.70
N ALA A 205 14.32 18.96 -26.23
CA ALA A 205 15.00 17.89 -25.53
C ALA A 205 16.47 18.21 -25.25
N LEU A 206 17.14 18.83 -26.22
CA LEU A 206 18.57 19.12 -26.10
C LEU A 206 18.85 20.27 -25.13
N TYR A 207 17.94 21.23 -25.06
CA TYR A 207 18.08 22.33 -24.11
C TYR A 207 18.02 21.79 -22.69
N MET A 208 17.21 20.75 -22.50
CA MET A 208 17.12 20.07 -21.20
C MET A 208 18.45 19.46 -20.80
N GLY A 209 19.28 19.16 -21.79
CA GLY A 209 20.64 18.68 -21.55
C GLY A 209 21.48 19.69 -20.80
N ALA A 210 21.33 20.95 -21.17
CA ALA A 210 22.02 22.06 -20.52
C ALA A 210 21.53 22.27 -19.08
N LEU A 211 20.24 22.04 -18.85
CA LEU A 211 19.66 22.15 -17.52
C LEU A 211 20.01 20.96 -16.66
N ILE A 212 20.23 19.81 -17.29
CA ILE A 212 20.63 18.59 -16.58
C ILE A 212 22.04 18.74 -15.99
N LYS A 213 23.00 19.18 -16.82
CA LYS A 213 24.36 19.40 -16.33
C LYS A 213 24.40 20.52 -15.28
N GLU A 214 23.63 21.58 -15.51
CA GLU A 214 23.56 22.71 -14.59
C GLU A 214 22.97 22.32 -13.24
N ALA A 215 21.95 21.45 -13.25
CA ALA A 215 21.29 20.97 -12.04
C ALA A 215 22.26 20.21 -11.13
N GLY A 216 23.21 19.53 -11.73
CA GLY A 216 24.21 18.76 -10.97
C GLY A 216 24.00 17.25 -11.04
N PHE A 217 23.43 16.78 -12.14
CA PHE A 217 23.30 15.34 -12.39
C PHE A 217 24.67 14.75 -12.69
N PRO A 218 24.96 13.55 -12.14
CA PRO A 218 26.24 12.89 -12.40
C PRO A 218 26.42 12.61 -13.90
N PRO A 219 27.68 12.66 -14.39
CA PRO A 219 27.93 12.39 -15.81
C PRO A 219 27.44 11.01 -16.25
N GLY A 220 26.71 10.98 -17.36
CA GLY A 220 26.27 9.73 -17.97
C GLY A 220 24.89 9.25 -17.53
N VAL A 221 24.35 9.88 -16.49
CA VAL A 221 23.04 9.49 -15.92
C VAL A 221 21.91 9.67 -16.94
N ILE A 222 21.90 10.83 -17.60
CA ILE A 222 20.96 11.12 -18.67
C ILE A 222 21.75 11.40 -19.96
N ASN A 223 21.49 10.60 -20.99
CA ASN A 223 22.12 10.75 -22.29
C ASN A 223 21.08 10.99 -23.37
N ILE A 224 21.18 12.11 -24.07
CA ILE A 224 20.21 12.49 -25.10
C ILE A 224 20.83 12.31 -26.49
N LEU A 225 20.08 11.68 -27.40
CA LEU A 225 20.56 11.42 -28.76
C LEU A 225 19.53 11.76 -29.84
N PRO A 226 19.73 12.89 -30.55
CA PRO A 226 18.82 13.33 -31.60
C PRO A 226 19.07 12.67 -32.95
N GLY A 227 17.98 12.27 -33.63
CA GLY A 227 18.07 11.64 -34.94
C GLY A 227 16.81 10.96 -35.43
N TYR A 228 16.96 10.13 -36.45
CA TYR A 228 15.83 9.44 -37.10
C TYR A 228 15.43 8.15 -36.37
N GLY A 229 14.45 7.44 -36.94
CA GLY A 229 13.89 6.25 -36.31
C GLY A 229 14.65 4.95 -36.54
N PRO A 230 14.64 4.45 -37.78
CA PRO A 230 15.36 3.22 -38.12
C PRO A 230 16.86 3.24 -37.79
N THR A 231 17.44 4.44 -37.73
CA THR A 231 18.86 4.59 -37.36
C THR A 231 19.07 4.50 -35.84
N ALA A 232 18.91 5.62 -35.15
CA ALA A 232 19.18 5.70 -33.71
C ALA A 232 18.12 4.98 -32.86
N GLY A 233 16.88 4.97 -33.34
CA GLY A 233 15.77 4.36 -32.62
C GLY A 233 15.87 2.85 -32.54
N ALA A 234 16.03 2.21 -33.70
CA ALA A 234 16.14 0.75 -33.78
C ALA A 234 17.39 0.24 -33.07
N ALA A 235 18.45 1.04 -33.10
CA ALA A 235 19.71 0.70 -32.43
C ALA A 235 19.58 0.60 -30.91
N ILE A 236 18.66 1.39 -30.35
CA ILE A 236 18.31 1.30 -28.93
C ILE A 236 17.55 0.00 -28.67
N ALA A 237 16.61 -0.32 -29.57
CA ALA A 237 15.76 -1.51 -29.45
C ALA A 237 16.54 -2.81 -29.54
N SER A 238 17.55 -2.84 -30.42
CA SER A 238 18.36 -4.03 -30.61
C SER A 238 19.75 -3.92 -29.96
N HIS A 239 19.80 -3.32 -28.77
CA HIS A 239 21.05 -3.19 -28.03
C HIS A 239 21.13 -4.16 -26.85
N ILE A 240 22.21 -4.93 -26.83
CA ILE A 240 22.44 -5.99 -25.85
C ILE A 240 22.71 -5.47 -24.42
N GLY A 241 23.14 -4.21 -24.33
CA GLY A 241 23.50 -3.59 -23.06
C GLY A 241 22.40 -2.79 -22.38
N ILE A 242 21.24 -2.69 -23.06
CA ILE A 242 20.09 -1.97 -22.52
C ILE A 242 19.12 -2.94 -21.84
N ASP A 243 18.75 -2.62 -20.60
CA ASP A 243 17.93 -3.49 -19.78
C ASP A 243 16.43 -3.32 -19.99
N LYS A 244 16.03 -2.17 -20.54
CA LYS A 244 14.61 -1.84 -20.74
C LYS A 244 14.39 -0.82 -21.84
N ILE A 245 13.31 -0.98 -22.60
CA ILE A 245 12.89 -0.01 -23.59
C ILE A 245 11.46 0.50 -23.32
N ALA A 246 11.27 1.81 -23.46
CA ALA A 246 9.94 2.42 -23.30
C ALA A 246 9.60 3.30 -24.51
N PHE A 247 8.72 2.77 -25.35
CA PHE A 247 8.36 3.42 -26.59
C PHE A 247 6.98 4.07 -26.52
N THR A 248 6.85 5.20 -27.19
CA THR A 248 5.58 5.87 -27.39
C THR A 248 5.50 6.35 -28.84
N GLY A 249 4.38 6.07 -29.50
CA GLY A 249 4.17 6.49 -30.88
C GLY A 249 3.16 5.64 -31.61
N SER A 250 3.40 5.42 -32.90
CA SER A 250 2.49 4.66 -33.75
C SER A 250 2.59 3.15 -33.49
N THR A 251 1.50 2.44 -33.80
CA THR A 251 1.36 1.02 -33.51
C THR A 251 2.26 0.11 -34.36
N GLU A 252 2.53 0.53 -35.59
CA GLU A 252 3.30 -0.29 -36.54
C GLU A 252 4.81 -0.16 -36.34
N VAL A 253 5.22 0.75 -35.48
CA VAL A 253 6.61 0.90 -35.07
C VAL A 253 6.82 0.17 -33.73
N GLY A 254 5.81 0.23 -32.87
CA GLY A 254 5.81 -0.50 -31.62
C GLY A 254 5.84 -2.02 -31.78
N LYS A 255 5.28 -2.51 -32.89
CA LYS A 255 5.33 -3.94 -33.21
C LYS A 255 6.75 -4.38 -33.54
N LEU A 256 7.49 -3.49 -34.19
CA LEU A 256 8.90 -3.73 -34.51
C LEU A 256 9.82 -3.57 -33.30
N ILE A 257 9.34 -2.90 -32.26
CA ILE A 257 10.12 -2.70 -31.03
C ILE A 257 10.19 -3.99 -30.20
N GLN A 258 9.04 -4.59 -29.92
CA GLN A 258 8.97 -5.84 -29.16
C GLN A 258 9.74 -6.97 -29.84
N GLU A 259 9.57 -7.08 -31.16
CA GLU A 259 10.24 -8.10 -31.98
C GLU A 259 11.77 -7.95 -31.91
N ALA A 260 12.25 -6.72 -32.05
CA ALA A 260 13.68 -6.43 -31.98
C ALA A 260 14.25 -6.67 -30.59
N ALA A 261 13.40 -6.54 -29.58
CA ALA A 261 13.78 -6.76 -28.19
C ALA A 261 13.87 -8.25 -27.86
N GLY A 262 12.93 -9.02 -28.39
CA GLY A 262 12.87 -10.46 -28.15
C GLY A 262 13.99 -11.22 -28.83
N ARG A 263 14.46 -10.67 -29.95
CA ARG A 263 15.57 -11.27 -30.69
C ARG A 263 16.92 -10.68 -30.28
N SER A 264 16.91 -9.79 -29.29
CA SER A 264 18.13 -9.20 -28.75
C SER A 264 18.49 -9.78 -27.39
N ASN A 265 18.05 -9.12 -26.32
CA ASN A 265 18.38 -9.55 -24.96
C ASN A 265 17.16 -9.74 -24.06
N LEU A 266 15.98 -9.74 -24.69
CA LEU A 266 14.70 -9.89 -23.99
C LEU A 266 14.49 -8.82 -22.92
N LYS A 267 14.86 -7.58 -23.24
CA LYS A 267 14.66 -6.44 -22.36
C LYS A 267 13.17 -6.18 -22.13
N ARG A 268 12.83 -5.66 -20.96
CA ARG A 268 11.45 -5.31 -20.66
C ARG A 268 10.93 -4.30 -21.68
N VAL A 269 9.76 -4.55 -22.22
CA VAL A 269 9.16 -3.66 -23.21
C VAL A 269 7.90 -3.01 -22.67
N THR A 270 7.86 -1.68 -22.73
CA THR A 270 6.67 -0.91 -22.44
C THR A 270 6.30 -0.11 -23.68
N LEU A 271 5.11 -0.37 -24.21
CA LEU A 271 4.62 0.32 -25.38
C LEU A 271 3.48 1.27 -25.02
N GLU A 272 3.53 2.47 -25.57
CA GLU A 272 2.44 3.42 -25.43
C GLU A 272 1.95 3.80 -26.82
N LEU A 273 1.07 2.95 -27.36
CA LEU A 273 0.59 3.06 -28.74
C LEU A 273 -0.67 3.92 -28.85
N GLY A 274 -1.17 4.07 -30.07
CA GLY A 274 -2.36 4.89 -30.34
C GLY A 274 -3.67 4.23 -29.98
N GLY A 275 -4.67 4.43 -30.83
CA GLY A 275 -6.01 3.88 -30.60
C GLY A 275 -7.06 4.96 -30.39
N LYS A 276 -8.27 4.69 -30.85
CA LYS A 276 -9.38 5.65 -30.80
C LYS A 276 -9.76 6.08 -29.39
N SER A 277 -10.44 7.21 -29.29
CA SER A 277 -10.86 7.78 -28.00
C SER A 277 -12.26 8.40 -28.09
N PRO A 278 -13.31 7.59 -27.85
CA PRO A 278 -14.69 8.03 -28.04
C PRO A 278 -15.20 8.97 -26.95
N ASN A 279 -15.80 10.08 -27.37
CA ASN A 279 -16.58 10.93 -26.48
C ASN A 279 -18.04 10.51 -26.55
N ILE A 280 -18.68 10.39 -25.39
CA ILE A 280 -20.10 10.08 -25.35
C ILE A 280 -20.83 11.21 -24.64
N ILE A 281 -21.80 11.79 -25.34
CA ILE A 281 -22.55 12.93 -24.83
C ILE A 281 -24.07 12.64 -24.80
N PHE A 282 -24.60 12.60 -23.58
CA PHE A 282 -26.02 12.33 -23.35
C PHE A 282 -26.85 13.62 -23.36
N ALA A 283 -28.16 13.45 -23.48
CA ALA A 283 -29.10 14.57 -23.63
C ALA A 283 -29.19 15.48 -22.39
N ASP A 284 -28.99 14.92 -21.20
CA ASP A 284 -29.15 15.67 -19.95
C ASP A 284 -27.93 16.54 -19.59
N ALA A 285 -26.86 16.41 -20.36
CA ALA A 285 -25.63 17.18 -20.13
C ALA A 285 -25.81 18.67 -20.45
N ASP A 286 -25.03 19.51 -19.79
CA ASP A 286 -25.04 20.95 -20.03
C ASP A 286 -24.40 21.30 -21.38
N LEU A 287 -25.24 21.80 -22.30
CA LEU A 287 -24.83 22.03 -23.68
C LEU A 287 -23.66 23.02 -23.82
N ASP A 288 -23.68 24.07 -22.99
CA ASP A 288 -22.61 25.07 -22.99
C ASP A 288 -21.25 24.48 -22.66
N TYR A 289 -21.22 23.61 -21.64
CA TYR A 289 -19.97 23.00 -21.18
C TYR A 289 -19.52 21.84 -22.07
N ALA A 290 -20.48 21.03 -22.51
CA ALA A 290 -20.19 19.82 -23.29
C ALA A 290 -19.62 20.13 -24.69
N VAL A 291 -20.19 21.14 -25.35
CA VAL A 291 -19.75 21.55 -26.68
C VAL A 291 -18.31 22.07 -26.65
N GLU A 292 -17.99 22.88 -25.64
CA GLU A 292 -16.67 23.48 -25.51
C GLU A 292 -15.57 22.48 -25.13
N GLN A 293 -15.90 21.54 -24.23
CA GLN A 293 -14.92 20.55 -23.75
C GLN A 293 -14.63 19.43 -24.77
N ALA A 294 -15.63 19.08 -25.58
CA ALA A 294 -15.47 18.10 -26.64
C ALA A 294 -14.76 18.70 -27.86
N HIS A 295 -14.93 20.01 -28.04
CA HIS A 295 -14.24 20.76 -29.10
C HIS A 295 -12.75 20.88 -28.80
N GLN A 296 -12.42 21.11 -27.53
CA GLN A 296 -11.03 21.15 -27.06
C GLN A 296 -10.48 19.73 -26.84
N GLY A 297 -11.36 18.73 -26.89
CA GLY A 297 -10.98 17.33 -26.77
C GLY A 297 -10.59 16.68 -28.09
N VAL A 298 -10.65 17.45 -29.17
CA VAL A 298 -10.25 16.99 -30.50
C VAL A 298 -9.17 17.91 -31.07
N PHE A 299 -9.45 19.22 -31.04
CA PHE A 299 -8.62 20.23 -31.70
C PHE A 299 -7.36 20.65 -30.94
N PHE A 300 -7.29 20.27 -29.67
CA PHE A 300 -6.13 20.58 -28.81
C PHE A 300 -4.83 20.02 -29.39
N ASN A 301 -3.80 20.86 -29.39
CA ASN A 301 -2.49 20.54 -30.00
C ASN A 301 -2.63 20.17 -31.48
N GLN A 302 -3.43 20.95 -32.20
CA GLN A 302 -3.65 20.81 -33.65
C GLN A 302 -4.31 19.48 -34.06
N GLY A 303 -4.84 18.76 -33.07
CA GLY A 303 -5.51 17.47 -33.32
C GLY A 303 -4.62 16.26 -33.11
N GLN A 304 -3.35 16.40 -33.49
CA GLN A 304 -2.38 15.30 -33.40
C GLN A 304 -1.94 15.00 -31.97
N CYS A 305 -2.80 14.29 -31.24
CA CYS A 305 -2.47 13.80 -29.90
C CYS A 305 -3.13 12.46 -29.60
N CYS A 306 -2.32 11.50 -29.16
CA CYS A 306 -2.78 10.16 -28.83
C CYS A 306 -3.66 10.14 -27.58
N THR A 307 -3.48 11.12 -26.71
CA THR A 307 -4.25 11.26 -25.47
C THR A 307 -5.72 11.65 -25.71
N ALA A 308 -5.98 12.26 -26.86
CA ALA A 308 -7.34 12.70 -27.22
C ALA A 308 -7.97 11.80 -28.30
N GLY A 309 -9.18 12.16 -28.74
CA GLY A 309 -9.92 11.37 -29.70
C GLY A 309 -10.92 12.15 -30.52
N SER A 310 -11.01 11.82 -31.80
CA SER A 310 -11.82 12.56 -32.77
C SER A 310 -13.29 12.16 -32.77
N ARG A 311 -13.58 10.88 -32.55
CA ARG A 311 -14.95 10.38 -32.63
C ARG A 311 -15.79 10.74 -31.40
N ILE A 312 -16.95 11.34 -31.65
CA ILE A 312 -17.86 11.82 -30.61
C ILE A 312 -19.29 11.35 -30.90
N PHE A 313 -19.88 10.63 -29.94
CA PHE A 313 -21.25 10.16 -30.05
C PHE A 313 -22.21 11.13 -29.33
N VAL A 314 -23.20 11.61 -30.06
CA VAL A 314 -24.19 12.55 -29.51
C VAL A 314 -25.60 11.94 -29.60
N GLU A 315 -26.34 12.02 -28.50
CA GLU A 315 -27.68 11.43 -28.42
C GLU A 315 -28.65 12.11 -29.39
N GLU A 316 -29.56 11.31 -29.94
CA GLU A 316 -30.50 11.76 -30.97
C GLU A 316 -31.28 13.02 -30.62
N SER A 317 -31.55 13.21 -29.33
CA SER A 317 -32.29 14.36 -28.83
C SER A 317 -31.57 15.69 -29.06
N ILE A 318 -30.27 15.72 -28.78
CA ILE A 318 -29.47 16.94 -28.87
C ILE A 318 -28.54 16.98 -30.08
N TYR A 319 -28.67 15.99 -30.96
CA TYR A 319 -27.84 15.86 -32.16
C TYR A 319 -27.96 17.09 -33.08
N GLU A 320 -29.18 17.56 -33.26
CA GLU A 320 -29.47 18.74 -34.09
C GLU A 320 -28.74 19.98 -33.58
N GLU A 321 -28.92 20.28 -32.30
CA GLU A 321 -28.30 21.45 -31.66
C GLU A 321 -26.78 21.36 -31.58
N PHE A 322 -26.28 20.14 -31.38
CA PHE A 322 -24.84 19.91 -31.24
C PHE A 322 -24.09 20.35 -32.49
N VAL A 323 -24.57 19.92 -33.65
CA VAL A 323 -23.95 20.27 -34.93
C VAL A 323 -23.92 21.80 -35.10
N ARG A 324 -25.02 22.46 -34.77
CA ARG A 324 -25.14 23.92 -34.84
C ARG A 324 -24.12 24.63 -33.96
N ARG A 325 -23.93 24.11 -32.74
CA ARG A 325 -22.98 24.68 -31.79
C ARG A 325 -21.54 24.36 -32.17
N SER A 326 -21.35 23.22 -32.82
CA SER A 326 -20.03 22.73 -33.19
C SER A 326 -19.43 23.50 -34.37
N VAL A 327 -20.27 23.79 -35.37
CA VAL A 327 -19.82 24.50 -36.56
C VAL A 327 -19.47 25.97 -36.27
N GLU A 328 -20.13 26.55 -35.27
CA GLU A 328 -19.90 27.95 -34.91
C GLU A 328 -18.59 28.16 -34.13
N ARG A 329 -18.12 27.11 -33.49
CA ARG A 329 -16.85 27.15 -32.74
C ARG A 329 -15.65 26.91 -33.66
N ALA A 330 -15.92 26.35 -34.84
CA ALA A 330 -14.89 26.12 -35.85
C ALA A 330 -14.78 27.31 -36.81
N LYS A 331 -15.90 27.98 -37.06
CA LYS A 331 -15.95 29.16 -37.91
C LYS A 331 -15.40 30.41 -37.20
N ARG A 332 -15.25 30.32 -35.88
CA ARG A 332 -14.73 31.43 -35.07
C ARG A 332 -13.33 31.13 -34.51
N ARG A 333 -12.82 29.92 -34.79
CA ARG A 333 -11.50 29.53 -34.31
C ARG A 333 -10.40 30.14 -35.15
N VAL A 334 -9.65 31.06 -34.56
CA VAL A 334 -8.53 31.72 -35.23
C VAL A 334 -7.34 30.78 -35.40
N VAL A 335 -6.89 30.64 -36.64
CA VAL A 335 -5.76 29.78 -36.98
C VAL A 335 -4.67 30.63 -37.63
N GLY A 336 -3.43 30.48 -37.17
CA GLY A 336 -2.30 31.22 -37.71
C GLY A 336 -0.98 30.99 -37.00
N SER A 337 -0.18 32.04 -36.92
CA SER A 337 1.17 31.97 -36.34
C SER A 337 1.16 31.58 -34.87
N PRO A 338 2.02 30.64 -34.47
CA PRO A 338 2.14 30.18 -33.08
C PRO A 338 2.60 31.27 -32.10
N PHE A 339 3.35 32.25 -32.59
CA PHE A 339 3.83 33.36 -31.76
C PHE A 339 2.76 34.43 -31.53
N ASP A 340 1.75 34.45 -32.39
CA ASP A 340 0.65 35.40 -32.31
C ASP A 340 -0.30 35.01 -31.18
N PRO A 341 -0.40 35.86 -30.13
CA PRO A 341 -1.17 35.55 -28.92
C PRO A 341 -2.66 35.31 -29.16
N THR A 342 -3.19 35.80 -30.28
CA THR A 342 -4.61 35.66 -30.60
C THR A 342 -4.97 34.29 -31.19
N THR A 343 -3.97 33.57 -31.72
CA THR A 343 -4.21 32.32 -32.43
C THR A 343 -4.51 31.13 -31.52
N GLU A 344 -5.51 30.35 -31.91
CA GLU A 344 -5.91 29.16 -31.17
C GLU A 344 -5.24 27.91 -31.73
N GLN A 345 -5.16 27.81 -33.05
CA GLN A 345 -4.58 26.65 -33.71
C GLN A 345 -3.33 26.99 -34.52
N GLY A 346 -2.31 26.14 -34.40
CA GLY A 346 -1.11 26.27 -35.20
C GLY A 346 -1.16 25.40 -36.45
N PRO A 347 0.01 25.13 -37.06
CA PRO A 347 0.13 24.24 -38.21
C PRO A 347 0.38 22.79 -37.82
N GLN A 348 0.26 21.89 -38.79
CA GLN A 348 0.63 20.49 -38.59
C GLN A 348 2.15 20.36 -38.62
N ILE A 349 2.66 19.21 -38.19
CA ILE A 349 4.11 19.03 -38.02
C ILE A 349 4.88 18.88 -39.35
N ASP A 350 4.37 18.06 -40.27
CA ASP A 350 5.12 17.66 -41.45
C ASP A 350 4.35 17.82 -42.76
N LYS A 351 5.08 17.69 -43.87
CA LYS A 351 4.48 17.49 -45.18
C LYS A 351 3.86 16.09 -45.20
N LYS A 352 4.55 15.16 -44.54
CA LYS A 352 4.07 13.78 -44.38
C LYS A 352 2.74 13.74 -43.64
N GLN A 353 2.62 14.58 -42.60
CA GLN A 353 1.42 14.67 -41.78
C GLN A 353 0.29 15.41 -42.51
N TYR A 354 0.60 16.61 -42.99
CA TYR A 354 -0.33 17.46 -43.72
C TYR A 354 -1.08 16.70 -44.82
N ASN A 355 -0.34 15.98 -45.66
CA ASN A 355 -0.91 15.18 -46.74
C ASN A 355 -1.75 14.01 -46.26
N LYS A 356 -1.31 13.37 -45.18
CA LYS A 356 -1.98 12.20 -44.62
C LYS A 356 -3.34 12.54 -44.04
N ILE A 357 -3.48 13.78 -43.56
CA ILE A 357 -4.75 14.26 -43.01
C ILE A 357 -5.74 14.59 -44.12
N LEU A 358 -5.29 15.35 -45.11
CA LEU A 358 -6.13 15.73 -46.26
C LEU A 358 -6.63 14.51 -47.02
N GLU A 359 -5.78 13.49 -47.12
CA GLU A 359 -6.11 12.22 -47.74
C GLU A 359 -7.36 11.60 -47.11
N LEU A 360 -7.43 11.65 -45.78
CA LEU A 360 -8.52 11.04 -45.03
C LEU A 360 -9.76 11.95 -44.97
N ILE A 361 -9.56 13.25 -45.18
CA ILE A 361 -10.66 14.22 -45.22
C ILE A 361 -11.50 14.00 -46.48
N GLN A 362 -10.85 14.07 -47.63
CA GLN A 362 -11.51 13.90 -48.92
C GLN A 362 -11.96 12.46 -49.13
N SER A 363 -11.46 11.56 -48.28
CA SER A 363 -11.92 10.18 -48.23
C SER A 363 -13.36 10.13 -47.73
N GLY A 364 -13.61 10.81 -46.61
CA GLY A 364 -14.94 10.87 -45.99
C GLY A 364 -15.97 11.66 -46.77
N VAL A 365 -15.50 12.64 -47.56
CA VAL A 365 -16.36 13.46 -48.41
C VAL A 365 -17.06 12.59 -49.47
N ALA A 366 -16.30 11.67 -50.05
CA ALA A 366 -16.83 10.77 -51.08
C ALA A 366 -17.34 9.44 -50.52
N GLU A 367 -17.36 9.32 -49.18
CA GLU A 367 -17.78 8.08 -48.53
C GLU A 367 -19.15 8.17 -47.85
N GLY A 368 -19.62 9.39 -47.61
CA GLY A 368 -20.96 9.58 -47.06
C GLY A 368 -21.15 10.75 -46.10
N ALA A 369 -20.12 11.05 -45.32
CA ALA A 369 -20.19 12.11 -44.31
C ALA A 369 -20.33 13.50 -44.95
N LYS A 370 -21.19 14.32 -44.35
CA LYS A 370 -21.45 15.66 -44.87
C LYS A 370 -20.39 16.65 -44.38
N LEU A 371 -19.76 17.32 -45.35
CA LEU A 371 -18.76 18.33 -45.07
C LEU A 371 -19.43 19.62 -44.58
N GLU A 372 -19.44 19.81 -43.27
CA GLU A 372 -20.09 20.97 -42.65
C GLU A 372 -19.24 22.24 -42.79
N CYS A 373 -17.93 22.08 -42.65
CA CYS A 373 -16.97 23.17 -42.80
C CYS A 373 -15.56 22.62 -43.03
N GLY A 374 -14.63 23.50 -43.38
CA GLY A 374 -13.23 23.11 -43.59
C GLY A 374 -13.05 22.22 -44.81
N GLY A 375 -12.10 21.29 -44.71
CA GLY A 375 -11.85 20.32 -45.77
C GLY A 375 -10.51 20.50 -46.49
N LYS A 376 -10.18 21.74 -46.79
CA LYS A 376 -8.95 22.07 -47.51
C LYS A 376 -7.88 22.67 -46.58
N GLY A 377 -6.70 22.95 -47.14
CA GLY A 377 -5.64 23.62 -46.39
C GLY A 377 -5.79 25.13 -46.43
N LEU A 378 -4.92 25.84 -45.70
CA LEU A 378 -4.96 27.29 -45.66
C LEU A 378 -4.06 27.98 -46.69
N GLY A 379 -3.03 27.27 -47.14
CA GLY A 379 -2.13 27.79 -48.17
C GLY A 379 -0.66 27.48 -47.94
N ARG A 380 0.19 28.13 -48.74
CA ARG A 380 1.65 27.94 -48.69
C ARG A 380 2.29 28.33 -47.36
N LYS A 381 3.52 27.85 -47.16
CA LYS A 381 4.33 28.10 -45.97
C LYS A 381 3.67 27.66 -44.67
N GLY A 382 4.18 26.59 -44.10
CA GLY A 382 3.57 25.95 -42.95
C GLY A 382 2.56 24.92 -43.42
N PHE A 383 2.13 24.07 -42.49
CA PHE A 383 1.18 23.01 -42.80
C PHE A 383 -0.16 23.28 -42.11
N PHE A 384 -0.85 24.32 -42.57
CA PHE A 384 -2.10 24.76 -41.94
C PHE A 384 -3.34 24.13 -42.57
N ILE A 385 -4.21 23.59 -41.72
CA ILE A 385 -5.50 23.05 -42.15
C ILE A 385 -6.63 23.75 -41.39
N GLU A 386 -7.61 24.26 -42.13
CA GLU A 386 -8.78 24.90 -41.51
C GLU A 386 -9.65 23.86 -40.78
N PRO A 387 -10.15 24.21 -39.57
CA PRO A 387 -10.98 23.33 -38.75
C PRO A 387 -12.12 22.70 -39.53
N THR A 388 -12.29 21.38 -39.38
CA THR A 388 -13.25 20.61 -40.16
C THR A 388 -14.21 19.81 -39.28
N VAL A 389 -15.49 19.81 -39.64
CA VAL A 389 -16.53 19.06 -38.93
C VAL A 389 -17.30 18.17 -39.91
N PHE A 390 -17.43 16.88 -39.56
CA PHE A 390 -18.21 15.94 -40.35
C PHE A 390 -19.43 15.43 -39.61
N SER A 391 -20.58 15.50 -40.29
CA SER A 391 -21.85 15.04 -39.73
C SER A 391 -22.27 13.72 -40.38
N ASN A 392 -23.16 12.99 -39.70
CA ASN A 392 -23.70 11.71 -40.18
C ASN A 392 -22.64 10.65 -40.47
N VAL A 393 -21.86 10.31 -39.43
CA VAL A 393 -20.79 9.33 -39.57
C VAL A 393 -21.20 7.99 -38.96
N THR A 394 -20.89 6.90 -39.66
CA THR A 394 -21.14 5.54 -39.16
C THR A 394 -19.83 4.85 -38.77
N ASP A 395 -19.96 3.70 -38.12
CA ASP A 395 -18.81 2.94 -37.62
C ASP A 395 -17.90 2.36 -38.71
N ASP A 396 -18.51 1.92 -39.81
CA ASP A 396 -17.80 1.18 -40.87
C ASP A 396 -16.98 2.04 -41.84
N MET A 397 -17.03 3.36 -41.66
CA MET A 397 -16.26 4.30 -42.50
C MET A 397 -14.78 4.26 -42.15
N ARG A 398 -13.94 4.58 -43.13
CA ARG A 398 -12.48 4.58 -42.96
C ARG A 398 -12.01 5.61 -41.92
N ILE A 399 -12.74 6.72 -41.82
CA ILE A 399 -12.43 7.76 -40.84
C ILE A 399 -12.75 7.35 -39.40
N ALA A 400 -13.76 6.49 -39.24
CA ALA A 400 -14.19 6.03 -37.92
C ALA A 400 -13.25 4.98 -37.31
N LYS A 401 -12.80 4.03 -38.15
CA LYS A 401 -11.87 3.00 -37.70
C LYS A 401 -10.46 3.55 -37.50
N GLU A 402 -9.78 3.88 -38.60
CA GLU A 402 -8.48 4.53 -38.57
C GLU A 402 -8.66 5.97 -38.11
N GLU A 403 -8.19 6.27 -36.90
CA GLU A 403 -8.38 7.59 -36.33
C GLU A 403 -7.51 8.64 -37.02
N ILE A 404 -8.11 9.80 -37.28
CA ILE A 404 -7.40 10.93 -37.88
C ILE A 404 -6.63 11.67 -36.80
N PHE A 405 -5.37 11.98 -37.10
CA PHE A 405 -4.49 12.70 -36.18
C PHE A 405 -4.32 14.16 -36.59
N GLY A 406 -5.44 14.87 -36.70
CA GLY A 406 -5.46 16.27 -37.11
C GLY A 406 -6.72 17.01 -36.68
N PRO A 407 -6.91 18.25 -37.16
CA PRO A 407 -8.03 19.09 -36.76
C PRO A 407 -9.35 18.72 -37.46
N VAL A 408 -9.79 17.48 -37.25
CA VAL A 408 -11.04 16.97 -37.81
C VAL A 408 -11.79 16.17 -36.75
N GLN A 409 -13.03 16.57 -36.48
CA GLN A 409 -13.90 15.82 -35.56
C GLN A 409 -15.11 15.24 -36.27
N GLU A 410 -15.48 14.01 -35.90
CA GLU A 410 -16.68 13.38 -36.41
C GLU A 410 -17.80 13.49 -35.40
N ILE A 411 -19.03 13.66 -35.88
CA ILE A 411 -20.21 13.68 -35.02
C ILE A 411 -21.14 12.53 -35.40
N LEU A 412 -21.27 11.57 -34.48
CA LEU A 412 -22.03 10.33 -34.71
C LEU A 412 -23.32 10.29 -33.90
N ARG A 413 -24.30 9.53 -34.39
CA ARG A 413 -25.63 9.43 -33.80
C ARG A 413 -25.79 8.12 -33.03
N PHE A 414 -26.37 8.21 -31.82
CA PHE A 414 -26.73 7.00 -31.07
C PHE A 414 -28.08 7.10 -30.37
N LYS A 415 -28.80 5.98 -30.34
CA LYS A 415 -30.16 5.91 -29.83
C LYS A 415 -30.18 5.51 -28.35
N THR A 416 -29.80 4.26 -28.07
CA THR A 416 -29.89 3.69 -26.72
C THR A 416 -28.55 3.71 -25.99
N MET A 417 -28.59 3.32 -24.72
CA MET A 417 -27.41 3.25 -23.87
C MET A 417 -26.54 2.04 -24.23
N ASP A 418 -27.19 0.91 -24.50
CA ASP A 418 -26.50 -0.32 -24.89
C ASP A 418 -25.84 -0.22 -26.26
N GLU A 419 -26.24 0.80 -27.03
CA GLU A 419 -25.70 1.02 -28.37
C GLU A 419 -24.26 1.56 -28.33
N VAL A 420 -24.08 2.70 -27.65
CA VAL A 420 -22.76 3.35 -27.55
C VAL A 420 -21.69 2.45 -26.97
N ILE A 421 -22.02 1.76 -25.88
CA ILE A 421 -21.06 0.90 -25.17
C ILE A 421 -20.47 -0.18 -26.09
N GLU A 422 -21.32 -0.79 -26.91
CA GLU A 422 -20.86 -1.77 -27.90
C GLU A 422 -20.12 -1.13 -29.07
N ARG A 423 -20.56 0.06 -29.47
CA ARG A 423 -19.96 0.76 -30.59
C ARG A 423 -18.64 1.43 -30.21
N ALA A 424 -18.54 1.93 -28.99
CA ALA A 424 -17.31 2.55 -28.50
C ALA A 424 -16.26 1.51 -28.10
N ASN A 425 -16.71 0.40 -27.52
CA ASN A 425 -15.82 -0.70 -27.12
C ASN A 425 -15.12 -1.37 -28.29
N ASN A 426 -15.81 -1.43 -29.43
CA ASN A 426 -15.31 -2.11 -30.64
C ASN A 426 -14.00 -1.49 -31.16
N SER A 427 -12.90 -1.82 -30.48
CA SER A 427 -11.58 -1.31 -30.79
C SER A 427 -10.51 -2.30 -30.35
N ASP A 428 -9.36 -2.25 -31.00
CA ASP A 428 -8.27 -3.18 -30.71
C ASP A 428 -7.12 -2.49 -29.98
N PHE A 429 -6.94 -2.85 -28.71
CA PHE A 429 -5.81 -2.40 -27.86
C PHE A 429 -5.51 -0.89 -27.88
N GLY A 430 -6.06 -0.18 -26.90
CA GLY A 430 -5.81 1.26 -26.77
C GLY A 430 -7.08 2.05 -26.87
N LEU A 431 -7.54 2.57 -25.73
CA LEU A 431 -8.78 3.35 -25.67
C LEU A 431 -8.76 4.36 -24.53
N VAL A 432 -9.41 5.51 -24.77
CA VAL A 432 -9.60 6.55 -23.76
C VAL A 432 -11.04 7.08 -23.90
N ALA A 433 -11.84 6.90 -22.86
CA ALA A 433 -13.26 7.27 -22.91
C ALA A 433 -13.54 8.65 -22.29
N ALA A 434 -14.64 9.27 -22.72
CA ALA A 434 -15.09 10.56 -22.18
C ALA A 434 -16.61 10.67 -22.19
N VAL A 435 -17.21 10.70 -21.00
CA VAL A 435 -18.67 10.73 -20.86
C VAL A 435 -19.16 12.10 -20.36
N PHE A 436 -20.29 12.54 -20.91
CA PHE A 436 -20.93 13.78 -20.46
C PHE A 436 -22.40 13.52 -20.08
N THR A 437 -22.65 13.48 -18.77
CA THR A 437 -23.96 13.13 -18.22
C THR A 437 -24.14 13.77 -16.85
N ASN A 438 -25.40 13.95 -16.45
CA ASN A 438 -25.73 14.34 -15.08
C ASN A 438 -26.58 13.28 -14.38
N ASP A 439 -26.61 12.09 -14.97
CA ASP A 439 -27.27 10.92 -14.39
C ASP A 439 -26.22 9.99 -13.81
N ILE A 440 -26.34 9.70 -12.52
CA ILE A 440 -25.38 8.85 -11.80
C ILE A 440 -25.34 7.44 -12.39
N ASN A 441 -26.50 6.79 -12.46
CA ASN A 441 -26.61 5.43 -12.97
C ASN A 441 -26.16 5.29 -14.43
N LYS A 442 -26.31 6.36 -15.20
CA LYS A 442 -25.85 6.37 -16.60
C LYS A 442 -24.33 6.46 -16.69
N ALA A 443 -23.74 7.38 -15.93
CA ALA A 443 -22.29 7.57 -15.94
C ALA A 443 -21.54 6.36 -15.40
N LEU A 444 -22.02 5.82 -14.27
CA LEU A 444 -21.37 4.70 -13.58
C LEU A 444 -21.44 3.40 -14.36
N THR A 445 -22.50 3.22 -15.14
CA THR A 445 -22.66 2.01 -15.94
C THR A 445 -21.91 2.11 -17.27
N VAL A 446 -21.66 3.33 -17.74
CA VAL A 446 -20.93 3.56 -18.98
C VAL A 446 -19.41 3.48 -18.73
N SER A 447 -18.95 4.13 -17.67
CA SER A 447 -17.52 4.18 -17.34
C SER A 447 -16.96 2.82 -16.92
N SER A 448 -17.80 2.00 -16.28
CA SER A 448 -17.38 0.68 -15.82
C SER A 448 -17.33 -0.35 -16.96
N ALA A 449 -18.31 -0.30 -17.86
CA ALA A 449 -18.42 -1.24 -18.97
C ALA A 449 -17.50 -0.92 -20.15
N MET A 450 -16.92 0.29 -20.12
CA MET A 450 -16.02 0.75 -21.16
C MET A 450 -14.64 0.10 -21.04
N GLN A 451 -14.27 -0.69 -22.05
CA GLN A 451 -12.96 -1.37 -22.09
C GLN A 451 -11.86 -0.35 -22.39
N ALA A 452 -11.46 0.40 -21.37
CA ALA A 452 -10.52 1.50 -21.56
C ALA A 452 -9.47 1.57 -20.45
N GLY A 453 -8.34 2.20 -20.75
CA GLY A 453 -7.27 2.40 -19.78
C GLY A 453 -7.49 3.62 -18.90
N THR A 454 -8.26 4.58 -19.42
CA THR A 454 -8.63 5.80 -18.70
C THR A 454 -9.96 6.38 -19.19
N VAL A 455 -10.84 6.74 -18.24
CA VAL A 455 -12.18 7.28 -18.52
C VAL A 455 -12.40 8.64 -17.84
N TRP A 456 -12.77 9.65 -18.63
CA TRP A 456 -13.06 11.00 -18.12
C TRP A 456 -14.57 11.22 -17.98
N ILE A 457 -15.00 11.70 -16.82
CA ILE A 457 -16.41 12.04 -16.58
C ILE A 457 -16.56 13.55 -16.53
N ASN A 458 -17.30 14.11 -17.50
CA ASN A 458 -17.57 15.54 -17.61
C ASN A 458 -16.34 16.45 -17.71
N CYS A 459 -15.30 15.96 -18.38
CA CYS A 459 -14.05 16.70 -18.55
C CYS A 459 -13.13 16.08 -19.61
N TYR A 460 -11.92 16.63 -19.75
CA TYR A 460 -10.88 16.08 -20.60
C TYR A 460 -9.49 16.53 -20.14
N GLY A 482 1.00 8.42 -12.33
CA GLY A 482 1.02 8.57 -10.85
C GLY A 482 1.82 7.47 -10.16
N GLU A 483 1.26 6.94 -9.08
CA GLU A 483 1.87 5.84 -8.31
C GLU A 483 2.14 4.60 -9.16
N PHE A 484 1.19 4.25 -10.03
CA PHE A 484 1.30 3.08 -10.89
C PHE A 484 2.34 3.24 -12.00
N GLY A 485 2.69 4.50 -12.30
CA GLY A 485 3.64 4.82 -13.37
C GLY A 485 5.07 4.44 -13.08
N LEU A 486 5.51 4.58 -11.83
CA LEU A 486 6.90 4.34 -11.45
C LEU A 486 7.22 2.87 -11.18
N ARG A 487 6.19 2.03 -11.18
CA ARG A 487 6.35 0.59 -11.00
C ARG A 487 7.09 -0.06 -12.18
N GLU A 488 6.85 0.45 -13.38
CA GLU A 488 7.51 -0.06 -14.59
C GLU A 488 8.98 0.37 -14.71
N TYR A 489 9.41 1.28 -13.82
CA TYR A 489 10.80 1.75 -13.80
C TYR A 489 11.62 1.21 -12.62
N SER A 490 11.05 0.30 -11.85
CA SER A 490 11.78 -0.39 -10.79
C SER A 490 11.52 -1.90 -10.85
N GLU A 491 12.43 -2.69 -10.29
CA GLU A 491 12.24 -4.14 -10.21
C GLU A 491 12.31 -4.67 -8.79
N VAL A 492 11.37 -5.56 -8.46
CA VAL A 492 11.27 -6.15 -7.12
C VAL A 492 12.42 -7.12 -6.87
N LYS A 493 12.87 -7.17 -5.63
CA LYS A 493 13.90 -8.11 -5.20
C LYS A 493 13.54 -8.64 -3.81
N THR A 494 13.10 -9.88 -3.75
CA THR A 494 12.71 -10.50 -2.48
C THR A 494 13.91 -11.13 -1.79
N VAL A 495 14.17 -10.73 -0.55
CA VAL A 495 15.25 -11.31 0.25
C VAL A 495 14.65 -12.01 1.47
N THR A 496 14.98 -13.30 1.63
CA THR A 496 14.45 -14.09 2.74
C THR A 496 15.56 -14.66 3.62
N VAL A 497 15.43 -14.40 4.93
CA VAL A 497 16.45 -14.78 5.91
C VAL A 497 15.93 -15.84 6.87
N LYS A 498 16.75 -16.87 7.11
CA LYS A 498 16.46 -17.91 8.09
C LYS A 498 16.65 -17.37 9.50
N ILE A 499 15.65 -17.60 10.36
CA ILE A 499 15.69 -17.11 11.75
C ILE A 499 15.65 -18.26 12.77
N PRO A 500 16.26 -18.05 13.96
CA PRO A 500 16.30 -19.06 15.04
C PRO A 500 14.95 -19.54 15.54
N GLN A 501 13.97 -18.64 15.62
CA GLN A 501 12.60 -18.98 16.03
C GLN A 501 11.64 -17.85 15.67
N LYS A 502 10.56 -18.19 14.96
CA LYS A 502 9.60 -17.19 14.52
C LYS A 502 8.49 -16.96 15.54
N ASN A 503 8.21 -15.69 15.79
CA ASN A 503 7.07 -15.27 16.60
C ASN A 503 6.33 -14.15 15.89
N SER A 504 5.00 -14.16 15.98
CA SER A 504 4.15 -13.16 15.34
C SER A 504 4.62 -11.73 15.60
N LEU B 12 2.24 -41.33 8.80
CA LEU B 12 2.95 -42.32 7.95
C LEU B 12 2.17 -42.59 6.66
N PRO B 13 2.19 -41.64 5.70
CA PRO B 13 1.41 -41.80 4.47
C PRO B 13 2.07 -42.75 3.48
N SER B 14 1.27 -43.29 2.56
CA SER B 14 1.76 -44.19 1.52
C SER B 14 1.01 -43.99 0.20
N PRO B 15 1.64 -44.32 -0.93
CA PRO B 15 0.98 -44.20 -2.24
C PRO B 15 -0.21 -45.13 -2.40
N THR B 16 -1.15 -44.72 -3.25
CA THR B 16 -2.32 -45.55 -3.57
C THR B 16 -1.95 -46.65 -4.57
N PRO B 17 -2.01 -47.92 -4.12
CA PRO B 17 -1.65 -49.06 -4.97
C PRO B 17 -2.64 -49.28 -6.11
N ASN B 18 -2.16 -49.85 -7.22
CA ASN B 18 -2.97 -50.09 -8.42
C ASN B 18 -3.70 -48.83 -8.88
N LEU B 19 -2.94 -47.76 -9.08
CA LEU B 19 -3.50 -46.46 -9.44
C LEU B 19 -4.13 -46.49 -10.82
N GLU B 20 -5.28 -45.84 -10.95
CA GLU B 20 -5.98 -45.71 -12.23
C GLU B 20 -5.96 -44.25 -12.69
N ILE B 21 -5.50 -44.03 -13.91
CA ILE B 21 -5.57 -42.71 -14.52
C ILE B 21 -6.92 -42.57 -15.18
N LYS B 22 -7.87 -42.01 -14.42
CA LYS B 22 -9.26 -41.89 -14.87
C LYS B 22 -9.45 -40.76 -15.88
N TYR B 23 -8.66 -39.70 -15.74
CA TYR B 23 -8.85 -38.49 -16.54
C TYR B 23 -7.74 -38.30 -17.58
N THR B 24 -8.08 -38.55 -18.84
CA THR B 24 -7.11 -38.54 -19.95
C THR B 24 -7.56 -37.68 -21.12
N LYS B 25 -8.78 -37.14 -21.03
CA LYS B 25 -9.35 -36.32 -22.09
C LYS B 25 -9.08 -34.83 -21.91
N ILE B 26 -9.42 -34.04 -22.92
CA ILE B 26 -9.27 -32.59 -22.90
C ILE B 26 -10.38 -31.96 -22.06
N PHE B 27 -10.02 -30.93 -21.28
CA PHE B 27 -10.96 -30.25 -20.39
C PHE B 27 -11.31 -28.85 -20.91
N ILE B 28 -12.47 -28.73 -21.54
CA ILE B 28 -12.97 -27.47 -22.08
C ILE B 28 -14.43 -27.29 -21.68
N ASN B 29 -14.73 -26.12 -21.12
CA ASN B 29 -16.09 -25.72 -20.79
C ASN B 29 -16.78 -26.71 -19.83
N ASN B 30 -15.99 -27.22 -18.88
CA ASN B 30 -16.42 -28.23 -17.90
C ASN B 30 -16.91 -29.57 -18.47
N GLU B 31 -16.59 -29.80 -19.74
CA GLU B 31 -16.89 -31.06 -20.41
C GLU B 31 -15.58 -31.77 -20.76
N TRP B 32 -15.63 -33.09 -20.85
CA TRP B 32 -14.49 -33.87 -21.31
C TRP B 32 -14.66 -34.19 -22.79
N GLN B 33 -13.83 -33.56 -23.61
CA GLN B 33 -13.92 -33.72 -25.05
C GLN B 33 -12.74 -34.50 -25.62
N ASN B 34 -13.01 -35.32 -26.63
CA ASN B 34 -11.95 -35.96 -27.40
C ASN B 34 -11.27 -34.93 -28.29
N SER B 35 -10.05 -35.24 -28.72
CA SER B 35 -9.30 -34.35 -29.62
C SER B 35 -9.92 -34.31 -31.02
N GLU B 36 -9.95 -33.11 -31.61
CA GLU B 36 -10.55 -32.88 -32.93
C GLU B 36 -9.98 -33.78 -34.02
N SER B 37 -8.66 -33.95 -34.01
CA SER B 37 -7.97 -34.86 -34.91
C SER B 37 -8.29 -36.31 -34.55
N GLY B 38 -8.46 -36.56 -33.25
CA GLY B 38 -8.68 -37.90 -32.73
C GLY B 38 -7.38 -38.51 -32.21
N ARG B 39 -6.26 -37.90 -32.57
CA ARG B 39 -4.94 -38.40 -32.21
C ARG B 39 -4.73 -38.47 -30.69
N VAL B 40 -3.88 -39.40 -30.26
CA VAL B 40 -3.65 -39.67 -28.84
C VAL B 40 -2.16 -39.88 -28.59
N PHE B 41 -1.62 -39.23 -27.57
CA PHE B 41 -0.18 -39.29 -27.27
C PHE B 41 0.14 -40.04 -25.96
N PRO B 42 1.30 -40.71 -25.89
CA PRO B 42 1.61 -41.51 -24.70
C PRO B 42 2.30 -40.75 -23.57
N VAL B 43 2.09 -41.24 -22.35
CA VAL B 43 2.70 -40.68 -21.15
C VAL B 43 3.50 -41.78 -20.43
N TYR B 44 4.77 -41.49 -20.15
CA TYR B 44 5.70 -42.52 -19.67
C TYR B 44 6.03 -42.42 -18.19
N ASN B 45 6.22 -43.59 -17.57
CA ASN B 45 6.75 -43.68 -16.23
C ASN B 45 8.28 -43.61 -16.31
N PRO B 46 8.89 -42.51 -15.83
CA PRO B 46 10.32 -42.28 -15.97
C PRO B 46 11.21 -43.21 -15.14
N ALA B 47 10.60 -44.02 -14.28
CA ALA B 47 11.35 -44.93 -13.40
C ALA B 47 11.59 -46.29 -14.04
N THR B 48 10.78 -46.64 -15.03
CA THR B 48 10.87 -47.93 -15.69
C THR B 48 10.87 -47.80 -17.21
N GLY B 49 10.40 -46.66 -17.70
CA GLY B 49 10.23 -46.43 -19.13
C GLY B 49 8.89 -46.92 -19.64
N GLU B 50 8.14 -47.63 -18.79
CA GLU B 50 6.82 -48.18 -19.14
C GLU B 50 5.84 -47.06 -19.52
N GLN B 51 4.90 -47.39 -20.42
CA GLN B 51 3.82 -46.47 -20.75
C GLN B 51 2.73 -46.54 -19.68
N VAL B 52 2.41 -45.38 -19.08
CA VAL B 52 1.38 -45.29 -18.06
C VAL B 52 -0.02 -45.35 -18.66
N CYS B 53 -0.28 -44.47 -19.63
CA CYS B 53 -1.59 -44.34 -20.26
C CYS B 53 -1.49 -43.60 -21.58
N GLU B 54 -2.65 -43.30 -22.16
CA GLU B 54 -2.75 -42.51 -23.38
C GLU B 54 -3.66 -41.31 -23.17
N VAL B 55 -3.18 -40.13 -23.53
CA VAL B 55 -3.89 -38.87 -23.33
C VAL B 55 -4.30 -38.28 -24.68
N GLN B 56 -5.44 -37.59 -24.73
CA GLN B 56 -5.90 -36.93 -25.95
C GLN B 56 -4.98 -35.78 -26.32
N GLU B 57 -4.67 -35.63 -27.61
CA GLU B 57 -3.72 -34.60 -28.07
C GLU B 57 -4.38 -33.35 -28.64
N ALA B 58 -4.22 -32.23 -27.93
CA ALA B 58 -4.76 -30.95 -28.38
C ALA B 58 -3.90 -30.31 -29.46
N ASP B 59 -4.56 -29.59 -30.37
CA ASP B 59 -3.88 -28.86 -31.44
C ASP B 59 -4.59 -27.52 -31.67
N LYS B 60 -4.30 -26.85 -32.79
CA LYS B 60 -4.87 -25.55 -33.13
C LYS B 60 -6.40 -25.55 -33.05
N ALA B 61 -7.03 -26.57 -33.63
CA ALA B 61 -8.48 -26.72 -33.59
C ALA B 61 -8.96 -26.80 -32.15
N ASP B 62 -8.30 -27.65 -31.37
CA ASP B 62 -8.62 -27.87 -29.95
C ASP B 62 -8.44 -26.62 -29.10
N ILE B 63 -7.41 -25.84 -29.38
CA ILE B 63 -7.18 -24.56 -28.69
C ILE B 63 -8.27 -23.53 -29.06
N ASP B 64 -8.68 -23.53 -30.32
CA ASP B 64 -9.75 -22.62 -30.79
C ASP B 64 -11.04 -22.79 -29.99
N LYS B 65 -11.42 -24.03 -29.73
CA LYS B 65 -12.62 -24.34 -28.96
C LYS B 65 -12.48 -23.89 -27.51
N ALA B 66 -11.25 -23.99 -27.00
CA ALA B 66 -10.96 -23.66 -25.61
C ALA B 66 -11.02 -22.16 -25.36
N VAL B 67 -10.53 -21.38 -26.33
CA VAL B 67 -10.55 -19.93 -26.20
C VAL B 67 -11.99 -19.41 -26.24
N GLN B 68 -12.79 -19.95 -27.14
CA GLN B 68 -14.21 -19.58 -27.24
C GLN B 68 -14.96 -19.86 -25.94
N ALA B 69 -14.56 -20.92 -25.24
CA ALA B 69 -15.15 -21.27 -23.96
C ALA B 69 -14.76 -20.26 -22.89
N ALA B 70 -13.50 -19.81 -22.92
CA ALA B 70 -12.99 -18.82 -21.98
C ALA B 70 -13.50 -17.41 -22.26
N ARG B 71 -13.64 -17.07 -23.54
CA ARG B 71 -14.15 -15.77 -23.97
C ARG B 71 -15.60 -15.60 -23.53
N LEU B 72 -16.37 -16.68 -23.61
CA LEU B 72 -17.78 -16.68 -23.21
C LEU B 72 -17.93 -16.54 -21.69
N ALA B 73 -17.09 -17.29 -20.96
CA ALA B 73 -17.06 -17.29 -19.50
C ALA B 73 -16.60 -15.94 -18.94
N PHE B 74 -16.08 -15.08 -19.81
CA PHE B 74 -15.55 -13.78 -19.42
C PHE B 74 -16.46 -12.60 -19.85
N SER B 75 -17.50 -12.91 -20.62
CA SER B 75 -18.43 -11.90 -21.14
C SER B 75 -19.11 -11.10 -20.02
N LEU B 76 -19.62 -9.93 -20.36
CA LEU B 76 -20.18 -8.99 -19.38
C LEU B 76 -21.38 -9.51 -18.57
N GLY B 77 -22.21 -10.35 -19.19
CA GLY B 77 -23.35 -10.93 -18.48
C GLY B 77 -23.00 -12.10 -17.60
N SER B 78 -21.85 -12.72 -17.87
CA SER B 78 -21.43 -14.01 -17.29
C SER B 78 -21.55 -14.15 -15.78
N VAL B 79 -21.73 -15.40 -15.35
CA VAL B 79 -21.72 -15.78 -13.93
C VAL B 79 -20.38 -15.42 -13.26
N TRP B 80 -19.27 -15.68 -13.95
CA TRP B 80 -17.91 -15.45 -13.42
C TRP B 80 -17.55 -13.98 -13.24
N ARG B 81 -18.26 -13.09 -13.94
CA ARG B 81 -18.02 -11.66 -13.83
C ARG B 81 -18.97 -11.02 -12.84
N ARG B 82 -20.23 -11.48 -12.84
CA ARG B 82 -21.26 -11.00 -11.91
C ARG B 82 -20.96 -11.42 -10.47
N MET B 83 -20.29 -12.56 -10.32
CA MET B 83 -19.91 -13.13 -9.04
C MET B 83 -19.18 -12.13 -8.14
N ASP B 84 -19.43 -12.23 -6.84
CA ASP B 84 -18.69 -11.45 -5.84
C ASP B 84 -17.23 -11.85 -5.82
N ALA B 85 -16.36 -10.90 -5.51
CA ALA B 85 -14.92 -11.19 -5.38
C ALA B 85 -14.65 -12.21 -4.28
N SER B 86 -15.36 -12.08 -3.16
CA SER B 86 -15.20 -12.99 -2.03
C SER B 86 -15.57 -14.43 -2.39
N GLU B 87 -16.50 -14.56 -3.33
CA GLU B 87 -16.92 -15.86 -3.83
C GLU B 87 -15.87 -16.51 -4.74
N ARG B 88 -15.14 -15.68 -5.48
CA ARG B 88 -14.02 -16.15 -6.30
C ARG B 88 -12.96 -16.83 -5.42
N GLY B 89 -12.72 -16.24 -4.24
CA GLY B 89 -11.83 -16.84 -3.26
C GLY B 89 -12.45 -18.02 -2.54
N ARG B 90 -13.78 -18.02 -2.46
CA ARG B 90 -14.51 -19.13 -1.87
C ARG B 90 -14.27 -20.41 -2.69
N LEU B 91 -14.36 -20.29 -4.01
CA LEU B 91 -14.18 -21.42 -4.91
C LEU B 91 -12.77 -21.98 -4.85
N LEU B 92 -11.80 -21.07 -4.79
CA LEU B 92 -10.39 -21.42 -4.65
C LEU B 92 -10.15 -22.20 -3.35
N ASP B 93 -10.79 -21.74 -2.28
CA ASP B 93 -10.64 -22.38 -0.97
C ASP B 93 -11.22 -23.79 -0.99
N LYS B 94 -12.29 -23.98 -1.76
CA LYS B 94 -12.92 -25.28 -1.94
C LYS B 94 -12.03 -26.18 -2.78
N LEU B 95 -11.30 -25.59 -3.71
CA LEU B 95 -10.36 -26.33 -4.55
C LEU B 95 -9.20 -26.88 -3.71
N ALA B 96 -8.70 -26.08 -2.78
CA ALA B 96 -7.66 -26.53 -1.85
C ALA B 96 -8.17 -27.70 -1.00
N ASP B 97 -9.40 -27.58 -0.51
CA ASP B 97 -10.10 -28.64 0.23
C ASP B 97 -10.07 -29.98 -0.50
N LEU B 98 -10.41 -29.94 -1.78
CA LEU B 98 -10.50 -31.14 -2.58
C LEU B 98 -9.13 -31.77 -2.85
N VAL B 99 -8.14 -30.93 -3.09
CA VAL B 99 -6.75 -31.36 -3.22
C VAL B 99 -6.27 -31.98 -1.90
N GLU B 100 -6.58 -31.31 -0.78
CA GLU B 100 -6.28 -31.80 0.55
C GLU B 100 -6.81 -33.22 0.76
N ARG B 101 -8.05 -33.45 0.33
CA ARG B 101 -8.69 -34.76 0.46
C ARG B 101 -8.01 -35.78 -0.45
N ASP B 102 -7.59 -35.34 -1.62
CA ASP B 102 -7.01 -36.24 -2.61
C ASP B 102 -5.48 -36.12 -2.64
N ARG B 103 -4.90 -35.60 -1.56
CA ARG B 103 -3.45 -35.42 -1.42
C ARG B 103 -2.66 -36.70 -1.66
N ALA B 104 -3.25 -37.83 -1.24
CA ALA B 104 -2.65 -39.15 -1.44
C ALA B 104 -2.48 -39.45 -2.94
N VAL B 105 -3.58 -39.36 -3.70
CA VAL B 105 -3.58 -39.78 -5.10
C VAL B 105 -2.86 -38.81 -6.03
N LEU B 106 -2.96 -37.51 -5.73
CA LEU B 106 -2.29 -36.48 -6.51
C LEU B 106 -0.77 -36.61 -6.39
N ALA B 107 -0.27 -36.76 -5.16
CA ALA B 107 1.14 -37.07 -4.92
C ALA B 107 1.59 -38.34 -5.65
N THR B 108 0.73 -39.35 -5.68
CA THR B 108 1.00 -40.59 -6.40
C THR B 108 1.18 -40.35 -7.90
N MET B 109 0.22 -39.63 -8.50
CA MET B 109 0.30 -39.25 -9.90
C MET B 109 1.56 -38.45 -10.21
N GLU B 110 1.89 -37.50 -9.33
CA GLU B 110 3.07 -36.66 -9.50
C GLU B 110 4.34 -37.51 -9.46
N SER B 111 4.33 -38.53 -8.60
CA SER B 111 5.46 -39.44 -8.44
C SER B 111 5.57 -40.38 -9.63
N LEU B 112 4.45 -41.03 -9.95
CA LEU B 112 4.37 -42.04 -11.01
C LEU B 112 4.68 -41.43 -12.38
N ASN B 113 4.11 -40.25 -12.62
CA ASN B 113 4.26 -39.54 -13.89
C ASN B 113 5.54 -38.72 -13.98
N GLY B 114 5.87 -38.00 -12.91
CA GLY B 114 6.98 -37.06 -12.93
C GLY B 114 8.32 -37.56 -12.43
N GLY B 115 8.32 -38.70 -11.73
CA GLY B 115 9.54 -39.32 -11.24
C GLY B 115 9.90 -38.96 -9.80
N LYS B 116 9.36 -37.85 -9.32
CA LYS B 116 9.67 -37.34 -7.99
C LYS B 116 9.22 -38.31 -6.90
N PRO B 117 10.13 -38.68 -5.97
CA PRO B 117 9.80 -39.64 -4.90
C PRO B 117 8.52 -39.25 -4.15
N PHE B 118 7.74 -40.27 -3.75
CA PHE B 118 6.39 -40.05 -3.24
C PHE B 118 6.31 -39.12 -2.02
N LEU B 119 7.12 -39.38 -1.00
CA LEU B 119 7.06 -38.61 0.25
C LEU B 119 7.35 -37.12 0.04
N GLN B 120 8.32 -36.82 -0.82
CA GLN B 120 8.67 -35.44 -1.17
C GLN B 120 7.55 -34.75 -1.93
N ALA B 121 6.86 -35.49 -2.80
CA ALA B 121 5.72 -34.94 -3.55
C ALA B 121 4.50 -34.74 -2.65
N PHE B 122 4.43 -35.52 -1.58
CA PHE B 122 3.34 -35.41 -0.61
C PHE B 122 3.59 -34.23 0.32
N TYR B 123 4.72 -34.26 1.02
CA TYR B 123 5.03 -33.29 2.06
C TYR B 123 5.56 -31.95 1.55
N VAL B 124 6.10 -31.93 0.33
CA VAL B 124 6.65 -30.69 -0.22
C VAL B 124 5.75 -30.13 -1.34
N ASP B 125 5.67 -30.85 -2.45
CA ASP B 125 4.98 -30.37 -3.65
C ASP B 125 3.53 -30.00 -3.38
N LEU B 126 2.77 -30.95 -2.84
CA LEU B 126 1.35 -30.75 -2.58
C LEU B 126 1.05 -29.84 -1.42
N GLN B 127 1.95 -29.82 -0.42
CA GLN B 127 1.86 -28.82 0.63
C GLN B 127 1.85 -27.43 -0.02
N GLY B 128 2.77 -27.23 -0.96
CA GLY B 128 2.85 -25.99 -1.74
C GLY B 128 1.64 -25.75 -2.62
N VAL B 129 1.00 -26.82 -3.07
CA VAL B 129 -0.21 -26.72 -3.90
C VAL B 129 -1.39 -26.24 -3.06
N ILE B 130 -1.65 -26.97 -1.97
CA ILE B 130 -2.73 -26.64 -1.04
C ILE B 130 -2.57 -25.21 -0.48
N LYS B 131 -1.36 -24.89 -0.01
CA LYS B 131 -1.08 -23.57 0.55
C LYS B 131 -1.32 -22.42 -0.43
N THR B 132 -0.94 -22.62 -1.70
CA THR B 132 -1.07 -21.55 -2.71
C THR B 132 -2.52 -21.18 -2.97
N PHE B 133 -3.36 -22.17 -3.26
CA PHE B 133 -4.81 -21.95 -3.43
C PHE B 133 -5.42 -21.30 -2.19
N ARG B 134 -4.96 -21.73 -1.01
CA ARG B 134 -5.41 -21.14 0.25
C ARG B 134 -5.00 -19.68 0.33
N TYR B 135 -3.76 -19.40 -0.05
CA TYR B 135 -3.22 -18.05 -0.02
C TYR B 135 -3.99 -17.09 -0.93
N TYR B 136 -4.20 -17.50 -2.18
CA TYR B 136 -4.86 -16.63 -3.15
C TYR B 136 -6.36 -16.54 -2.95
N ALA B 137 -6.95 -17.59 -2.39
CA ALA B 137 -8.33 -17.55 -1.94
C ALA B 137 -8.55 -16.33 -1.04
N GLY B 138 -7.52 -16.01 -0.26
CA GLY B 138 -7.56 -14.88 0.66
C GLY B 138 -7.37 -13.53 0.00
N TRP B 139 -6.67 -13.52 -1.14
CA TRP B 139 -6.40 -12.27 -1.86
C TRP B 139 -7.58 -11.73 -2.64
N ALA B 140 -8.42 -12.65 -3.15
CA ALA B 140 -9.52 -12.30 -4.06
C ALA B 140 -10.18 -10.93 -3.80
N ASP B 141 -10.82 -10.79 -2.64
CA ASP B 141 -11.56 -9.57 -2.31
C ASP B 141 -10.72 -8.48 -1.63
N LYS B 142 -9.40 -8.58 -1.78
CA LYS B 142 -8.47 -7.65 -1.13
C LYS B 142 -7.51 -7.01 -2.13
N ILE B 143 -7.86 -7.08 -3.41
CA ILE B 143 -7.16 -6.34 -4.45
C ILE B 143 -7.76 -4.93 -4.50
N HIS B 144 -7.06 -3.98 -3.88
CA HIS B 144 -7.56 -2.61 -3.75
C HIS B 144 -6.94 -1.67 -4.78
N GLY B 145 -7.75 -0.74 -5.30
CA GLY B 145 -7.22 0.34 -6.12
C GLY B 145 -6.80 1.48 -5.22
N MET B 146 -6.86 2.70 -5.73
CA MET B 146 -6.60 3.89 -4.89
C MET B 146 -7.37 5.14 -5.35
N THR B 147 -7.42 6.13 -4.45
CA THR B 147 -7.99 7.44 -4.78
C THR B 147 -6.92 8.52 -4.70
N ILE B 148 -6.65 9.14 -5.84
CA ILE B 148 -5.56 10.10 -5.99
C ILE B 148 -6.09 11.53 -5.91
N PRO B 149 -5.44 12.38 -5.11
CA PRO B 149 -5.82 13.80 -5.09
C PRO B 149 -5.12 14.59 -6.20
N VAL B 150 -5.68 14.54 -7.41
CA VAL B 150 -5.07 15.19 -8.57
C VAL B 150 -5.50 16.66 -8.62
N ASP B 151 -4.57 17.52 -9.00
CA ASP B 151 -4.79 18.98 -9.09
C ASP B 151 -6.07 19.36 -9.81
N GLY B 152 -6.62 20.51 -9.45
CA GLY B 152 -7.86 21.00 -10.04
C GLY B 152 -9.09 20.36 -9.43
N ASP B 153 -10.27 20.84 -9.83
CA ASP B 153 -11.54 20.32 -9.34
C ASP B 153 -11.86 18.96 -9.96
N TYR B 154 -11.10 17.96 -9.54
CA TYR B 154 -11.26 16.60 -10.03
C TYR B 154 -11.16 15.60 -8.88
N PHE B 155 -11.60 14.38 -9.15
CA PHE B 155 -11.50 13.27 -8.22
C PHE B 155 -11.24 12.00 -9.05
N THR B 156 -10.04 11.44 -8.92
CA THR B 156 -9.66 10.30 -9.75
C THR B 156 -9.42 9.04 -8.92
N PHE B 157 -9.98 7.91 -9.40
CA PHE B 157 -9.85 6.62 -8.73
C PHE B 157 -9.50 5.50 -9.70
N THR B 158 -8.81 4.48 -9.20
CA THR B 158 -8.38 3.36 -10.03
C THR B 158 -9.05 2.05 -9.62
N ARG B 159 -9.58 1.34 -10.61
CA ARG B 159 -10.09 -0.02 -10.42
C ARG B 159 -9.05 -1.00 -10.94
N HIS B 160 -8.82 -2.07 -10.18
CA HIS B 160 -7.99 -3.18 -10.65
C HIS B 160 -8.89 -4.26 -11.23
N GLU B 161 -8.86 -4.39 -12.56
CA GLU B 161 -9.76 -5.29 -13.29
C GLU B 161 -9.01 -6.41 -14.01
N PRO B 162 -9.63 -7.61 -14.10
CA PRO B 162 -9.04 -8.75 -14.82
C PRO B 162 -8.76 -8.44 -16.29
N ILE B 163 -7.66 -8.98 -16.80
CA ILE B 163 -7.23 -8.75 -18.17
C ILE B 163 -8.18 -9.42 -19.17
N GLY B 164 -8.40 -10.72 -19.00
CA GLY B 164 -9.26 -11.48 -19.91
C GLY B 164 -8.93 -12.96 -19.96
N VAL B 165 -8.82 -13.49 -21.17
CA VAL B 165 -8.38 -14.87 -21.35
C VAL B 165 -6.87 -14.90 -21.17
N CYS B 166 -6.41 -15.73 -20.25
CA CYS B 166 -4.98 -15.90 -20.02
C CYS B 166 -4.51 -17.25 -20.48
N GLY B 167 -3.62 -17.26 -21.47
CA GLY B 167 -2.97 -18.48 -21.93
C GLY B 167 -1.79 -18.79 -21.03
N GLN B 168 -1.66 -20.05 -20.63
CA GLN B 168 -0.58 -20.45 -19.75
C GLN B 168 0.10 -21.73 -20.21
N ILE B 169 1.42 -21.72 -20.18
CA ILE B 169 2.22 -22.88 -20.58
C ILE B 169 3.28 -23.17 -19.51
N ILE B 170 3.24 -24.37 -18.93
CA ILE B 170 4.17 -24.74 -17.86
C ILE B 170 5.12 -25.89 -18.25
N PRO B 171 6.25 -26.04 -17.52
CA PRO B 171 7.17 -27.13 -17.81
C PRO B 171 6.85 -28.38 -17.01
N TRP B 172 7.75 -29.36 -17.06
CA TRP B 172 7.60 -30.63 -16.34
C TRP B 172 8.31 -30.65 -14.98
N ASN B 173 8.95 -29.54 -14.63
CA ASN B 173 9.65 -29.40 -13.35
C ASN B 173 8.81 -29.81 -12.15
N PHE B 174 7.79 -29.01 -11.87
CA PHE B 174 6.87 -29.27 -10.78
C PHE B 174 5.45 -29.22 -11.37
N PRO B 175 5.03 -30.29 -12.08
CA PRO B 175 3.80 -30.29 -12.87
C PRO B 175 2.60 -29.71 -12.15
N LEU B 176 2.34 -30.17 -10.93
CA LEU B 176 1.19 -29.71 -10.15
C LEU B 176 1.42 -28.35 -9.49
N LEU B 177 2.63 -28.13 -8.99
CA LEU B 177 2.99 -26.84 -8.40
C LEU B 177 2.92 -25.72 -9.42
N MET B 178 3.56 -25.92 -10.58
CA MET B 178 3.49 -24.95 -11.67
C MET B 178 2.06 -24.68 -12.10
N PHE B 179 1.21 -25.71 -12.03
CA PHE B 179 -0.21 -25.57 -12.33
C PHE B 179 -0.88 -24.65 -11.30
N ALA B 180 -0.64 -24.92 -10.02
CA ALA B 180 -1.17 -24.09 -8.94
C ALA B 180 -0.69 -22.64 -9.06
N TRP B 181 0.63 -22.46 -9.08
CA TRP B 181 1.25 -21.13 -9.18
C TRP B 181 0.72 -20.28 -10.32
N LYS B 182 0.09 -20.92 -11.31
CA LYS B 182 -0.44 -20.20 -12.46
C LYS B 182 -1.94 -20.00 -12.39
N ILE B 183 -2.66 -21.04 -12.00
CA ILE B 183 -4.11 -20.98 -11.90
C ILE B 183 -4.54 -20.00 -10.81
N ALA B 184 -4.00 -20.19 -9.61
CA ALA B 184 -4.40 -19.43 -8.42
C ALA B 184 -4.42 -17.90 -8.60
N PRO B 185 -3.31 -17.28 -9.02
CA PRO B 185 -3.31 -15.81 -9.14
C PRO B 185 -4.27 -15.31 -10.23
N ALA B 186 -4.31 -16.03 -11.36
CA ALA B 186 -5.14 -15.66 -12.49
C ALA B 186 -6.63 -15.70 -12.13
N LEU B 187 -7.04 -16.76 -11.44
CA LEU B 187 -8.42 -16.92 -11.00
C LEU B 187 -8.74 -15.96 -9.87
N CYS B 188 -7.71 -15.66 -9.07
CA CYS B 188 -7.81 -14.71 -7.97
C CYS B 188 -8.26 -13.33 -8.46
N CYS B 189 -7.71 -12.91 -9.60
CA CYS B 189 -8.02 -11.61 -10.21
C CYS B 189 -9.29 -11.63 -11.06
N GLY B 190 -9.77 -12.83 -11.39
CA GLY B 190 -11.05 -12.99 -12.07
C GLY B 190 -10.95 -13.19 -13.58
N ASN B 191 -9.81 -13.68 -14.03
CA ASN B 191 -9.58 -14.02 -15.43
C ASN B 191 -10.18 -15.39 -15.75
N THR B 192 -10.10 -15.79 -17.03
CA THR B 192 -10.43 -17.16 -17.43
C THR B 192 -9.20 -17.78 -18.08
N VAL B 193 -8.98 -19.07 -17.82
CA VAL B 193 -7.72 -19.71 -18.16
C VAL B 193 -7.79 -20.74 -19.29
N VAL B 194 -6.75 -20.73 -20.12
CA VAL B 194 -6.44 -21.75 -21.11
C VAL B 194 -5.01 -22.22 -20.82
N ILE B 195 -4.88 -23.35 -20.13
CA ILE B 195 -3.59 -23.83 -19.64
C ILE B 195 -3.09 -25.07 -20.39
N LYS B 196 -1.77 -25.13 -20.58
CA LYS B 196 -1.15 -26.16 -21.40
C LYS B 196 -0.03 -26.83 -20.59
N PRO B 197 -0.33 -28.00 -20.00
CA PRO B 197 0.70 -28.67 -19.22
C PRO B 197 1.67 -29.43 -20.10
N ALA B 198 2.94 -29.45 -19.71
CA ALA B 198 4.00 -30.10 -20.49
C ALA B 198 3.55 -31.45 -21.05
N GLU B 199 4.06 -31.80 -22.22
CA GLU B 199 3.62 -33.02 -22.94
C GLU B 199 3.88 -34.32 -22.18
N GLN B 200 4.97 -34.36 -21.42
CA GLN B 200 5.35 -35.57 -20.70
C GLN B 200 4.53 -35.77 -19.43
N THR B 201 4.20 -34.67 -18.75
CA THR B 201 3.48 -34.73 -17.46
C THR B 201 2.13 -34.01 -17.44
N PRO B 202 1.12 -34.55 -18.15
CA PRO B 202 -0.15 -33.84 -18.12
C PRO B 202 -1.10 -34.33 -17.03
N LEU B 203 -0.79 -35.49 -16.44
CA LEU B 203 -1.74 -36.25 -15.62
C LEU B 203 -2.27 -35.53 -14.37
N SER B 204 -1.36 -34.98 -13.56
CA SER B 204 -1.76 -34.28 -12.35
C SER B 204 -2.59 -33.02 -12.64
N ALA B 205 -2.33 -32.42 -13.80
CA ALA B 205 -3.09 -31.25 -14.25
C ALA B 205 -4.51 -31.62 -14.68
N LEU B 206 -4.64 -32.77 -15.34
CA LEU B 206 -5.93 -33.24 -15.82
C LEU B 206 -6.87 -33.72 -14.71
N TYR B 207 -6.30 -34.21 -13.61
CA TYR B 207 -7.11 -34.60 -12.45
C TYR B 207 -7.71 -33.35 -11.81
N MET B 208 -6.95 -32.26 -11.84
CA MET B 208 -7.41 -30.97 -11.35
C MET B 208 -8.62 -30.50 -12.14
N GLY B 209 -8.76 -31.02 -13.35
CA GLY B 209 -9.93 -30.78 -14.18
C GLY B 209 -11.18 -31.19 -13.46
N ALA B 210 -11.19 -32.44 -12.99
CA ALA B 210 -12.31 -32.98 -12.22
C ALA B 210 -12.63 -32.15 -10.97
N LEU B 211 -11.60 -31.88 -10.16
CA LEU B 211 -11.77 -31.12 -8.92
C LEU B 211 -12.24 -29.68 -9.17
N ILE B 212 -11.87 -29.12 -10.32
CA ILE B 212 -12.33 -27.78 -10.72
C ILE B 212 -13.84 -27.78 -10.98
N LYS B 213 -14.33 -28.78 -11.70
CA LYS B 213 -15.78 -28.92 -11.89
C LYS B 213 -16.46 -29.21 -10.57
N GLU B 214 -15.88 -30.14 -9.80
CA GLU B 214 -16.46 -30.56 -8.51
C GLU B 214 -16.56 -29.41 -7.52
N ALA B 215 -15.57 -28.53 -7.53
CA ALA B 215 -15.57 -27.33 -6.67
C ALA B 215 -16.69 -26.38 -7.07
N GLY B 216 -17.14 -26.49 -8.32
CA GLY B 216 -18.25 -25.68 -8.81
C GLY B 216 -17.80 -24.39 -9.47
N PHE B 217 -16.69 -24.45 -10.19
CA PHE B 217 -16.23 -23.32 -10.99
C PHE B 217 -17.12 -23.20 -12.24
N PRO B 218 -17.54 -21.96 -12.59
CA PRO B 218 -18.38 -21.77 -13.77
C PRO B 218 -17.73 -22.37 -15.01
N PRO B 219 -18.53 -22.96 -15.92
CA PRO B 219 -17.97 -23.58 -17.13
C PRO B 219 -17.17 -22.59 -17.98
N GLY B 220 -16.01 -23.04 -18.46
CA GLY B 220 -15.17 -22.24 -19.33
C GLY B 220 -14.20 -21.32 -18.60
N VAL B 221 -14.13 -21.42 -17.28
CA VAL B 221 -13.21 -20.58 -16.50
C VAL B 221 -11.80 -21.16 -16.58
N ILE B 222 -11.68 -22.46 -16.35
CA ILE B 222 -10.40 -23.13 -16.53
C ILE B 222 -10.49 -24.19 -17.62
N ASN B 223 -9.69 -24.01 -18.66
CA ASN B 223 -9.61 -24.94 -19.78
C ASN B 223 -8.23 -25.58 -19.87
N ILE B 224 -8.19 -26.88 -19.61
CA ILE B 224 -6.93 -27.62 -19.57
C ILE B 224 -6.71 -28.35 -20.89
N LEU B 225 -5.54 -28.13 -21.51
CA LEU B 225 -5.23 -28.73 -22.81
C LEU B 225 -3.88 -29.44 -22.85
N PRO B 226 -3.88 -30.78 -22.70
CA PRO B 226 -2.67 -31.58 -22.82
C PRO B 226 -2.22 -31.73 -24.27
N GLY B 227 -0.92 -31.61 -24.52
CA GLY B 227 -0.37 -31.69 -25.87
C GLY B 227 1.06 -31.20 -25.96
N TYR B 228 1.59 -31.18 -27.18
CA TYR B 228 2.98 -30.81 -27.41
C TYR B 228 3.20 -29.31 -27.53
N GLY B 229 4.47 -28.92 -27.64
CA GLY B 229 4.86 -27.52 -27.70
C GLY B 229 4.48 -26.77 -28.96
N PRO B 230 5.01 -27.18 -30.13
CA PRO B 230 4.71 -26.48 -31.39
C PRO B 230 3.27 -26.64 -31.89
N THR B 231 2.55 -27.63 -31.39
CA THR B 231 1.13 -27.78 -31.71
C THR B 231 0.24 -26.98 -30.77
N ALA B 232 0.11 -27.46 -29.53
CA ALA B 232 -0.79 -26.85 -28.57
C ALA B 232 -0.30 -25.49 -28.08
N GLY B 233 0.94 -25.45 -27.61
CA GLY B 233 1.52 -24.24 -27.02
C GLY B 233 1.64 -23.06 -27.96
N ALA B 234 2.17 -23.30 -29.15
CA ALA B 234 2.36 -22.24 -30.15
C ALA B 234 1.05 -21.67 -30.67
N ALA B 235 0.00 -22.49 -30.65
CA ALA B 235 -1.34 -22.07 -31.04
C ALA B 235 -1.89 -21.03 -30.09
N ILE B 236 -1.52 -21.16 -28.80
CA ILE B 236 -1.89 -20.21 -27.75
C ILE B 236 -1.15 -18.88 -27.94
N ALA B 237 0.17 -18.96 -28.16
CA ALA B 237 1.01 -17.78 -28.30
C ALA B 237 0.67 -16.93 -29.52
N SER B 238 0.11 -17.56 -30.54
CA SER B 238 -0.26 -16.89 -31.78
C SER B 238 -1.75 -16.57 -31.86
N HIS B 239 -2.54 -17.17 -30.98
CA HIS B 239 -3.99 -16.98 -30.97
C HIS B 239 -4.37 -15.51 -30.84
N ILE B 240 -5.35 -15.10 -31.63
CA ILE B 240 -5.75 -13.70 -31.71
C ILE B 240 -6.80 -13.33 -30.66
N GLY B 241 -7.40 -14.35 -30.05
CA GLY B 241 -8.43 -14.17 -29.03
C GLY B 241 -7.97 -14.38 -27.59
N ILE B 242 -6.65 -14.45 -27.40
CA ILE B 242 -6.06 -14.59 -26.06
C ILE B 242 -5.40 -13.28 -25.65
N ASP B 243 -5.83 -12.74 -24.51
CA ASP B 243 -5.40 -11.42 -24.05
C ASP B 243 -4.03 -11.43 -23.41
N LYS B 244 -3.67 -12.54 -22.79
CA LYS B 244 -2.45 -12.61 -21.99
C LYS B 244 -1.81 -13.99 -22.08
N ILE B 245 -0.48 -14.02 -22.09
CA ILE B 245 0.24 -15.29 -22.02
C ILE B 245 1.28 -15.28 -20.91
N ALA B 246 1.34 -16.38 -20.18
CA ALA B 246 2.32 -16.57 -19.12
C ALA B 246 3.07 -17.90 -19.34
N PHE B 247 4.29 -17.78 -19.83
CA PHE B 247 5.13 -18.93 -20.14
C PHE B 247 6.20 -19.12 -19.08
N THR B 248 6.59 -20.37 -18.90
CA THR B 248 7.68 -20.75 -18.02
C THR B 248 8.37 -22.02 -18.56
N GLY B 249 9.68 -21.92 -18.80
CA GLY B 249 10.47 -23.02 -19.34
C GLY B 249 11.83 -22.59 -19.84
N SER B 250 12.34 -23.28 -20.86
CA SER B 250 13.65 -22.97 -21.44
C SER B 250 13.67 -21.60 -22.12
N THR B 251 14.84 -20.98 -22.14
CA THR B 251 15.02 -19.64 -22.70
C THR B 251 14.77 -19.59 -24.21
N GLU B 252 15.23 -20.61 -24.93
CA GLU B 252 15.11 -20.68 -26.39
C GLU B 252 13.65 -20.70 -26.86
N VAL B 253 12.81 -21.42 -26.11
CA VAL B 253 11.39 -21.49 -26.39
C VAL B 253 10.71 -20.20 -25.97
N GLY B 254 11.20 -19.60 -24.88
CA GLY B 254 10.70 -18.33 -24.38
C GLY B 254 10.86 -17.17 -25.35
N LYS B 255 12.00 -17.15 -26.04
CA LYS B 255 12.26 -16.15 -27.09
C LYS B 255 11.27 -16.27 -28.25
N LEU B 256 10.83 -17.49 -28.51
CA LEU B 256 9.86 -17.78 -29.57
C LEU B 256 8.43 -17.44 -29.17
N ILE B 257 8.19 -17.33 -27.86
CA ILE B 257 6.89 -16.92 -27.34
C ILE B 257 6.64 -15.44 -27.62
N GLN B 258 7.54 -14.58 -27.15
CA GLN B 258 7.38 -13.12 -27.28
C GLN B 258 7.36 -12.66 -28.74
N GLU B 259 8.11 -13.35 -29.58
CA GLU B 259 8.17 -13.05 -31.01
C GLU B 259 6.85 -13.38 -31.73
N ALA B 260 6.26 -14.52 -31.38
CA ALA B 260 5.00 -14.96 -31.98
C ALA B 260 3.80 -14.21 -31.39
N ALA B 261 3.99 -13.62 -30.21
CA ALA B 261 2.96 -12.83 -29.55
C ALA B 261 2.88 -11.43 -30.14
N GLY B 262 4.04 -10.84 -30.43
CA GLY B 262 4.12 -9.51 -31.03
C GLY B 262 3.59 -9.45 -32.44
N ARG B 263 3.70 -10.57 -33.17
CA ARG B 263 3.23 -10.63 -34.55
C ARG B 263 1.77 -11.09 -34.68
N SER B 264 1.06 -11.12 -33.55
CA SER B 264 -0.35 -11.47 -33.54
C SER B 264 -1.22 -10.31 -33.04
N ASN B 265 -1.28 -10.10 -31.72
CA ASN B 265 -2.12 -9.06 -31.13
C ASN B 265 -1.42 -8.14 -30.12
N LEU B 266 -0.14 -8.43 -29.85
CA LEU B 266 0.67 -7.72 -28.85
C LEU B 266 0.24 -8.01 -27.40
N LYS B 267 -0.26 -9.22 -27.18
CA LYS B 267 -0.69 -9.69 -25.86
C LYS B 267 0.39 -9.56 -24.79
N ARG B 268 -0.02 -9.38 -23.53
CA ARG B 268 0.93 -9.28 -22.42
C ARG B 268 1.70 -10.58 -22.20
N VAL B 269 3.02 -10.47 -22.10
CA VAL B 269 3.88 -11.64 -21.95
C VAL B 269 4.63 -11.65 -20.62
N THR B 270 4.55 -12.77 -19.91
CA THR B 270 5.34 -13.00 -18.71
C THR B 270 6.15 -14.28 -18.87
N LEU B 271 7.44 -14.12 -19.10
CA LEU B 271 8.36 -15.25 -19.22
C LEU B 271 9.00 -15.60 -17.88
N GLU B 272 9.16 -16.89 -17.63
CA GLU B 272 9.87 -17.38 -16.46
C GLU B 272 10.91 -18.41 -16.90
N LEU B 273 12.08 -17.90 -17.24
CA LEU B 273 13.15 -18.71 -17.83
C LEU B 273 14.07 -19.26 -16.75
N GLY B 274 15.02 -20.08 -17.17
CA GLY B 274 16.00 -20.65 -16.24
C GLY B 274 17.02 -19.61 -15.82
N GLY B 275 18.28 -20.04 -15.75
CA GLY B 275 19.36 -19.18 -15.30
C GLY B 275 20.08 -19.78 -14.13
N LYS B 276 21.41 -19.69 -14.13
CA LYS B 276 22.23 -20.23 -13.06
C LYS B 276 21.97 -19.53 -11.73
N SER B 277 22.19 -20.26 -10.64
CA SER B 277 21.93 -19.76 -9.29
C SER B 277 23.10 -20.09 -8.36
N PRO B 278 23.94 -19.09 -8.07
CA PRO B 278 25.11 -19.30 -7.23
C PRO B 278 24.83 -19.43 -5.72
N ASN B 279 25.30 -20.53 -5.13
CA ASN B 279 25.37 -20.67 -3.69
C ASN B 279 26.74 -20.21 -3.21
N ILE B 280 26.76 -19.28 -2.26
CA ILE B 280 28.02 -18.75 -1.73
C ILE B 280 28.18 -19.17 -0.27
N ILE B 281 29.29 -19.83 0.04
CA ILE B 281 29.54 -20.34 1.38
C ILE B 281 30.86 -19.84 1.95
N PHE B 282 30.76 -18.94 2.93
CA PHE B 282 31.92 -18.40 3.63
C PHE B 282 32.34 -19.36 4.75
N ALA B 283 33.53 -19.13 5.29
CA ALA B 283 34.13 -20.03 6.28
C ALA B 283 33.46 -19.97 7.65
N ASP B 284 32.94 -18.80 8.01
CA ASP B 284 32.34 -18.58 9.33
C ASP B 284 31.02 -19.32 9.55
N ALA B 285 30.32 -19.65 8.47
CA ALA B 285 29.07 -20.39 8.54
C ALA B 285 29.27 -21.80 9.05
N ASP B 286 28.24 -22.35 9.69
CA ASP B 286 28.29 -23.72 10.21
C ASP B 286 28.30 -24.76 9.10
N LEU B 287 29.33 -25.60 9.10
CA LEU B 287 29.59 -26.57 8.04
C LEU B 287 28.49 -27.64 7.92
N ASP B 288 28.14 -28.25 9.06
CA ASP B 288 27.11 -29.31 9.10
C ASP B 288 25.79 -28.89 8.46
N TYR B 289 25.42 -27.63 8.63
CA TYR B 289 24.19 -27.07 8.04
C TYR B 289 24.43 -26.65 6.59
N ALA B 290 25.54 -25.96 6.34
CA ALA B 290 25.86 -25.44 5.02
C ALA B 290 25.95 -26.54 3.97
N VAL B 291 26.71 -27.60 4.28
CA VAL B 291 26.87 -28.74 3.38
C VAL B 291 25.53 -29.36 3.04
N GLU B 292 24.68 -29.50 4.06
CA GLU B 292 23.38 -30.18 3.92
C GLU B 292 22.37 -29.39 3.10
N GLN B 293 22.28 -28.08 3.34
CA GLN B 293 21.30 -27.22 2.65
C GLN B 293 21.72 -26.88 1.22
N ALA B 294 23.03 -26.81 0.97
CA ALA B 294 23.57 -26.63 -0.37
C ALA B 294 23.41 -27.90 -1.18
N HIS B 295 23.58 -29.04 -0.50
CA HIS B 295 23.33 -30.36 -1.08
C HIS B 295 21.87 -30.50 -1.51
N GLN B 296 20.96 -30.06 -0.63
CA GLN B 296 19.53 -30.01 -0.93
C GLN B 296 19.21 -28.91 -1.95
N GLY B 297 20.13 -27.95 -2.09
CA GLY B 297 19.96 -26.84 -3.04
C GLY B 297 20.22 -27.21 -4.49
N VAL B 298 20.94 -28.31 -4.71
CA VAL B 298 21.26 -28.77 -6.05
C VAL B 298 20.46 -30.03 -6.40
N PHE B 299 20.45 -30.98 -5.48
CA PHE B 299 19.92 -32.33 -5.72
C PHE B 299 18.40 -32.47 -5.61
N PHE B 300 17.76 -31.52 -4.91
CA PHE B 300 16.31 -31.55 -4.71
C PHE B 300 15.56 -31.63 -6.03
N ASN B 301 14.51 -32.46 -6.06
CA ASN B 301 13.72 -32.76 -7.26
C ASN B 301 14.59 -33.23 -8.45
N GLN B 302 15.53 -34.12 -8.16
CA GLN B 302 16.42 -34.74 -9.15
C GLN B 302 17.40 -33.76 -9.83
N GLY B 303 17.49 -32.54 -9.27
CA GLY B 303 18.35 -31.49 -9.83
C GLY B 303 17.71 -30.65 -10.91
N GLN B 304 16.62 -31.16 -11.50
CA GLN B 304 15.94 -30.51 -12.62
C GLN B 304 14.87 -29.50 -12.15
N CYS B 305 15.34 -28.33 -11.74
CA CYS B 305 14.46 -27.22 -11.35
C CYS B 305 15.06 -25.84 -11.67
N CYS B 306 14.25 -24.97 -12.24
CA CYS B 306 14.64 -23.61 -12.62
C CYS B 306 15.04 -22.76 -11.42
N THR B 307 14.49 -23.12 -10.26
CA THR B 307 14.75 -22.41 -8.99
C THR B 307 16.09 -22.80 -8.35
N ALA B 308 16.69 -23.89 -8.84
CA ALA B 308 17.92 -24.45 -8.25
C ALA B 308 19.20 -23.83 -8.80
N GLY B 309 20.31 -24.13 -8.13
CA GLY B 309 21.63 -23.65 -8.52
C GLY B 309 22.75 -24.65 -8.31
N SER B 310 23.38 -25.06 -9.41
CA SER B 310 24.37 -26.13 -9.40
C SER B 310 25.75 -25.67 -8.94
N ARG B 311 26.07 -24.39 -9.14
CA ARG B 311 27.39 -23.86 -8.84
C ARG B 311 27.54 -23.33 -7.42
N ILE B 312 28.40 -23.97 -6.64
CA ILE B 312 28.62 -23.62 -5.23
C ILE B 312 30.04 -23.11 -4.99
N PHE B 313 30.15 -21.83 -4.63
CA PHE B 313 31.44 -21.21 -4.31
C PHE B 313 31.76 -21.41 -2.82
N VAL B 314 32.98 -21.88 -2.55
CA VAL B 314 33.39 -22.16 -1.17
C VAL B 314 34.74 -21.51 -0.87
N GLU B 315 34.80 -20.79 0.25
CA GLU B 315 36.01 -20.06 0.67
C GLU B 315 37.18 -21.03 0.85
N GLU B 316 38.35 -20.62 0.36
CA GLU B 316 39.56 -21.46 0.33
C GLU B 316 39.79 -22.25 1.61
N SER B 317 39.61 -21.59 2.75
CA SER B 317 39.82 -22.17 4.08
C SER B 317 39.13 -23.52 4.24
N ILE B 318 37.81 -23.53 4.05
CA ILE B 318 36.98 -24.71 4.28
C ILE B 318 36.76 -25.57 3.03
N TYR B 319 37.35 -25.15 1.91
CA TYR B 319 37.17 -25.83 0.62
C TYR B 319 37.47 -27.32 0.68
N GLU B 320 38.60 -27.69 1.29
CA GLU B 320 39.03 -29.08 1.45
C GLU B 320 37.99 -29.91 2.21
N GLU B 321 37.51 -29.35 3.33
CA GLU B 321 36.53 -30.03 4.17
C GLU B 321 35.17 -30.14 3.49
N PHE B 322 34.79 -29.09 2.76
CA PHE B 322 33.49 -29.02 2.10
C PHE B 322 33.30 -30.10 1.03
N VAL B 323 34.27 -30.21 0.13
CA VAL B 323 34.27 -31.26 -0.89
C VAL B 323 34.22 -32.63 -0.23
N ARG B 324 35.05 -32.82 0.80
CA ARG B 324 35.13 -34.08 1.54
C ARG B 324 33.83 -34.41 2.24
N ARG B 325 33.07 -33.39 2.63
CA ARG B 325 31.74 -33.58 3.19
C ARG B 325 30.74 -33.84 2.06
N SER B 326 30.90 -33.11 0.95
CA SER B 326 29.96 -33.16 -0.17
C SER B 326 29.94 -34.49 -0.90
N VAL B 327 31.04 -35.22 -0.84
CA VAL B 327 31.12 -36.55 -1.45
C VAL B 327 30.40 -37.60 -0.61
N GLU B 328 30.52 -37.48 0.72
CA GLU B 328 29.92 -38.44 1.65
C GLU B 328 28.40 -38.39 1.68
N ARG B 329 27.84 -37.23 1.33
CA ARG B 329 26.39 -37.06 1.21
C ARG B 329 25.86 -37.57 -0.12
N ALA B 330 26.76 -37.68 -1.11
CA ALA B 330 26.41 -38.19 -2.43
C ALA B 330 26.66 -39.69 -2.54
N LYS B 331 27.59 -40.19 -1.73
CA LYS B 331 27.88 -41.63 -1.65
C LYS B 331 26.82 -42.38 -0.85
N ARG B 332 26.08 -41.65 -0.01
CA ARG B 332 25.05 -42.24 0.84
C ARG B 332 23.65 -41.87 0.37
N ARG B 333 23.57 -41.02 -0.65
CA ARG B 333 22.30 -40.60 -1.22
C ARG B 333 21.58 -41.77 -1.89
N VAL B 334 20.49 -42.22 -1.24
CA VAL B 334 19.72 -43.37 -1.71
C VAL B 334 18.98 -43.04 -3.00
N VAL B 335 19.38 -43.70 -4.08
CA VAL B 335 18.76 -43.49 -5.39
C VAL B 335 18.07 -44.78 -5.86
N GLY B 336 16.78 -44.67 -6.16
CA GLY B 336 15.97 -45.81 -6.58
C GLY B 336 14.51 -45.46 -6.76
N SER B 337 13.64 -46.46 -6.63
CA SER B 337 12.21 -46.31 -6.88
C SER B 337 11.57 -45.13 -6.12
N PRO B 338 10.88 -44.25 -6.85
CA PRO B 338 10.08 -43.17 -6.26
C PRO B 338 9.04 -43.61 -5.22
N PHE B 339 8.43 -44.78 -5.41
CA PHE B 339 7.40 -45.29 -4.50
C PHE B 339 7.99 -45.82 -3.20
N ASP B 340 9.25 -46.25 -3.27
CA ASP B 340 9.97 -46.80 -2.13
C ASP B 340 10.32 -45.68 -1.13
N PRO B 341 9.78 -45.77 0.10
CA PRO B 341 9.87 -44.71 1.12
C PRO B 341 11.30 -44.29 1.54
N THR B 342 12.31 -45.08 1.20
CA THR B 342 13.67 -44.83 1.64
C THR B 342 14.45 -43.93 0.68
N THR B 343 14.00 -43.85 -0.57
CA THR B 343 14.75 -43.21 -1.64
C THR B 343 14.70 -41.68 -1.60
N GLU B 344 15.86 -41.05 -1.76
CA GLU B 344 15.96 -39.59 -1.78
C GLU B 344 15.80 -39.05 -3.20
N GLN B 345 16.29 -39.82 -4.17
CA GLN B 345 16.36 -39.38 -5.55
C GLN B 345 15.63 -40.30 -6.51
N GLY B 346 14.63 -39.75 -7.19
CA GLY B 346 13.97 -40.46 -8.29
C GLY B 346 14.77 -40.34 -9.57
N PRO B 347 14.18 -40.78 -10.69
CA PRO B 347 14.85 -40.71 -11.98
C PRO B 347 14.64 -39.35 -12.67
N GLN B 348 15.44 -39.06 -13.69
CA GLN B 348 15.24 -37.87 -14.52
C GLN B 348 13.99 -38.08 -15.39
N ILE B 349 13.48 -37.00 -15.97
CA ILE B 349 12.20 -37.04 -16.68
C ILE B 349 12.26 -37.75 -18.04
N ASP B 350 13.31 -37.50 -18.81
CA ASP B 350 13.38 -37.88 -20.22
C ASP B 350 14.60 -38.73 -20.55
N LYS B 351 14.52 -39.39 -21.71
CA LYS B 351 15.71 -39.89 -22.39
C LYS B 351 16.50 -38.68 -22.92
N LYS B 352 15.78 -37.69 -23.44
CA LYS B 352 16.35 -36.43 -23.93
C LYS B 352 17.14 -35.71 -22.85
N GLN B 353 16.59 -35.70 -21.64
CA GLN B 353 17.23 -35.08 -20.47
C GLN B 353 18.38 -35.95 -19.96
N TYR B 354 18.14 -37.26 -19.87
CA TYR B 354 19.13 -38.23 -19.39
C TYR B 354 20.42 -38.17 -20.21
N ASN B 355 20.28 -38.04 -21.53
CA ASN B 355 21.42 -37.91 -22.43
C ASN B 355 22.09 -36.55 -22.33
N LYS B 356 21.27 -35.50 -22.24
CA LYS B 356 21.77 -34.12 -22.15
C LYS B 356 22.63 -33.90 -20.91
N ILE B 357 22.26 -34.55 -19.81
CA ILE B 357 23.04 -34.49 -18.58
C ILE B 357 24.38 -35.21 -18.75
N LEU B 358 24.33 -36.48 -19.13
CA LEU B 358 25.52 -37.30 -19.33
C LEU B 358 26.57 -36.63 -20.24
N GLU B 359 26.10 -36.01 -21.33
CA GLU B 359 26.94 -35.26 -22.25
C GLU B 359 27.72 -34.15 -21.53
N LEU B 360 27.05 -33.44 -20.64
CA LEU B 360 27.64 -32.32 -19.93
C LEU B 360 28.66 -32.78 -18.88
N ILE B 361 28.43 -33.97 -18.31
CA ILE B 361 29.35 -34.54 -17.32
C ILE B 361 30.68 -34.93 -17.95
N GLN B 362 30.63 -35.64 -19.09
CA GLN B 362 31.82 -36.03 -19.85
C GLN B 362 32.56 -34.83 -20.46
N SER B 363 31.87 -33.70 -20.53
CA SER B 363 32.50 -32.42 -20.88
C SER B 363 33.36 -31.95 -19.72
N GLY B 364 32.76 -31.91 -18.53
CA GLY B 364 33.46 -31.54 -17.31
C GLY B 364 34.63 -32.44 -16.98
N VAL B 365 34.52 -33.73 -17.30
CA VAL B 365 35.60 -34.70 -17.08
C VAL B 365 36.80 -34.39 -17.97
N ALA B 366 36.54 -34.24 -19.27
CA ALA B 366 37.60 -34.01 -20.26
C ALA B 366 38.01 -32.54 -20.39
N GLU B 367 37.76 -31.75 -19.34
CA GLU B 367 38.09 -30.33 -19.35
C GLU B 367 38.85 -29.90 -18.10
N GLY B 368 39.14 -30.85 -17.22
CA GLY B 368 40.01 -30.58 -16.07
C GLY B 368 39.40 -30.76 -14.69
N ALA B 369 38.07 -30.63 -14.60
CA ALA B 369 37.37 -30.77 -13.32
C ALA B 369 37.50 -32.18 -12.74
N LYS B 370 37.56 -32.27 -11.42
CA LYS B 370 37.79 -33.55 -10.76
C LYS B 370 36.48 -34.28 -10.41
N LEU B 371 36.26 -35.40 -11.11
CA LEU B 371 35.10 -36.25 -10.88
C LEU B 371 35.28 -36.98 -9.56
N GLU B 372 34.61 -36.47 -8.52
CA GLU B 372 34.77 -37.00 -7.17
C GLU B 372 33.97 -38.29 -6.95
N CYS B 373 32.76 -38.31 -7.50
CA CYS B 373 31.87 -39.47 -7.41
C CYS B 373 30.79 -39.37 -8.48
N GLY B 374 30.16 -40.52 -8.78
CA GLY B 374 29.11 -40.59 -9.79
C GLY B 374 29.65 -40.51 -11.21
N GLY B 375 28.95 -39.78 -12.06
CA GLY B 375 29.37 -39.54 -13.44
C GLY B 375 28.65 -40.38 -14.46
N LYS B 376 28.37 -41.64 -14.11
CA LYS B 376 27.69 -42.56 -15.00
C LYS B 376 26.23 -42.75 -14.60
N GLY B 377 25.45 -43.40 -15.47
CA GLY B 377 24.07 -43.77 -15.13
C GLY B 377 24.08 -44.97 -14.21
N LEU B 378 22.97 -45.20 -13.52
CA LEU B 378 22.87 -46.31 -12.58
C LEU B 378 22.70 -47.68 -13.23
N GLY B 379 21.57 -47.88 -13.91
CA GLY B 379 21.30 -49.15 -14.58
C GLY B 379 20.25 -49.07 -15.67
N ARG B 380 19.99 -50.23 -16.29
CA ARG B 380 19.00 -50.36 -17.35
C ARG B 380 17.59 -50.10 -16.83
N LYS B 381 16.73 -49.57 -17.70
CA LYS B 381 15.35 -49.15 -17.38
C LYS B 381 15.30 -47.91 -16.49
N GLY B 382 14.44 -46.97 -16.88
CA GLY B 382 14.33 -45.68 -16.20
C GLY B 382 15.39 -44.71 -16.69
N PHE B 383 15.55 -43.61 -15.98
CA PHE B 383 16.56 -42.61 -16.34
C PHE B 383 17.26 -42.12 -15.08
N PHE B 384 17.97 -43.03 -14.42
CA PHE B 384 18.67 -42.73 -13.18
C PHE B 384 20.14 -42.37 -13.42
N ILE B 385 20.56 -41.25 -12.84
CA ILE B 385 21.96 -40.84 -12.83
C ILE B 385 22.44 -40.80 -11.39
N GLU B 386 23.52 -41.54 -11.11
CA GLU B 386 24.10 -41.53 -9.77
C GLU B 386 24.69 -40.15 -9.44
N PRO B 387 24.50 -39.68 -8.18
CA PRO B 387 24.90 -38.36 -7.71
C PRO B 387 26.34 -38.02 -8.06
N THR B 388 26.55 -36.80 -8.57
CA THR B 388 27.84 -36.41 -9.11
C THR B 388 28.35 -35.10 -8.50
N VAL B 389 29.59 -35.14 -8.03
CA VAL B 389 30.27 -33.97 -7.47
C VAL B 389 31.50 -33.65 -8.29
N PHE B 390 31.59 -32.41 -8.77
CA PHE B 390 32.78 -31.93 -9.47
C PHE B 390 33.55 -30.95 -8.61
N SER B 391 34.85 -31.18 -8.51
CA SER B 391 35.76 -30.34 -7.74
C SER B 391 36.64 -29.53 -8.68
N ASN B 392 37.32 -28.51 -8.14
CA ASN B 392 38.27 -27.69 -8.90
C ASN B 392 37.70 -27.09 -10.19
N VAL B 393 36.44 -26.65 -10.13
CA VAL B 393 35.74 -26.11 -11.28
C VAL B 393 36.05 -24.62 -11.46
N THR B 394 36.37 -24.23 -12.70
CA THR B 394 36.61 -22.82 -13.03
C THR B 394 35.47 -22.22 -13.86
N ASP B 395 35.45 -20.89 -13.92
CA ASP B 395 34.34 -20.11 -14.50
C ASP B 395 34.13 -20.31 -16.00
N ASP B 396 35.23 -20.54 -16.73
CA ASP B 396 35.19 -20.62 -18.19
C ASP B 396 34.74 -21.98 -18.76
N MET B 397 34.64 -22.98 -17.88
CA MET B 397 34.26 -24.35 -18.28
C MET B 397 32.81 -24.45 -18.76
N ARG B 398 32.57 -25.38 -19.68
CA ARG B 398 31.24 -25.60 -20.26
C ARG B 398 30.18 -25.89 -19.20
N ILE B 399 30.56 -26.62 -18.15
CA ILE B 399 29.63 -26.94 -17.06
C ILE B 399 29.27 -25.72 -16.21
N ALA B 400 30.16 -24.73 -16.18
CA ALA B 400 29.91 -23.52 -15.39
C ALA B 400 28.93 -22.57 -16.08
N LYS B 401 29.14 -22.34 -17.39
CA LYS B 401 28.32 -21.38 -18.15
C LYS B 401 26.86 -21.85 -18.31
N GLU B 402 26.65 -22.92 -19.08
CA GLU B 402 25.34 -23.57 -19.17
C GLU B 402 25.15 -24.36 -17.88
N GLU B 403 24.06 -24.10 -17.17
CA GLU B 403 23.79 -24.85 -15.95
C GLU B 403 23.20 -26.22 -16.27
N ILE B 404 23.74 -27.24 -15.60
CA ILE B 404 23.27 -28.61 -15.74
C ILE B 404 21.93 -28.72 -15.02
N PHE B 405 20.99 -29.40 -15.65
CA PHE B 405 19.65 -29.54 -15.10
C PHE B 405 19.44 -30.94 -14.52
N GLY B 406 20.40 -31.39 -13.72
CA GLY B 406 20.36 -32.72 -13.12
C GLY B 406 21.10 -32.83 -11.79
N PRO B 407 21.32 -34.07 -11.33
CA PRO B 407 21.94 -34.31 -10.02
C PRO B 407 23.46 -34.18 -10.05
N VAL B 408 23.95 -33.03 -10.50
CA VAL B 408 25.38 -32.77 -10.59
C VAL B 408 25.69 -31.45 -9.88
N GLN B 409 26.56 -31.51 -8.87
CA GLN B 409 26.96 -30.28 -8.18
C GLN B 409 28.40 -29.86 -8.48
N GLU B 410 28.60 -28.55 -8.64
CA GLU B 410 29.93 -28.00 -8.82
C GLU B 410 30.39 -27.29 -7.56
N ILE B 411 31.65 -27.49 -7.20
CA ILE B 411 32.25 -26.77 -6.07
C ILE B 411 33.41 -25.93 -6.57
N LEU B 412 33.28 -24.62 -6.46
CA LEU B 412 34.27 -23.67 -6.96
C LEU B 412 35.02 -23.00 -5.82
N ARG B 413 36.30 -22.74 -6.06
CA ARG B 413 37.16 -22.07 -5.09
C ARG B 413 37.05 -20.55 -5.25
N PHE B 414 36.94 -19.84 -4.13
CA PHE B 414 37.03 -18.38 -4.14
C PHE B 414 37.85 -17.83 -2.98
N LYS B 415 38.46 -16.67 -3.21
CA LYS B 415 39.43 -16.07 -2.27
C LYS B 415 38.79 -14.92 -1.47
N THR B 416 38.50 -13.81 -2.14
CA THR B 416 37.96 -12.62 -1.49
C THR B 416 36.44 -12.50 -1.69
N MET B 417 35.82 -11.59 -0.95
CA MET B 417 34.39 -11.31 -1.10
C MET B 417 34.13 -10.54 -2.40
N ASP B 418 35.02 -9.58 -2.70
CA ASP B 418 34.92 -8.78 -3.92
C ASP B 418 34.98 -9.67 -5.16
N GLU B 419 35.66 -10.80 -5.03
CA GLU B 419 35.78 -11.77 -6.11
C GLU B 419 34.43 -12.42 -6.43
N VAL B 420 33.86 -13.14 -5.46
CA VAL B 420 32.61 -13.89 -5.67
C VAL B 420 31.47 -13.04 -6.23
N ILE B 421 31.37 -11.80 -5.76
CA ILE B 421 30.29 -10.92 -6.18
C ILE B 421 30.33 -10.69 -7.69
N GLU B 422 31.50 -10.28 -8.21
CA GLU B 422 31.70 -10.14 -9.65
C GLU B 422 31.44 -11.44 -10.39
N ARG B 423 32.00 -12.53 -9.88
CA ARG B 423 31.91 -13.84 -10.51
C ARG B 423 30.48 -14.38 -10.54
N ALA B 424 29.76 -14.22 -9.44
CA ALA B 424 28.37 -14.68 -9.34
C ALA B 424 27.40 -13.79 -10.11
N ASN B 425 27.75 -12.50 -10.22
CA ASN B 425 26.99 -11.56 -11.04
C ASN B 425 27.05 -11.87 -12.52
N ASN B 426 28.14 -12.51 -12.94
CA ASN B 426 28.41 -12.78 -14.35
C ASN B 426 27.47 -13.82 -14.97
N SER B 427 26.21 -13.45 -15.11
CA SER B 427 25.18 -14.26 -15.76
C SER B 427 24.30 -13.37 -16.61
N ASP B 428 23.59 -13.96 -17.58
CA ASP B 428 22.85 -13.17 -18.56
C ASP B 428 21.58 -12.51 -18.05
N PHE B 429 20.60 -13.29 -17.57
CA PHE B 429 19.36 -12.68 -17.05
C PHE B 429 18.77 -13.40 -15.83
N GLY B 430 18.98 -14.72 -15.75
CA GLY B 430 18.41 -15.51 -14.66
C GLY B 430 19.33 -15.66 -13.45
N LEU B 431 18.90 -15.11 -12.32
CA LEU B 431 19.67 -15.24 -11.07
C LEU B 431 18.82 -15.42 -9.82
N VAL B 432 19.22 -16.39 -9.02
CA VAL B 432 18.76 -16.56 -7.65
C VAL B 432 20.04 -16.74 -6.85
N ALA B 433 20.08 -16.19 -5.64
CA ALA B 433 21.28 -16.26 -4.81
C ALA B 433 21.08 -17.06 -3.52
N ALA B 434 22.18 -17.52 -2.95
CA ALA B 434 22.17 -18.18 -1.65
C ALA B 434 23.51 -17.99 -0.93
N VAL B 435 23.48 -17.23 0.16
CA VAL B 435 24.67 -17.02 1.00
C VAL B 435 24.60 -17.76 2.33
N PHE B 436 25.74 -18.29 2.77
CA PHE B 436 25.85 -18.91 4.09
C PHE B 436 26.94 -18.23 4.90
N THR B 437 26.52 -17.46 5.90
CA THR B 437 27.43 -16.63 6.70
C THR B 437 26.85 -16.47 8.10
N ASN B 438 27.72 -16.08 9.03
CA ASN B 438 27.29 -15.63 10.34
C ASN B 438 27.62 -14.17 10.56
N ASP B 439 28.22 -13.54 9.54
CA ASP B 439 28.59 -12.13 9.59
C ASP B 439 27.49 -11.26 8.97
N ILE B 440 27.04 -10.27 9.74
CA ILE B 440 25.97 -9.35 9.32
C ILE B 440 26.41 -8.48 8.16
N ASN B 441 27.58 -7.87 8.29
CA ASN B 441 28.14 -7.01 7.26
C ASN B 441 28.41 -7.76 5.96
N LYS B 442 28.85 -9.00 6.07
CA LYS B 442 29.11 -9.85 4.90
C LYS B 442 27.82 -10.26 4.20
N ALA B 443 26.80 -10.64 4.96
CA ALA B 443 25.54 -11.10 4.39
C ALA B 443 24.74 -9.98 3.73
N LEU B 444 24.74 -8.80 4.36
CA LEU B 444 24.01 -7.63 3.85
C LEU B 444 24.66 -7.05 2.61
N THR B 445 26.00 -6.99 2.61
CA THR B 445 26.74 -6.39 1.51
C THR B 445 26.76 -7.30 0.28
N VAL B 446 26.59 -8.60 0.49
CA VAL B 446 26.50 -9.58 -0.61
C VAL B 446 25.09 -9.58 -1.21
N SER B 447 24.08 -9.64 -0.34
CA SER B 447 22.68 -9.67 -0.77
C SER B 447 22.25 -8.40 -1.50
N SER B 448 22.81 -7.27 -1.11
CA SER B 448 22.49 -5.99 -1.74
C SER B 448 23.19 -5.81 -3.10
N ALA B 449 24.35 -6.44 -3.24
CA ALA B 449 25.17 -6.31 -4.45
C ALA B 449 24.82 -7.34 -5.50
N MET B 450 24.12 -8.39 -5.08
CA MET B 450 23.79 -9.52 -5.95
C MET B 450 22.63 -9.18 -6.89
N GLN B 451 22.91 -9.21 -8.19
CA GLN B 451 21.91 -8.88 -9.20
C GLN B 451 20.99 -10.06 -9.47
N ALA B 452 20.04 -10.28 -8.55
CA ALA B 452 19.15 -11.44 -8.63
C ALA B 452 17.71 -11.07 -8.31
N GLY B 453 16.79 -11.96 -8.67
CA GLY B 453 15.38 -11.81 -8.33
C GLY B 453 15.14 -12.08 -6.86
N THR B 454 15.53 -13.26 -6.40
CA THR B 454 15.41 -13.62 -4.98
C THR B 454 16.78 -14.00 -4.41
N VAL B 455 17.03 -13.58 -3.17
CA VAL B 455 18.28 -13.87 -2.47
C VAL B 455 17.98 -14.54 -1.12
N TRP B 456 18.45 -15.77 -0.95
CA TRP B 456 18.24 -16.52 0.29
C TRP B 456 19.46 -16.39 1.20
N ILE B 457 19.23 -16.11 2.47
CA ILE B 457 20.31 -16.03 3.45
C ILE B 457 20.22 -17.18 4.46
N ASN B 458 21.25 -18.02 4.46
CA ASN B 458 21.37 -19.19 5.33
C ASN B 458 20.25 -20.24 5.14
N CYS B 459 19.78 -20.39 3.90
CA CYS B 459 18.67 -21.29 3.57
C CYS B 459 18.49 -21.50 2.07
N TYR B 460 17.55 -22.38 1.71
CA TYR B 460 17.19 -22.62 0.31
C TYR B 460 15.78 -23.17 0.16
N GLY B 482 3.59 -13.91 -3.99
CA GLY B 482 3.03 -13.00 -2.94
C GLY B 482 2.14 -11.92 -3.51
N GLU B 483 2.16 -10.75 -2.88
CA GLU B 483 1.40 -9.57 -3.32
C GLU B 483 1.75 -9.14 -4.74
N PHE B 484 3.06 -9.12 -5.04
CA PHE B 484 3.53 -8.72 -6.37
C PHE B 484 3.18 -9.75 -7.45
N GLY B 485 2.74 -10.93 -7.02
CA GLY B 485 2.35 -12.01 -7.92
C GLY B 485 1.13 -11.72 -8.76
N LEU B 486 0.12 -11.11 -8.14
CA LEU B 486 -1.17 -10.84 -8.81
C LEU B 486 -1.22 -9.51 -9.57
N ARG B 487 -0.13 -8.75 -9.55
CA ARG B 487 -0.05 -7.49 -10.28
C ARG B 487 -0.01 -7.70 -11.79
N GLU B 488 0.50 -8.85 -12.21
CA GLU B 488 0.61 -9.19 -13.64
C GLU B 488 -0.69 -9.73 -14.24
N TYR B 489 -1.65 -10.06 -13.37
CA TYR B 489 -2.91 -10.66 -13.82
C TYR B 489 -4.11 -9.71 -13.79
N SER B 490 -3.88 -8.48 -13.37
CA SER B 490 -4.91 -7.43 -13.38
C SER B 490 -4.40 -6.19 -14.09
N GLU B 491 -5.32 -5.45 -14.71
CA GLU B 491 -4.97 -4.17 -15.35
C GLU B 491 -5.62 -2.96 -14.71
N VAL B 492 -4.85 -1.90 -14.53
CA VAL B 492 -5.33 -0.66 -13.92
C VAL B 492 -6.21 0.10 -14.90
N LYS B 493 -7.36 0.54 -14.40
CA LYS B 493 -8.28 1.38 -15.15
C LYS B 493 -8.56 2.63 -14.32
N THR B 494 -7.87 3.71 -14.65
CA THR B 494 -8.00 4.96 -13.91
C THR B 494 -9.15 5.83 -14.43
N VAL B 495 -10.08 6.18 -13.55
CA VAL B 495 -11.25 6.99 -13.91
C VAL B 495 -11.23 8.32 -13.15
N THR B 496 -11.46 9.42 -13.88
CA THR B 496 -11.42 10.77 -13.30
C THR B 496 -12.77 11.49 -13.43
N VAL B 497 -13.27 12.05 -12.33
CA VAL B 497 -14.57 12.71 -12.30
C VAL B 497 -14.43 14.21 -12.09
N LYS B 498 -15.24 15.00 -12.81
CA LYS B 498 -15.29 16.45 -12.65
C LYS B 498 -16.27 16.81 -11.53
N ILE B 499 -15.74 17.41 -10.47
CA ILE B 499 -16.53 17.82 -9.30
C ILE B 499 -16.79 19.33 -9.27
N PRO B 500 -17.95 19.75 -8.72
CA PRO B 500 -18.35 21.16 -8.67
C PRO B 500 -17.37 22.06 -7.91
N GLN B 501 -16.87 21.58 -6.77
CA GLN B 501 -15.86 22.30 -6.00
C GLN B 501 -15.02 21.30 -5.23
N LYS B 502 -13.70 21.49 -5.26
CA LYS B 502 -12.79 20.59 -4.54
C LYS B 502 -12.44 21.13 -3.16
N ASN B 503 -12.64 20.28 -2.16
CA ASN B 503 -12.16 20.52 -0.81
C ASN B 503 -11.34 19.32 -0.37
N SER B 504 -10.28 19.59 0.41
CA SER B 504 -9.35 18.55 0.86
C SER B 504 -10.01 17.43 1.65
N LEU C 12 32.86 25.75 7.27
CA LEU C 12 33.42 26.57 8.41
C LEU C 12 32.43 27.64 8.89
N PRO C 13 31.17 27.23 9.22
CA PRO C 13 30.19 28.22 9.65
C PRO C 13 30.33 28.60 11.12
N SER C 14 29.95 29.83 11.45
CA SER C 14 30.07 30.36 12.81
C SER C 14 28.80 31.14 13.21
N PRO C 15 28.47 31.16 14.52
CA PRO C 15 27.26 31.81 15.01
C PRO C 15 27.22 33.30 14.71
N THR C 16 26.03 33.82 14.44
CA THR C 16 25.86 35.24 14.13
C THR C 16 25.96 36.06 15.43
N PRO C 17 26.96 36.96 15.50
CA PRO C 17 27.18 37.77 16.70
C PRO C 17 26.05 38.78 16.93
N ASN C 18 25.90 39.22 18.17
CA ASN C 18 24.86 40.18 18.56
C ASN C 18 23.46 39.76 18.10
N LEU C 19 23.11 38.51 18.39
CA LEU C 19 21.83 37.94 17.97
C LEU C 19 20.65 38.65 18.63
N GLU C 20 19.78 39.22 17.81
CA GLU C 20 18.56 39.87 18.27
C GLU C 20 17.40 38.90 18.33
N ILE C 21 16.63 38.98 19.41
CA ILE C 21 15.38 38.26 19.51
C ILE C 21 14.26 39.22 19.10
N LYS C 22 13.93 39.20 17.82
CA LYS C 22 12.99 40.17 17.24
C LYS C 22 11.53 39.76 17.44
N TYR C 23 11.27 38.45 17.50
CA TYR C 23 9.90 37.93 17.58
C TYR C 23 9.56 37.40 18.96
N THR C 24 8.81 38.21 19.71
CA THR C 24 8.48 37.93 21.11
C THR C 24 6.97 37.86 21.36
N LYS C 25 6.18 38.25 20.37
CA LYS C 25 4.71 38.29 20.50
C LYS C 25 4.04 36.96 20.11
N ILE C 26 2.76 36.81 20.46
CA ILE C 26 1.99 35.62 20.12
C ILE C 26 1.54 35.67 18.66
N PHE C 27 1.71 34.55 17.96
CA PHE C 27 1.38 34.44 16.54
C PHE C 27 0.02 33.78 16.33
N ILE C 28 -1.00 34.62 16.07
CA ILE C 28 -2.35 34.14 15.78
C ILE C 28 -2.87 34.77 14.50
N ASN C 29 -3.38 33.94 13.59
CA ASN C 29 -4.02 34.39 12.34
C ASN C 29 -3.10 35.28 11.50
N ASN C 30 -1.85 34.85 11.38
CA ASN C 30 -0.78 35.60 10.69
C ASN C 30 -0.44 36.97 11.31
N GLU C 31 -1.04 37.27 12.46
CA GLU C 31 -0.85 38.56 13.13
C GLU C 31 -0.10 38.42 14.43
N TRP C 32 0.80 39.36 14.72
CA TRP C 32 1.51 39.40 15.99
C TRP C 32 0.65 40.13 17.01
N GLN C 33 0.17 39.38 18.01
CA GLN C 33 -0.71 39.92 19.04
C GLN C 33 -0.13 39.77 20.44
N ASN C 34 -0.46 40.71 21.32
CA ASN C 34 -0.09 40.64 22.73
C ASN C 34 -0.95 39.62 23.48
N SER C 35 -0.62 39.38 24.74
CA SER C 35 -1.41 38.50 25.60
C SER C 35 -2.65 39.22 26.11
N GLU C 36 -3.74 38.47 26.27
CA GLU C 36 -5.02 39.03 26.72
C GLU C 36 -4.98 39.55 28.15
N SER C 37 -4.29 38.82 29.02
CA SER C 37 -4.08 39.23 30.40
C SER C 37 -3.08 40.38 30.48
N GLY C 38 -2.17 40.44 29.51
CA GLY C 38 -1.12 41.45 29.47
C GLY C 38 0.20 40.95 30.04
N ARG C 39 0.17 39.73 30.59
CA ARG C 39 1.34 39.15 31.25
C ARG C 39 2.44 38.69 30.29
N VAL C 40 3.68 38.77 30.78
CA VAL C 40 4.87 38.45 30.00
C VAL C 40 5.81 37.59 30.86
N PHE C 41 6.33 36.49 30.29
CA PHE C 41 7.24 35.59 31.01
C PHE C 41 8.69 35.72 30.53
N PRO C 42 9.66 35.35 31.40
CA PRO C 42 11.07 35.45 31.02
C PRO C 42 11.64 34.18 30.37
N VAL C 43 12.63 34.36 29.50
CA VAL C 43 13.37 33.26 28.89
C VAL C 43 14.86 33.42 29.21
N TYR C 44 15.45 32.38 29.79
CA TYR C 44 16.83 32.42 30.25
C TYR C 44 17.80 31.67 29.34
N ASN C 45 19.01 32.20 29.23
CA ASN C 45 20.13 31.50 28.64
C ASN C 45 20.66 30.50 29.67
N PRO C 46 20.59 29.19 29.36
CA PRO C 46 21.04 28.15 30.28
C PRO C 46 22.56 28.05 30.40
N ALA C 47 23.27 28.70 29.48
CA ALA C 47 24.74 28.67 29.45
C ALA C 47 25.37 29.62 30.49
N THR C 48 24.63 30.65 30.86
CA THR C 48 25.13 31.67 31.77
C THR C 48 24.14 31.96 32.90
N GLY C 49 22.87 31.62 32.68
CA GLY C 49 21.80 31.91 33.63
C GLY C 49 21.10 33.24 33.36
N GLU C 50 21.76 34.08 32.57
CA GLU C 50 21.28 35.43 32.26
C GLU C 50 20.01 35.44 31.40
N GLN C 51 19.15 36.43 31.66
CA GLN C 51 17.89 36.59 30.93
C GLN C 51 18.16 37.21 29.56
N VAL C 52 17.75 36.48 28.52
CA VAL C 52 17.95 36.93 27.15
C VAL C 52 16.89 37.96 26.76
N CYS C 53 15.63 37.64 27.05
CA CYS C 53 14.49 38.44 26.62
C CYS C 53 13.21 38.03 27.36
N GLU C 54 12.11 38.68 27.00
CA GLU C 54 10.81 38.39 27.57
C GLU C 54 9.80 38.06 26.46
N VAL C 55 8.90 37.13 26.76
CA VAL C 55 7.91 36.65 25.79
C VAL C 55 6.50 36.75 26.38
N GLN C 56 5.53 37.09 25.53
CA GLN C 56 4.12 37.18 25.93
C GLN C 56 3.60 35.84 26.43
N GLU C 57 2.86 35.87 27.54
CA GLU C 57 2.34 34.65 28.17
C GLU C 57 0.90 34.36 27.77
N ALA C 58 0.71 33.33 26.95
CA ALA C 58 -0.61 32.91 26.50
C ALA C 58 -1.38 32.18 27.60
N ASP C 59 -2.70 32.30 27.57
CA ASP C 59 -3.57 31.65 28.55
C ASP C 59 -4.84 31.16 27.85
N LYS C 60 -5.82 30.71 28.64
CA LYS C 60 -7.08 30.17 28.10
C LYS C 60 -7.74 31.11 27.10
N ALA C 61 -7.73 32.42 27.39
CA ALA C 61 -8.28 33.45 26.50
C ALA C 61 -7.54 33.49 25.16
N ASP C 62 -6.22 33.32 25.20
CA ASP C 62 -5.37 33.34 24.02
C ASP C 62 -5.58 32.12 23.13
N ILE C 63 -5.76 30.97 23.78
CA ILE C 63 -6.05 29.70 23.10
C ILE C 63 -7.36 29.80 22.32
N ASP C 64 -8.39 30.32 22.97
CA ASP C 64 -9.71 30.49 22.38
C ASP C 64 -9.70 31.33 21.10
N LYS C 65 -8.86 32.37 21.06
CA LYS C 65 -8.68 33.17 19.85
C LYS C 65 -7.97 32.37 18.76
N ALA C 66 -7.01 31.54 19.17
CA ALA C 66 -6.21 30.75 18.25
C ALA C 66 -6.99 29.59 17.63
N VAL C 67 -7.94 29.05 18.40
CA VAL C 67 -8.81 27.97 17.91
C VAL C 67 -9.81 28.53 16.90
N GLN C 68 -10.38 29.69 17.20
CA GLN C 68 -11.29 30.39 16.28
C GLN C 68 -10.61 30.67 14.95
N ALA C 69 -9.35 31.09 15.01
CA ALA C 69 -8.56 31.39 13.83
C ALA C 69 -8.28 30.14 13.01
N ALA C 70 -7.99 29.04 13.69
CA ALA C 70 -7.69 27.76 13.04
C ALA C 70 -8.95 27.08 12.48
N ARG C 71 -10.06 27.22 13.21
CA ARG C 71 -11.34 26.65 12.78
C ARG C 71 -11.83 27.32 11.50
N LEU C 72 -11.71 28.64 11.46
CA LEU C 72 -12.10 29.45 10.30
C LEU C 72 -11.25 29.12 9.09
N ALA C 73 -9.94 28.99 9.30
CA ALA C 73 -8.99 28.67 8.23
C ALA C 73 -9.19 27.26 7.67
N PHE C 74 -10.17 26.54 8.23
CA PHE C 74 -10.43 25.15 7.88
C PHE C 74 -11.82 24.92 7.30
N SER C 75 -12.71 25.91 7.43
CA SER C 75 -14.10 25.79 6.96
C SER C 75 -14.20 25.41 5.47
N LEU C 76 -15.37 24.94 5.06
CA LEU C 76 -15.54 24.29 3.75
C LEU C 76 -15.52 25.20 2.49
N GLY C 77 -14.97 26.40 2.64
CA GLY C 77 -14.74 27.29 1.50
C GLY C 77 -13.40 27.97 1.61
N SER C 78 -12.56 27.44 2.51
CA SER C 78 -11.30 28.06 2.89
C SER C 78 -10.24 28.03 1.79
N VAL C 79 -9.33 29.01 1.85
CA VAL C 79 -8.14 29.05 1.01
C VAL C 79 -7.30 27.78 1.21
N TRP C 80 -7.25 27.29 2.45
CA TRP C 80 -6.48 26.10 2.84
C TRP C 80 -7.17 24.79 2.43
N ARG C 81 -8.49 24.86 2.21
CA ARG C 81 -9.25 23.68 1.78
C ARG C 81 -9.42 23.61 0.27
N ARG C 82 -9.57 24.77 -0.37
CA ARG C 82 -9.66 24.84 -1.84
C ARG C 82 -8.32 24.56 -2.51
N MET C 83 -7.24 24.72 -1.73
CA MET C 83 -5.88 24.53 -2.20
C MET C 83 -5.67 23.12 -2.73
N ASP C 84 -4.99 23.02 -3.87
CA ASP C 84 -4.55 21.73 -4.41
C ASP C 84 -3.55 21.12 -3.44
N ALA C 85 -3.66 19.82 -3.21
CA ALA C 85 -2.78 19.11 -2.27
C ALA C 85 -1.30 19.33 -2.61
N SER C 86 -1.00 19.40 -3.91
CA SER C 86 0.36 19.60 -4.42
C SER C 86 0.97 20.92 -3.97
N GLU C 87 0.12 21.91 -3.73
CA GLU C 87 0.54 23.25 -3.33
C GLU C 87 0.76 23.35 -1.81
N ARG C 88 0.06 22.50 -1.05
CA ARG C 88 0.28 22.37 0.39
C ARG C 88 1.69 21.88 0.66
N GLY C 89 2.18 21.02 -0.23
CA GLY C 89 3.57 20.59 -0.22
C GLY C 89 4.49 21.71 -0.67
N ARG C 90 4.01 22.52 -1.61
CA ARG C 90 4.80 23.64 -2.15
C ARG C 90 5.10 24.68 -1.08
N LEU C 91 4.11 24.92 -0.22
CA LEU C 91 4.28 25.85 0.90
C LEU C 91 5.15 25.23 1.99
N LEU C 92 5.19 23.89 2.04
CA LEU C 92 6.11 23.17 2.90
C LEU C 92 7.53 23.19 2.35
N ASP C 93 7.64 23.12 1.02
CA ASP C 93 8.94 23.15 0.34
C ASP C 93 9.58 24.55 0.42
N LYS C 94 8.76 25.59 0.26
CA LYS C 94 9.24 26.96 0.38
C LYS C 94 9.60 27.31 1.83
N LEU C 95 8.95 26.64 2.79
CA LEU C 95 9.29 26.82 4.21
C LEU C 95 10.69 26.30 4.48
N ALA C 96 11.05 25.21 3.80
CA ALA C 96 12.38 24.62 3.92
C ALA C 96 13.46 25.54 3.38
N ASP C 97 13.15 26.24 2.28
CA ASP C 97 14.04 27.23 1.68
C ASP C 97 14.43 28.30 2.69
N LEU C 98 13.44 28.74 3.47
CA LEU C 98 13.64 29.83 4.42
C LEU C 98 14.43 29.37 5.63
N VAL C 99 14.17 28.15 6.09
CA VAL C 99 14.95 27.55 7.17
C VAL C 99 16.39 27.34 6.71
N GLU C 100 16.58 27.03 5.43
CA GLU C 100 17.91 26.88 4.85
C GLU C 100 18.63 28.23 4.72
N ARG C 101 17.90 29.25 4.28
CA ARG C 101 18.45 30.60 4.15
C ARG C 101 18.87 31.15 5.51
N ASP C 102 18.02 30.91 6.51
CA ASP C 102 18.27 31.37 7.87
C ASP C 102 18.78 30.21 8.75
N ARG C 103 19.62 29.37 8.17
CA ARG C 103 20.22 28.24 8.88
C ARG C 103 21.19 28.73 9.96
N ALA C 104 21.91 29.81 9.64
CA ALA C 104 22.87 30.41 10.56
C ALA C 104 22.22 30.95 11.84
N VAL C 105 21.12 31.69 11.68
CA VAL C 105 20.47 32.37 12.80
C VAL C 105 19.55 31.47 13.65
N LEU C 106 18.91 30.49 13.01
CA LEU C 106 18.04 29.55 13.73
C LEU C 106 18.81 28.62 14.64
N ALA C 107 20.00 28.19 14.19
CA ALA C 107 20.88 27.38 15.01
C ALA C 107 21.49 28.19 16.14
N THR C 108 21.68 29.50 15.90
CA THR C 108 22.19 30.42 16.93
C THR C 108 21.18 30.56 18.08
N MET C 109 19.89 30.67 17.73
CA MET C 109 18.81 30.68 18.72
C MET C 109 18.75 29.36 19.49
N GLU C 110 18.81 28.26 18.74
CA GLU C 110 18.75 26.91 19.32
C GLU C 110 19.97 26.61 20.20
N SER C 111 21.10 27.23 19.88
CA SER C 111 22.30 27.11 20.70
C SER C 111 22.22 28.04 21.92
N LEU C 112 21.63 29.21 21.72
CA LEU C 112 21.52 30.22 22.77
C LEU C 112 20.41 29.86 23.76
N ASN C 113 19.21 29.63 23.26
CA ASN C 113 18.05 29.31 24.09
C ASN C 113 18.08 27.88 24.63
N GLY C 114 18.28 26.92 23.73
CA GLY C 114 18.31 25.50 24.09
C GLY C 114 19.51 25.09 24.94
N GLY C 115 20.68 25.65 24.61
CA GLY C 115 21.92 25.32 25.32
C GLY C 115 22.85 24.43 24.53
N LYS C 116 22.30 23.69 23.58
CA LYS C 116 23.06 22.77 22.74
C LYS C 116 24.17 23.49 21.97
N PRO C 117 25.34 22.86 21.83
CA PRO C 117 26.46 23.41 21.04
C PRO C 117 26.02 23.86 19.66
N PHE C 118 26.65 24.91 19.15
CA PHE C 118 26.22 25.53 17.89
C PHE C 118 26.39 24.62 16.66
N LEU C 119 27.55 23.99 16.55
CA LEU C 119 27.86 23.13 15.40
C LEU C 119 26.93 21.92 15.31
N GLN C 120 26.52 21.39 16.46
CA GLN C 120 25.52 20.32 16.53
C GLN C 120 24.15 20.82 16.09
N ALA C 121 23.83 22.07 16.45
CA ALA C 121 22.56 22.68 16.05
C ALA C 121 22.52 22.97 14.55
N PHE C 122 23.68 23.21 13.95
CA PHE C 122 23.79 23.51 12.52
C PHE C 122 23.82 22.24 11.67
N TYR C 123 24.63 21.27 12.07
CA TYR C 123 24.86 20.05 11.28
C TYR C 123 23.91 18.89 11.57
N VAL C 124 23.24 18.89 12.72
CA VAL C 124 22.32 17.82 13.07
C VAL C 124 20.87 18.32 13.15
N ASP C 125 20.58 19.14 14.16
CA ASP C 125 19.23 19.64 14.42
C ASP C 125 18.55 20.28 13.21
N LEU C 126 19.16 21.33 12.66
CA LEU C 126 18.56 22.03 11.52
C LEU C 126 18.61 21.23 10.23
N GLN C 127 19.67 20.45 10.05
CA GLN C 127 19.73 19.53 8.92
C GLN C 127 18.45 18.70 8.94
N GLY C 128 18.19 18.07 10.09
CA GLY C 128 16.95 17.35 10.32
C GLY C 128 15.71 18.17 10.02
N VAL C 129 15.62 19.36 10.61
CA VAL C 129 14.49 20.27 10.41
C VAL C 129 14.21 20.49 8.92
N ILE C 130 15.26 20.85 8.17
CA ILE C 130 15.17 21.06 6.73
C ILE C 130 14.75 19.77 6.01
N LYS C 131 15.45 18.67 6.30
CA LYS C 131 15.16 17.36 5.71
C LYS C 131 13.68 16.99 5.80
N THR C 132 13.11 17.10 7.00
CA THR C 132 11.73 16.64 7.24
C THR C 132 10.69 17.49 6.51
N PHE C 133 10.91 18.80 6.44
CA PHE C 133 9.99 19.69 5.72
C PHE C 133 9.90 19.34 4.24
N ARG C 134 11.07 19.10 3.62
CA ARG C 134 11.17 18.66 2.23
C ARG C 134 10.53 17.29 2.05
N TYR C 135 10.69 16.42 3.06
CA TYR C 135 10.10 15.09 3.03
C TYR C 135 8.58 15.17 2.98
N TYR C 136 7.98 15.90 3.91
CA TYR C 136 6.52 16.00 3.99
C TYR C 136 5.92 16.88 2.89
N ALA C 137 6.77 17.71 2.28
CA ALA C 137 6.39 18.46 1.08
C ALA C 137 6.14 17.47 -0.07
N GLY C 138 6.94 16.41 -0.09
CA GLY C 138 6.80 15.33 -1.07
C GLY C 138 5.53 14.52 -0.88
N TRP C 139 5.14 14.29 0.37
CA TRP C 139 3.97 13.46 0.68
C TRP C 139 2.62 14.10 0.34
N ALA C 140 2.50 15.41 0.54
CA ALA C 140 1.20 16.11 0.47
C ALA C 140 0.24 15.60 -0.61
N ASP C 141 0.72 15.46 -1.84
CA ASP C 141 -0.13 15.04 -2.96
C ASP C 141 0.04 13.56 -3.33
N LYS C 142 0.32 12.74 -2.32
CA LYS C 142 0.55 11.32 -2.52
C LYS C 142 -0.19 10.46 -1.48
N ILE C 143 -0.93 11.12 -0.60
CA ILE C 143 -1.73 10.43 0.41
C ILE C 143 -2.96 9.81 -0.27
N HIS C 144 -2.88 8.52 -0.58
CA HIS C 144 -3.94 7.84 -1.31
C HIS C 144 -4.91 7.07 -0.42
N GLY C 145 -6.17 7.02 -0.85
CA GLY C 145 -7.17 6.14 -0.25
C GLY C 145 -7.15 4.82 -0.99
N MET C 146 -8.32 4.21 -1.14
CA MET C 146 -8.44 2.96 -1.90
C MET C 146 -9.85 2.70 -2.43
N THR C 147 -9.94 1.84 -3.45
CA THR C 147 -11.23 1.32 -3.93
C THR C 147 -11.33 -0.16 -3.56
N ILE C 148 -12.45 -0.53 -2.96
CA ILE C 148 -12.63 -1.86 -2.39
C ILE C 148 -13.74 -2.63 -3.12
N PRO C 149 -13.44 -3.85 -3.59
CA PRO C 149 -14.43 -4.67 -4.29
C PRO C 149 -15.38 -5.41 -3.35
N VAL C 150 -16.13 -4.66 -2.53
CA VAL C 150 -17.07 -5.23 -1.57
C VAL C 150 -18.18 -6.04 -2.26
N ASP C 151 -18.89 -6.87 -1.49
CA ASP C 151 -19.94 -7.74 -2.03
C ASP C 151 -21.16 -6.96 -2.55
N GLY C 152 -21.90 -7.60 -3.45
CA GLY C 152 -23.14 -7.03 -3.99
C GLY C 152 -22.93 -5.95 -5.03
N ASP C 153 -24.06 -5.41 -5.53
CA ASP C 153 -24.03 -4.34 -6.53
C ASP C 153 -23.68 -2.98 -5.90
N TYR C 154 -22.45 -2.85 -5.43
CA TYR C 154 -21.96 -1.63 -4.81
C TYR C 154 -20.55 -1.29 -5.28
N PHE C 155 -20.17 -0.03 -5.08
CA PHE C 155 -18.80 0.40 -5.35
C PHE C 155 -18.37 1.35 -4.24
N THR C 156 -17.38 0.92 -3.45
CA THR C 156 -16.93 1.68 -2.30
C THR C 156 -15.51 2.19 -2.47
N PHE C 157 -15.27 3.40 -1.99
CA PHE C 157 -13.93 4.00 -1.98
C PHE C 157 -13.70 4.83 -0.72
N THR C 158 -12.44 5.14 -0.45
CA THR C 158 -12.09 5.90 0.76
C THR C 158 -11.24 7.12 0.42
N ARG C 159 -11.46 8.20 1.17
CA ARG C 159 -10.62 9.39 1.09
C ARG C 159 -9.90 9.59 2.40
N HIS C 160 -8.60 9.88 2.32
CA HIS C 160 -7.87 10.39 3.47
C HIS C 160 -8.12 11.90 3.53
N GLU C 161 -8.73 12.34 4.62
CA GLU C 161 -9.08 13.75 4.81
C GLU C 161 -8.47 14.29 6.10
N PRO C 162 -8.18 15.61 6.14
CA PRO C 162 -7.65 16.22 7.37
C PRO C 162 -8.60 16.06 8.55
N ILE C 163 -8.03 15.91 9.75
CA ILE C 163 -8.80 15.77 10.99
C ILE C 163 -9.51 17.08 11.37
N GLY C 164 -8.76 18.19 11.32
CA GLY C 164 -9.29 19.49 11.70
C GLY C 164 -8.26 20.29 12.47
N VAL C 165 -8.71 20.95 13.55
CA VAL C 165 -7.84 21.74 14.39
C VAL C 165 -7.05 20.84 15.33
N CYS C 166 -5.72 20.89 15.19
CA CYS C 166 -4.83 19.98 15.93
C CYS C 166 -4.02 20.71 16.98
N GLY C 167 -4.25 20.34 18.24
CA GLY C 167 -3.45 20.84 19.35
C GLY C 167 -2.13 20.09 19.43
N GLN C 168 -1.04 20.83 19.54
CA GLN C 168 0.29 20.24 19.59
C GLN C 168 1.11 20.84 20.72
N ILE C 169 1.59 19.99 21.62
CA ILE C 169 2.41 20.43 22.75
C ILE C 169 3.76 19.71 22.70
N ILE C 170 4.85 20.47 22.70
CA ILE C 170 6.20 19.91 22.65
C ILE C 170 7.07 20.26 23.87
N PRO C 171 8.18 19.53 24.09
CA PRO C 171 9.07 19.82 25.20
C PRO C 171 10.25 20.74 24.83
N TRP C 172 11.22 20.83 25.74
CA TRP C 172 12.41 21.68 25.57
C TRP C 172 13.62 20.93 25.03
N ASN C 173 13.41 19.66 24.66
CA ASN C 173 14.49 18.76 24.25
C ASN C 173 15.10 19.14 22.89
N PHE C 174 14.27 19.14 21.86
CA PHE C 174 14.68 19.59 20.54
C PHE C 174 13.62 20.56 20.03
N PRO C 175 13.60 21.79 20.58
CA PRO C 175 12.53 22.77 20.34
C PRO C 175 12.14 22.91 18.87
N LEU C 176 13.13 22.98 17.99
CA LEU C 176 12.90 23.16 16.56
C LEU C 176 12.58 21.84 15.86
N LEU C 177 13.36 20.80 16.15
CA LEU C 177 13.10 19.48 15.60
C LEU C 177 11.73 18.94 16.00
N MET C 178 11.36 19.14 17.26
CA MET C 178 10.03 18.77 17.74
C MET C 178 8.96 19.60 17.03
N PHE C 179 9.24 20.88 16.81
CA PHE C 179 8.36 21.77 16.05
C PHE C 179 8.22 21.24 14.64
N ALA C 180 9.33 20.91 14.00
CA ALA C 180 9.35 20.42 12.63
C ALA C 180 8.66 19.06 12.49
N TRP C 181 8.89 18.17 13.45
CA TRP C 181 8.33 16.81 13.42
C TRP C 181 6.83 16.79 13.71
N LYS C 182 6.28 17.92 14.16
CA LYS C 182 4.86 18.01 14.46
C LYS C 182 4.08 18.86 13.48
N ILE C 183 4.70 19.94 13.01
CA ILE C 183 4.08 20.85 12.04
C ILE C 183 4.01 20.22 10.65
N ALA C 184 5.11 19.63 10.21
CA ALA C 184 5.22 19.05 8.87
C ALA C 184 4.17 17.98 8.53
N PRO C 185 3.97 16.98 9.42
CA PRO C 185 2.98 15.96 9.10
C PRO C 185 1.56 16.51 9.04
N ALA C 186 1.23 17.39 9.98
CA ALA C 186 -0.11 17.97 10.09
C ALA C 186 -0.53 18.73 8.84
N LEU C 187 0.33 19.62 8.36
CA LEU C 187 0.07 20.46 7.19
C LEU C 187 0.05 19.66 5.89
N CYS C 188 0.89 18.63 5.85
CA CYS C 188 0.93 17.69 4.75
C CYS C 188 -0.45 17.10 4.49
N CYS C 189 -1.21 16.88 5.57
CA CYS C 189 -2.52 16.26 5.50
C CYS C 189 -3.68 17.27 5.45
N GLY C 190 -3.35 18.55 5.51
CA GLY C 190 -4.34 19.61 5.33
C GLY C 190 -4.96 20.15 6.60
N ASN C 191 -4.28 19.97 7.72
CA ASN C 191 -4.78 20.43 9.02
C ASN C 191 -4.43 21.89 9.32
N THR C 192 -5.08 22.43 10.35
CA THR C 192 -4.69 23.72 10.91
C THR C 192 -4.17 23.50 12.32
N VAL C 193 -3.03 24.10 12.62
CA VAL C 193 -2.28 23.79 13.83
C VAL C 193 -2.34 24.87 14.92
N VAL C 194 -2.68 24.44 16.13
CA VAL C 194 -2.51 25.24 17.33
C VAL C 194 -1.40 24.57 18.14
N ILE C 195 -0.22 25.18 18.13
CA ILE C 195 0.96 24.60 18.78
C ILE C 195 1.39 25.40 20.01
N LYS C 196 1.94 24.69 21.00
CA LYS C 196 2.40 25.30 22.25
C LYS C 196 3.83 24.83 22.58
N PRO C 197 4.84 25.68 22.28
CA PRO C 197 6.22 25.31 22.57
C PRO C 197 6.55 25.44 24.06
N ALA C 198 7.60 24.76 24.50
CA ALA C 198 8.00 24.74 25.91
C ALA C 198 8.17 26.14 26.49
N GLU C 199 7.88 26.25 27.80
CA GLU C 199 7.97 27.52 28.51
C GLU C 199 9.39 28.08 28.62
N GLN C 200 10.38 27.21 28.39
CA GLN C 200 11.79 27.61 28.42
C GLN C 200 12.35 27.89 27.03
N THR C 201 11.81 27.22 26.01
CA THR C 201 12.37 27.30 24.66
C THR C 201 11.37 27.71 23.55
N PRO C 202 10.72 28.88 23.69
CA PRO C 202 9.75 29.25 22.67
C PRO C 202 10.33 30.07 21.50
N LEU C 203 11.58 30.51 21.63
CA LEU C 203 12.18 31.44 20.67
C LEU C 203 12.33 30.88 19.25
N SER C 204 12.88 29.67 19.14
CA SER C 204 13.07 29.02 17.84
C SER C 204 11.75 28.76 17.14
N ALA C 205 10.73 28.39 17.92
CA ALA C 205 9.38 28.19 17.41
C ALA C 205 8.75 29.52 16.98
N LEU C 206 9.07 30.60 17.69
CA LEU C 206 8.54 31.93 17.39
C LEU C 206 9.07 32.52 16.10
N TYR C 207 10.36 32.30 15.83
CA TYR C 207 10.98 32.77 14.59
C TYR C 207 10.38 32.06 13.38
N MET C 208 10.00 30.80 13.56
CA MET C 208 9.32 30.02 12.53
C MET C 208 8.02 30.69 12.07
N GLY C 209 7.38 31.41 12.99
CA GLY C 209 6.17 32.18 12.68
C GLY C 209 6.39 33.19 11.57
N ALA C 210 7.56 33.82 11.57
CA ALA C 210 7.92 34.80 10.55
C ALA C 210 8.14 34.13 9.19
N LEU C 211 8.72 32.94 9.20
CA LEU C 211 8.97 32.19 7.97
C LEU C 211 7.68 31.59 7.39
N ILE C 212 6.75 31.24 8.27
CA ILE C 212 5.44 30.72 7.86
C ILE C 212 4.61 31.80 7.15
N LYS C 213 4.61 33.02 7.69
CA LYS C 213 3.98 34.17 7.05
C LYS C 213 4.64 34.48 5.72
N GLU C 214 5.98 34.43 5.70
CA GLU C 214 6.78 34.75 4.52
C GLU C 214 6.62 33.71 3.41
N ALA C 215 6.51 32.43 3.79
CA ALA C 215 6.34 31.35 2.84
C ALA C 215 4.96 31.39 2.17
N GLY C 216 4.01 32.07 2.81
CA GLY C 216 2.69 32.30 2.22
C GLY C 216 1.58 31.39 2.72
N PHE C 217 1.68 30.97 3.98
CA PHE C 217 0.65 30.14 4.60
C PHE C 217 -0.59 30.98 4.90
N PRO C 218 -1.77 30.54 4.42
CA PRO C 218 -3.05 31.21 4.67
C PRO C 218 -3.26 31.52 6.14
N PRO C 219 -3.85 32.69 6.46
CA PRO C 219 -4.07 33.12 7.85
C PRO C 219 -4.84 32.08 8.67
N GLY C 220 -4.35 31.82 9.88
CA GLY C 220 -5.00 30.90 10.81
C GLY C 220 -4.56 29.45 10.72
N VAL C 221 -3.86 29.09 9.64
CA VAL C 221 -3.43 27.71 9.39
C VAL C 221 -2.51 27.19 10.50
N ILE C 222 -1.55 28.00 10.92
CA ILE C 222 -0.65 27.65 12.02
C ILE C 222 -0.63 28.78 13.06
N ASN C 223 -1.05 28.46 14.28
CA ASN C 223 -1.04 29.42 15.37
C ASN C 223 -0.07 28.97 16.45
N ILE C 224 0.96 29.79 16.69
CA ILE C 224 1.96 29.47 17.70
C ILE C 224 1.70 30.25 18.98
N LEU C 225 1.56 29.52 20.09
CA LEU C 225 1.24 30.13 21.38
C LEU C 225 2.25 29.74 22.45
N PRO C 226 3.20 30.65 22.75
CA PRO C 226 4.19 30.44 23.81
C PRO C 226 3.60 30.64 25.21
N GLY C 227 4.06 29.83 26.17
CA GLY C 227 3.59 29.93 27.54
C GLY C 227 3.83 28.67 28.36
N TYR C 228 3.22 28.62 29.54
CA TYR C 228 3.40 27.51 30.47
C TYR C 228 2.48 26.32 30.18
N GLY C 229 2.73 25.20 30.84
CA GLY C 229 2.01 23.96 30.59
C GLY C 229 0.63 23.83 31.20
N PRO C 230 0.53 23.93 32.55
CA PRO C 230 -0.77 23.87 33.24
C PRO C 230 -1.73 25.01 32.88
N THR C 231 -1.22 26.06 32.23
CA THR C 231 -2.05 27.19 31.79
C THR C 231 -2.45 27.08 30.32
N ALA C 232 -1.50 27.33 29.43
CA ALA C 232 -1.78 27.32 27.99
C ALA C 232 -1.94 25.91 27.43
N GLY C 233 -1.11 24.99 27.90
CA GLY C 233 -1.15 23.60 27.45
C GLY C 233 -2.39 22.84 27.89
N ALA C 234 -2.77 23.01 29.15
CA ALA C 234 -3.97 22.38 29.70
C ALA C 234 -5.24 22.95 29.10
N ALA C 235 -5.15 24.18 28.60
CA ALA C 235 -6.25 24.83 27.89
C ALA C 235 -6.50 24.19 26.51
N ILE C 236 -5.43 23.72 25.87
CA ILE C 236 -5.52 23.01 24.59
C ILE C 236 -6.15 21.63 24.80
N ALA C 237 -5.75 20.96 25.89
CA ALA C 237 -6.21 19.62 26.21
C ALA C 237 -7.70 19.56 26.56
N SER C 238 -8.21 20.63 27.16
CA SER C 238 -9.60 20.68 27.59
C SER C 238 -10.49 21.52 26.67
N HIS C 239 -9.96 21.91 25.52
CA HIS C 239 -10.69 22.75 24.58
C HIS C 239 -11.72 21.96 23.77
N ILE C 240 -12.95 22.45 23.77
CA ILE C 240 -14.07 21.78 23.10
C ILE C 240 -14.04 21.96 21.57
N GLY C 241 -13.35 23.00 21.11
CA GLY C 241 -13.28 23.32 19.68
C GLY C 241 -12.08 22.74 18.96
N ILE C 242 -11.29 21.93 19.67
CA ILE C 242 -10.13 21.26 19.09
C ILE C 242 -10.47 19.80 18.79
N ASP C 243 -10.10 19.34 17.59
CA ASP C 243 -10.45 18.00 17.12
C ASP C 243 -9.47 16.92 17.58
N LYS C 244 -8.20 17.30 17.78
CA LYS C 244 -7.13 16.35 18.02
C LYS C 244 -5.99 17.00 18.82
N ILE C 245 -5.47 16.28 19.81
CA ILE C 245 -4.26 16.71 20.51
C ILE C 245 -3.11 15.74 20.28
N ALA C 246 -1.93 16.29 20.05
CA ALA C 246 -0.72 15.52 19.95
C ALA C 246 0.29 16.04 20.96
N PHE C 247 0.49 15.26 22.02
CA PHE C 247 1.41 15.62 23.10
C PHE C 247 2.71 14.85 22.96
N THR C 248 3.80 15.48 23.41
CA THR C 248 5.11 14.83 23.52
C THR C 248 5.88 15.42 24.71
N GLY C 249 6.24 14.56 25.66
CA GLY C 249 6.94 14.98 26.87
C GLY C 249 7.02 13.90 27.94
N SER C 250 6.69 14.25 29.17
CA SER C 250 6.79 13.35 30.32
C SER C 250 5.49 12.58 30.61
N THR C 251 5.64 11.43 31.27
CA THR C 251 4.54 10.48 31.49
C THR C 251 3.39 11.01 32.35
N GLU C 252 3.69 11.54 33.54
CA GLU C 252 2.64 12.02 34.46
C GLU C 252 1.94 13.29 34.00
N VAL C 253 2.56 14.00 33.05
CA VAL C 253 1.91 15.10 32.37
C VAL C 253 1.05 14.55 31.23
N GLY C 254 1.55 13.50 30.57
CA GLY C 254 0.82 12.81 29.52
C GLY C 254 -0.46 12.13 29.99
N LYS C 255 -0.45 11.63 31.22
CA LYS C 255 -1.63 10.99 31.84
C LYS C 255 -2.77 11.98 32.07
N LEU C 256 -2.41 13.22 32.39
CA LEU C 256 -3.38 14.29 32.61
C LEU C 256 -3.98 14.83 31.30
N ILE C 257 -3.27 14.60 30.20
CA ILE C 257 -3.71 15.05 28.87
C ILE C 257 -4.88 14.20 28.35
N GLN C 258 -4.71 12.88 28.35
CA GLN C 258 -5.74 11.96 27.89
C GLN C 258 -6.97 12.00 28.82
N GLU C 259 -6.73 12.23 30.10
CA GLU C 259 -7.79 12.38 31.09
C GLU C 259 -8.63 13.64 30.83
N ALA C 260 -7.96 14.76 30.56
CA ALA C 260 -8.64 16.03 30.26
C ALA C 260 -9.33 16.02 28.90
N ALA C 261 -8.87 15.13 28.02
CA ALA C 261 -9.46 14.95 26.70
C ALA C 261 -10.75 14.12 26.77
N GLY C 262 -10.74 13.08 27.60
CA GLY C 262 -11.89 12.19 27.75
C GLY C 262 -13.08 12.83 28.42
N ARG C 263 -12.83 13.86 29.21
CA ARG C 263 -13.89 14.58 29.91
C ARG C 263 -14.38 15.79 29.13
N SER C 264 -13.59 16.23 28.16
CA SER C 264 -13.95 17.38 27.32
C SER C 264 -14.80 16.97 26.11
N ASN C 265 -14.14 16.66 24.99
CA ASN C 265 -14.84 16.34 23.74
C ASN C 265 -14.32 15.07 23.06
N LEU C 266 -13.60 14.25 23.82
CA LEU C 266 -13.07 12.95 23.33
C LEU C 266 -12.20 13.11 22.08
N LYS C 267 -11.28 14.07 22.11
CA LYS C 267 -10.38 14.33 21.00
C LYS C 267 -9.34 13.23 20.89
N ARG C 268 -8.92 12.93 19.65
CA ARG C 268 -7.92 11.91 19.39
C ARG C 268 -6.61 12.25 20.09
N VAL C 269 -6.12 11.31 20.90
CA VAL C 269 -4.94 11.56 21.71
C VAL C 269 -3.75 10.74 21.22
N THR C 270 -2.62 11.40 21.01
CA THR C 270 -1.36 10.76 20.70
C THR C 270 -0.30 11.26 21.66
N LEU C 271 0.40 10.31 22.29
CA LEU C 271 1.42 10.64 23.27
C LEU C 271 2.77 10.06 22.85
N GLU C 272 3.80 10.90 22.92
CA GLU C 272 5.18 10.46 22.74
C GLU C 272 5.91 10.63 24.07
N LEU C 273 5.66 9.71 24.99
CA LEU C 273 6.22 9.76 26.33
C LEU C 273 7.67 9.27 26.37
N GLY C 274 8.30 9.37 27.54
CA GLY C 274 9.70 8.96 27.71
C GLY C 274 9.90 7.45 27.78
N GLY C 275 10.75 7.02 28.71
CA GLY C 275 11.02 5.60 28.91
C GLY C 275 12.46 5.22 28.64
N LYS C 276 12.92 4.13 29.27
CA LYS C 276 14.30 3.66 29.15
C LYS C 276 14.64 3.19 27.73
N SER C 277 15.93 3.20 27.42
CA SER C 277 16.41 2.78 26.11
C SER C 277 17.75 2.05 26.21
N PRO C 278 17.71 0.71 26.35
CA PRO C 278 18.91 -0.10 26.57
C PRO C 278 19.79 -0.30 25.33
N ASN C 279 21.09 -0.12 25.51
CA ASN C 279 22.09 -0.51 24.51
C ASN C 279 22.67 -1.86 24.89
N ILE C 280 22.60 -2.82 23.96
CA ILE C 280 23.17 -4.14 24.20
C ILE C 280 24.41 -4.34 23.34
N ILE C 281 25.53 -4.61 23.99
CA ILE C 281 26.81 -4.76 23.31
C ILE C 281 27.43 -6.13 23.58
N PHE C 282 27.57 -6.91 22.51
CA PHE C 282 28.14 -8.26 22.59
C PHE C 282 29.66 -8.22 22.41
N ALA C 283 30.30 -9.35 22.71
CA ALA C 283 31.77 -9.46 22.66
C ALA C 283 32.33 -9.38 21.24
N ASP C 284 31.60 -9.94 20.27
CA ASP C 284 32.09 -10.05 18.89
C ASP C 284 32.10 -8.73 18.12
N ALA C 285 31.39 -7.73 18.62
CA ALA C 285 31.37 -6.40 18.02
C ALA C 285 32.73 -5.71 18.16
N ASP C 286 33.05 -4.86 17.19
CA ASP C 286 34.30 -4.10 17.22
C ASP C 286 34.24 -3.01 18.30
N LEU C 287 35.27 -2.97 19.14
CA LEU C 287 35.27 -2.13 20.35
C LEU C 287 35.36 -0.63 20.04
N ASP C 288 36.13 -0.27 19.02
CA ASP C 288 36.32 1.13 18.63
C ASP C 288 35.02 1.82 18.25
N TYR C 289 34.18 1.12 17.49
CA TYR C 289 32.92 1.67 17.00
C TYR C 289 31.79 1.56 18.03
N ALA C 290 31.79 0.48 18.81
CA ALA C 290 30.76 0.23 19.82
C ALA C 290 30.81 1.20 20.99
N VAL C 291 32.02 1.53 21.44
CA VAL C 291 32.21 2.47 22.55
C VAL C 291 31.79 3.89 22.14
N GLU C 292 32.27 4.33 20.97
CA GLU C 292 32.03 5.69 20.48
C GLU C 292 30.56 5.97 20.16
N GLN C 293 29.87 5.00 19.56
CA GLN C 293 28.44 5.14 19.23
C GLN C 293 27.54 5.10 20.46
N ALA C 294 27.97 4.38 21.50
CA ALA C 294 27.24 4.34 22.76
C ALA C 294 27.49 5.58 23.62
N HIS C 295 28.68 6.17 23.46
CA HIS C 295 29.06 7.40 24.15
C HIS C 295 28.27 8.60 23.61
N GLN C 296 28.11 8.65 22.29
CA GLN C 296 27.31 9.69 21.63
C GLN C 296 25.82 9.39 21.67
N GLY C 297 25.46 8.26 22.27
CA GLY C 297 24.05 7.85 22.38
C GLY C 297 23.47 8.06 23.77
N VAL C 298 24.32 8.51 24.69
CA VAL C 298 23.88 8.86 26.04
C VAL C 298 24.06 10.35 26.25
N PHE C 299 25.24 10.85 25.89
CA PHE C 299 25.65 12.24 26.14
C PHE C 299 25.15 13.23 25.08
N PHE C 300 24.57 12.71 24.00
CA PHE C 300 24.03 13.53 22.91
C PHE C 300 22.99 14.52 23.42
N ASN C 301 23.11 15.78 22.98
CA ASN C 301 22.28 16.89 23.46
C ASN C 301 22.23 16.97 24.99
N GLN C 302 23.42 16.93 25.60
CA GLN C 302 23.61 17.03 27.06
C GLN C 302 23.00 15.87 27.85
N GLY C 303 22.51 14.85 27.14
CA GLY C 303 21.92 13.67 27.76
C GLY C 303 20.41 13.68 27.90
N GLN C 304 19.84 14.88 27.82
CA GLN C 304 18.41 15.08 28.02
C GLN C 304 17.60 14.91 26.73
N CYS C 305 17.34 13.66 26.36
CA CYS C 305 16.47 13.34 25.23
C CYS C 305 15.75 11.99 25.40
N CYS C 306 14.46 11.99 25.07
CA CYS C 306 13.62 10.81 25.20
C CYS C 306 13.98 9.72 24.18
N THR C 307 14.60 10.14 23.08
CA THR C 307 14.99 9.23 22.00
C THR C 307 16.19 8.34 22.37
N ALA C 308 17.10 8.86 23.20
CA ALA C 308 18.29 8.13 23.60
C ALA C 308 18.10 7.35 24.89
N GLY C 309 19.18 6.73 25.38
CA GLY C 309 19.13 5.93 26.60
C GLY C 309 20.48 5.75 27.26
N SER C 310 20.50 5.97 28.58
CA SER C 310 21.73 5.87 29.38
C SER C 310 22.11 4.44 29.73
N ARG C 311 21.11 3.55 29.71
CA ARG C 311 21.28 2.17 30.11
C ARG C 311 22.08 1.38 29.08
N ILE C 312 23.17 0.75 29.52
CA ILE C 312 24.07 0.00 28.64
C ILE C 312 24.46 -1.35 29.23
N PHE C 313 24.17 -2.44 28.51
CA PHE C 313 24.51 -3.80 28.91
C PHE C 313 25.72 -4.32 28.13
N VAL C 314 26.79 -4.65 28.84
CA VAL C 314 28.03 -5.13 28.22
C VAL C 314 28.33 -6.57 28.63
N GLU C 315 28.81 -7.37 27.67
CA GLU C 315 29.16 -8.76 27.91
C GLU C 315 30.35 -8.87 28.87
N GLU C 316 30.37 -9.93 29.66
CA GLU C 316 31.39 -10.14 30.70
C GLU C 316 32.82 -10.15 30.17
N SER C 317 32.99 -10.65 28.95
CA SER C 317 34.31 -10.82 28.34
C SER C 317 35.00 -9.50 28.01
N ILE C 318 34.21 -8.50 27.65
CA ILE C 318 34.73 -7.19 27.24
C ILE C 318 34.35 -6.06 28.20
N TYR C 319 33.81 -6.43 29.35
CA TYR C 319 33.36 -5.49 30.37
C TYR C 319 34.51 -4.67 30.95
N GLU C 320 35.64 -5.33 31.18
CA GLU C 320 36.84 -4.70 31.71
C GLU C 320 37.36 -3.62 30.74
N GLU C 321 37.47 -4.00 29.47
CA GLU C 321 38.00 -3.10 28.44
C GLU C 321 37.03 -1.96 28.12
N PHE C 322 35.73 -2.23 28.22
CA PHE C 322 34.71 -1.24 27.90
C PHE C 322 34.74 -0.04 28.85
N VAL C 323 34.86 -0.30 30.14
CA VAL C 323 34.91 0.75 31.15
C VAL C 323 36.11 1.67 30.90
N ARG C 324 37.28 1.08 30.68
CA ARG C 324 38.53 1.81 30.40
C ARG C 324 38.40 2.75 29.20
N ARG C 325 37.71 2.30 28.16
CA ARG C 325 37.50 3.09 26.96
C ARG C 325 36.53 4.25 27.23
N SER C 326 35.50 3.96 28.03
CA SER C 326 34.45 4.94 28.34
C SER C 326 34.97 6.08 29.22
N VAL C 327 35.73 5.75 30.25
CA VAL C 327 36.26 6.75 31.17
C VAL C 327 37.25 7.69 30.48
N GLU C 328 37.91 7.19 29.44
CA GLU C 328 38.86 8.00 28.66
C GLU C 328 38.15 8.94 27.68
N ARG C 329 36.89 8.65 27.37
CA ARG C 329 36.08 9.53 26.54
C ARG C 329 35.43 10.63 27.37
N ALA C 330 35.27 10.37 28.67
CA ALA C 330 34.68 11.33 29.59
C ALA C 330 35.71 12.32 30.15
N LYS C 331 36.94 11.85 30.32
CA LYS C 331 38.06 12.70 30.75
C LYS C 331 38.62 13.56 29.61
N ARG C 332 38.08 13.38 28.40
CA ARG C 332 38.55 14.10 27.22
C ARG C 332 37.44 14.85 26.48
N ARG C 333 36.19 14.70 26.96
CA ARG C 333 35.06 15.42 26.39
C ARG C 333 35.08 16.89 26.81
N VAL C 334 35.08 17.78 25.81
CA VAL C 334 35.10 19.22 26.06
C VAL C 334 33.70 19.71 26.46
N VAL C 335 33.63 20.33 27.65
CA VAL C 335 32.37 20.86 28.17
C VAL C 335 32.52 22.36 28.43
N GLY C 336 31.69 23.16 27.78
CA GLY C 336 31.73 24.61 27.95
C GLY C 336 30.69 25.36 27.15
N SER C 337 31.08 26.55 26.69
CA SER C 337 30.19 27.47 25.97
C SER C 337 29.58 26.84 24.72
N PRO C 338 28.27 27.05 24.49
CA PRO C 338 27.60 26.51 23.30
C PRO C 338 28.04 27.18 22.01
N PHE C 339 28.56 28.40 22.12
CA PHE C 339 29.06 29.17 20.98
C PHE C 339 30.50 28.81 20.63
N ASP C 340 31.19 28.15 21.57
CA ASP C 340 32.58 27.72 21.36
C ASP C 340 32.62 26.49 20.45
N PRO C 341 33.37 26.57 19.34
CA PRO C 341 33.43 25.50 18.33
C PRO C 341 34.08 24.22 18.82
N THR C 342 34.78 24.28 19.95
CA THR C 342 35.49 23.13 20.49
C THR C 342 34.62 22.26 21.39
N THR C 343 33.53 22.84 21.91
CA THR C 343 32.72 22.19 22.93
C THR C 343 31.78 21.11 22.39
N GLU C 344 31.88 19.93 23.00
CA GLU C 344 31.03 18.80 22.66
C GLU C 344 29.73 18.83 23.47
N GLN C 345 29.84 19.27 24.72
CA GLN C 345 28.72 19.31 25.65
C GLN C 345 28.34 20.74 26.01
N GLY C 346 27.05 20.99 26.14
CA GLY C 346 26.55 22.28 26.62
C GLY C 346 26.07 22.17 28.07
N PRO C 347 25.26 23.14 28.52
CA PRO C 347 24.66 23.11 29.84
C PRO C 347 23.29 22.43 29.85
N GLN C 348 22.76 22.16 31.04
CA GLN C 348 21.39 21.64 31.16
C GLN C 348 20.38 22.78 31.04
N ILE C 349 19.11 22.44 30.93
CA ILE C 349 18.07 23.43 30.65
C ILE C 349 17.66 24.29 31.85
N ASP C 350 17.40 23.63 32.99
CA ASP C 350 16.80 24.30 34.14
C ASP C 350 17.60 24.14 35.42
N LYS C 351 17.32 25.02 36.39
CA LYS C 351 17.72 24.81 37.78
C LYS C 351 16.99 23.56 38.29
N LYS C 352 15.72 23.43 37.89
CA LYS C 352 14.90 22.26 38.18
C LYS C 352 15.54 20.98 37.62
N GLN C 353 16.15 21.10 36.45
CA GLN C 353 16.81 19.98 35.77
C GLN C 353 18.17 19.67 36.37
N TYR C 354 18.99 20.70 36.53
CA TYR C 354 20.33 20.59 37.12
C TYR C 354 20.30 19.85 38.46
N ASN C 355 19.34 20.24 39.31
CA ASN C 355 19.18 19.64 40.64
C ASN C 355 18.60 18.22 40.59
N LYS C 356 17.80 17.94 39.57
CA LYS C 356 17.15 16.63 39.44
C LYS C 356 18.13 15.53 39.03
N ILE C 357 19.20 15.93 38.33
CA ILE C 357 20.24 15.00 37.89
C ILE C 357 21.20 14.67 39.04
N LEU C 358 21.71 15.70 39.70
CA LEU C 358 22.64 15.54 40.83
C LEU C 358 22.04 14.69 41.95
N GLU C 359 20.73 14.84 42.17
CA GLU C 359 19.98 14.04 43.13
C GLU C 359 20.07 12.55 42.80
N LEU C 360 19.99 12.24 41.51
CA LEU C 360 20.02 10.86 41.05
C LEU C 360 21.45 10.31 40.97
N ILE C 361 22.42 11.20 40.74
CA ILE C 361 23.83 10.82 40.78
C ILE C 361 24.24 10.44 42.20
N GLN C 362 23.96 11.33 43.15
CA GLN C 362 24.25 11.11 44.57
C GLN C 362 23.37 10.02 45.19
N SER C 363 22.33 9.63 44.45
CA SER C 363 21.52 8.46 44.80
C SER C 363 22.34 7.20 44.54
N GLY C 364 22.85 7.08 43.32
CA GLY C 364 23.64 5.92 42.89
C GLY C 364 24.97 5.73 43.60
N VAL C 365 25.53 6.82 44.11
CA VAL C 365 26.79 6.78 44.87
C VAL C 365 26.62 6.03 46.20
N ALA C 366 25.56 6.36 46.92
CA ALA C 366 25.29 5.73 48.22
C ALA C 366 24.48 4.43 48.09
N GLU C 367 24.22 4.01 46.86
CA GLU C 367 23.36 2.84 46.59
C GLU C 367 24.12 1.60 46.12
N GLY C 368 25.33 1.78 45.60
CA GLY C 368 26.17 0.64 45.23
C GLY C 368 27.17 0.87 44.11
N ALA C 369 26.73 1.51 43.03
CA ALA C 369 27.54 1.71 41.83
C ALA C 369 28.83 2.49 42.09
N LYS C 370 29.85 2.22 41.27
CA LYS C 370 31.15 2.87 41.39
C LYS C 370 31.23 4.15 40.57
N LEU C 371 31.54 5.26 41.23
CA LEU C 371 31.73 6.55 40.58
C LEU C 371 33.09 6.56 39.86
N GLU C 372 33.05 6.30 38.56
CA GLU C 372 34.25 6.19 37.74
C GLU C 372 34.85 7.55 37.39
N CYS C 373 33.97 8.53 37.11
CA CYS C 373 34.40 9.89 36.77
C CYS C 373 33.24 10.88 36.95
N GLY C 374 33.60 12.14 37.21
CA GLY C 374 32.62 13.22 37.35
C GLY C 374 31.84 13.17 38.65
N GLY C 375 30.55 13.46 38.57
CA GLY C 375 29.65 13.38 39.72
C GLY C 375 29.02 14.70 40.11
N LYS C 376 29.86 15.70 40.37
CA LYS C 376 29.39 17.02 40.80
C LYS C 376 29.09 17.95 39.60
N GLY C 377 28.73 19.20 39.90
CA GLY C 377 28.57 20.23 38.88
C GLY C 377 29.91 20.84 38.52
N LEU C 378 29.98 21.50 37.36
CA LEU C 378 31.25 22.02 36.85
C LEU C 378 31.65 23.34 37.52
N GLY C 379 30.68 24.21 37.76
CA GLY C 379 30.94 25.49 38.44
C GLY C 379 29.83 26.52 38.31
N ARG C 380 30.16 27.76 38.66
CA ARG C 380 29.22 28.89 38.60
C ARG C 380 28.70 29.18 37.20
N LYS C 381 27.53 29.82 37.14
CA LYS C 381 26.87 30.24 35.90
C LYS C 381 26.50 29.10 34.96
N GLY C 382 25.22 29.04 34.62
CA GLY C 382 24.70 27.94 33.82
C GLY C 382 24.45 26.73 34.68
N PHE C 383 24.11 25.61 34.03
CA PHE C 383 23.79 24.39 34.75
C PHE C 383 24.67 23.24 34.23
N PHE C 384 25.99 23.44 34.31
CA PHE C 384 26.95 22.48 33.78
C PHE C 384 27.21 21.33 34.74
N ILE C 385 27.20 20.11 34.19
CA ILE C 385 27.54 18.91 34.93
C ILE C 385 28.66 18.16 34.20
N GLU C 386 29.76 17.91 34.91
CA GLU C 386 30.89 17.15 34.34
C GLU C 386 30.48 15.69 34.04
N PRO C 387 30.92 15.17 32.88
CA PRO C 387 30.52 13.83 32.41
C PRO C 387 30.67 12.74 33.47
N THR C 388 29.62 11.95 33.65
CA THR C 388 29.58 10.93 34.70
C THR C 388 29.42 9.52 34.11
N VAL C 389 30.22 8.59 34.61
CA VAL C 389 30.15 7.19 34.21
C VAL C 389 30.08 6.32 35.46
N PHE C 390 29.06 5.46 35.54
CA PHE C 390 28.93 4.51 36.64
C PHE C 390 29.24 3.09 36.20
N SER C 391 29.86 2.33 37.09
CA SER C 391 30.18 0.93 36.85
C SER C 391 29.45 0.03 37.84
N ASN C 392 29.34 -1.25 37.49
CA ASN C 392 28.71 -2.27 38.36
C ASN C 392 27.26 -1.95 38.76
N VAL C 393 26.44 -1.58 37.77
CA VAL C 393 25.05 -1.21 38.00
C VAL C 393 24.13 -2.44 37.90
N THR C 394 23.22 -2.58 38.86
CA THR C 394 22.22 -3.66 38.84
C THR C 394 20.82 -3.14 38.53
N ASP C 395 19.89 -4.06 38.26
CA ASP C 395 18.53 -3.73 37.84
C ASP C 395 17.66 -3.05 38.90
N ASP C 396 17.83 -3.45 40.16
CA ASP C 396 16.95 -3.00 41.25
C ASP C 396 17.30 -1.61 41.81
N MET C 397 18.34 -0.99 41.26
CA MET C 397 18.78 0.34 41.69
C MET C 397 17.86 1.46 41.17
N ARG C 398 17.81 2.57 41.91
CA ARG C 398 16.98 3.72 41.54
C ARG C 398 17.38 4.32 40.20
N ILE C 399 18.69 4.29 39.92
CA ILE C 399 19.23 4.80 38.66
C ILE C 399 18.88 3.92 37.45
N ALA C 400 18.48 2.68 37.71
CA ALA C 400 18.12 1.73 36.65
C ALA C 400 16.64 1.77 36.26
N LYS C 401 15.76 1.96 37.24
CA LYS C 401 14.31 2.05 36.97
C LYS C 401 13.92 3.42 36.41
N GLU C 402 14.14 4.48 37.20
CA GLU C 402 13.97 5.85 36.71
C GLU C 402 15.22 6.21 35.94
N GLU C 403 15.05 6.57 34.67
CA GLU C 403 16.20 6.93 33.85
C GLU C 403 16.64 8.37 34.12
N ILE C 404 17.95 8.58 34.21
CA ILE C 404 18.52 9.91 34.36
C ILE C 404 18.45 10.63 33.00
N PHE C 405 18.17 11.92 33.05
CA PHE C 405 18.01 12.74 31.86
C PHE C 405 19.14 13.78 31.76
N GLY C 406 20.37 13.28 31.71
CA GLY C 406 21.57 14.13 31.65
C GLY C 406 22.83 13.36 31.27
N PRO C 407 24.01 13.98 31.46
CA PRO C 407 25.29 13.39 31.05
C PRO C 407 25.80 12.32 32.03
N VAL C 408 25.04 11.24 32.17
CA VAL C 408 25.37 10.13 33.06
C VAL C 408 25.09 8.81 32.34
N GLN C 409 26.11 7.95 32.24
CA GLN C 409 25.92 6.63 31.64
C GLN C 409 26.20 5.47 32.61
N GLU C 410 25.33 4.46 32.54
CA GLU C 410 25.44 3.28 33.40
C GLU C 410 25.93 2.08 32.60
N ILE C 411 26.94 1.40 33.13
CA ILE C 411 27.51 0.23 32.46
C ILE C 411 27.22 -1.03 33.27
N LEU C 412 26.39 -1.90 32.70
CA LEU C 412 25.92 -3.12 33.37
C LEU C 412 26.56 -4.38 32.80
N ARG C 413 26.60 -5.44 33.60
CA ARG C 413 27.25 -6.70 33.24
C ARG C 413 26.22 -7.76 32.86
N PHE C 414 26.44 -8.45 31.75
CA PHE C 414 25.55 -9.57 31.34
C PHE C 414 26.26 -10.80 30.79
N LYS C 415 25.63 -11.97 31.01
CA LYS C 415 26.23 -13.27 30.74
C LYS C 415 25.65 -13.89 29.45
N THR C 416 24.38 -14.29 29.50
CA THR C 416 23.73 -15.01 28.40
C THR C 416 22.84 -14.10 27.56
N MET C 417 22.46 -14.60 26.38
CA MET C 417 21.59 -13.86 25.47
C MET C 417 20.16 -13.78 26.03
N ASP C 418 19.72 -14.84 26.70
CA ASP C 418 18.42 -14.88 27.35
C ASP C 418 18.32 -13.90 28.52
N GLU C 419 19.46 -13.58 29.11
CA GLU C 419 19.52 -12.65 30.24
C GLU C 419 19.19 -11.22 29.83
N VAL C 420 19.89 -10.70 28.83
CA VAL C 420 19.68 -9.33 28.34
C VAL C 420 18.28 -9.08 27.82
N ILE C 421 17.68 -10.10 27.19
CA ILE C 421 16.34 -9.97 26.62
C ILE C 421 15.29 -9.67 27.70
N GLU C 422 15.30 -10.44 28.78
CA GLU C 422 14.35 -10.27 29.87
C GLU C 422 14.67 -9.04 30.74
N ARG C 423 15.94 -8.68 30.83
CA ARG C 423 16.34 -7.52 31.63
C ARG C 423 16.08 -6.20 30.89
N ALA C 424 16.26 -6.21 29.57
CA ALA C 424 16.01 -5.03 28.75
C ALA C 424 14.52 -4.79 28.53
N ASN C 425 13.75 -5.87 28.43
CA ASN C 425 12.30 -5.80 28.23
C ASN C 425 11.52 -5.32 29.45
N ASN C 426 12.11 -5.49 30.64
CA ASN C 426 11.48 -5.08 31.89
C ASN C 426 11.33 -3.55 31.98
N SER C 427 10.27 -3.06 31.34
CA SER C 427 10.00 -1.63 31.26
C SER C 427 8.52 -1.41 31.00
N ASP C 428 8.00 -0.28 31.50
CA ASP C 428 6.64 0.14 31.20
C ASP C 428 6.62 0.87 29.85
N PHE C 429 5.42 1.05 29.30
CA PHE C 429 5.20 1.64 27.97
C PHE C 429 6.26 2.63 27.49
N GLY C 430 6.93 2.28 26.40
CA GLY C 430 7.97 3.11 25.82
C GLY C 430 9.33 2.43 25.88
N LEU C 431 9.83 2.01 24.71
CA LEU C 431 11.15 1.38 24.62
C LEU C 431 11.81 1.62 23.26
N VAL C 432 13.12 1.82 23.29
CA VAL C 432 13.98 1.89 22.10
C VAL C 432 15.19 1.00 22.36
N ALA C 433 15.57 0.19 21.39
CA ALA C 433 16.69 -0.75 21.57
C ALA C 433 17.89 -0.47 20.65
N ALA C 434 19.07 -0.93 21.07
CA ALA C 434 20.30 -0.75 20.29
C ALA C 434 21.27 -1.90 20.52
N VAL C 435 21.46 -2.72 19.48
CA VAL C 435 22.34 -3.89 19.56
C VAL C 435 23.62 -3.70 18.76
N PHE C 436 24.73 -4.19 19.31
CA PHE C 436 26.02 -4.15 18.64
C PHE C 436 26.61 -5.56 18.48
N THR C 437 26.53 -6.09 17.26
CA THR C 437 26.91 -7.46 16.95
C THR C 437 27.40 -7.58 15.52
N ASN C 438 28.22 -8.60 15.26
CA ASN C 438 28.53 -9.02 13.90
C ASN C 438 28.03 -10.44 13.64
N ASP C 439 27.15 -10.90 14.52
CA ASP C 439 26.53 -12.23 14.43
C ASP C 439 25.07 -12.07 14.00
N ILE C 440 24.72 -12.65 12.85
CA ILE C 440 23.37 -12.49 12.28
C ILE C 440 22.30 -13.08 13.20
N ASN C 441 22.49 -14.33 13.60
CA ASN C 441 21.52 -15.03 14.43
C ASN C 441 21.30 -14.35 15.78
N LYS C 442 22.36 -13.80 16.35
CA LYS C 442 22.26 -13.05 17.60
C LYS C 442 21.45 -11.76 17.42
N ALA C 443 21.79 -10.99 16.38
CA ALA C 443 21.13 -9.72 16.10
C ALA C 443 19.63 -9.88 15.86
N LEU C 444 19.28 -10.84 15.00
CA LEU C 444 17.87 -11.10 14.67
C LEU C 444 17.06 -11.53 15.89
N THR C 445 17.60 -12.45 16.68
CA THR C 445 16.97 -12.91 17.92
C THR C 445 16.70 -11.76 18.89
N VAL C 446 17.70 -10.92 19.10
CA VAL C 446 17.61 -9.82 20.05
C VAL C 446 16.66 -8.72 19.57
N SER C 447 16.79 -8.33 18.30
CA SER C 447 15.94 -7.29 17.72
C SER C 447 14.46 -7.70 17.66
N SER C 448 14.21 -9.00 17.49
CA SER C 448 12.85 -9.53 17.36
C SER C 448 12.14 -9.73 18.70
N ALA C 449 12.92 -10.05 19.73
CA ALA C 449 12.39 -10.29 21.08
C ALA C 449 12.26 -8.99 21.90
N MET C 450 12.87 -7.91 21.40
CA MET C 450 12.77 -6.58 22.03
C MET C 450 11.36 -6.01 21.94
N GLN C 451 10.81 -5.65 23.09
CA GLN C 451 9.49 -5.04 23.15
C GLN C 451 9.63 -3.52 22.98
N ALA C 452 10.29 -3.13 21.89
CA ALA C 452 10.62 -1.76 21.61
C ALA C 452 9.96 -1.31 20.32
N GLY C 453 9.64 -0.02 20.25
CA GLY C 453 9.09 0.58 19.04
C GLY C 453 10.12 0.59 17.92
N THR C 454 11.32 1.07 18.24
CA THR C 454 12.42 1.13 17.29
C THR C 454 13.66 0.41 17.82
N VAL C 455 14.27 -0.43 16.98
CA VAL C 455 15.49 -1.17 17.33
C VAL C 455 16.64 -0.86 16.36
N TRP C 456 17.72 -0.30 16.89
CA TRP C 456 18.90 0.01 16.10
C TRP C 456 19.88 -1.16 16.17
N ILE C 457 20.50 -1.48 15.04
CA ILE C 457 21.55 -2.49 14.99
C ILE C 457 22.84 -1.85 14.49
N ASN C 458 23.86 -1.87 15.34
CA ASN C 458 25.19 -1.32 15.04
C ASN C 458 25.20 0.18 14.76
N CYS C 459 24.29 0.91 15.40
CA CYS C 459 24.18 2.36 15.25
C CYS C 459 23.26 2.95 16.34
N TYR C 460 23.20 4.28 16.41
CA TYR C 460 22.37 4.97 17.40
C TYR C 460 22.28 6.48 17.16
N ASN C 461 21.17 6.92 16.56
CA ASN C 461 20.96 8.34 16.23
C ASN C 461 19.50 8.73 16.06
N ALA C 462 19.01 9.58 16.96
CA ALA C 462 17.66 10.13 16.86
C ALA C 462 17.56 11.48 17.57
N GLY C 482 7.79 8.96 9.22
CA GLY C 482 7.70 8.15 7.97
C GLY C 482 6.28 8.04 7.43
N GLU C 483 6.05 6.99 6.63
CA GLU C 483 4.73 6.72 6.04
C GLU C 483 3.63 6.54 7.09
N PHE C 484 3.97 5.88 8.19
CA PHE C 484 3.04 5.66 9.29
C PHE C 484 2.83 6.92 10.13
N GLY C 485 3.73 7.90 9.97
CA GLY C 485 3.69 9.16 10.71
C GLY C 485 2.49 10.03 10.43
N LEU C 486 2.02 10.00 9.18
CA LEU C 486 0.90 10.84 8.75
C LEU C 486 -0.47 10.17 8.86
N ARG C 487 -0.48 8.91 9.27
CA ARG C 487 -1.73 8.16 9.47
C ARG C 487 -2.51 8.67 10.67
N GLU C 488 -1.81 9.29 11.62
CA GLU C 488 -2.43 9.86 12.81
C GLU C 488 -2.93 11.29 12.59
N TYR C 489 -2.61 11.86 11.43
CA TYR C 489 -2.99 13.25 11.11
C TYR C 489 -4.06 13.38 10.03
N SER C 490 -4.52 12.25 9.52
CA SER C 490 -5.67 12.23 8.61
C SER C 490 -6.64 11.13 9.02
N GLU C 491 -7.92 11.32 8.71
CA GLU C 491 -8.94 10.33 9.04
C GLU C 491 -9.59 9.73 7.80
N VAL C 492 -9.90 8.45 7.88
CA VAL C 492 -10.52 7.73 6.77
C VAL C 492 -11.97 8.16 6.60
N LYS C 493 -12.42 8.23 5.35
CA LYS C 493 -13.81 8.49 5.03
C LYS C 493 -14.26 7.54 3.92
N THR C 494 -15.04 6.52 4.29
CA THR C 494 -15.46 5.48 3.35
C THR C 494 -16.83 5.76 2.72
N VAL C 495 -16.82 6.05 1.43
CA VAL C 495 -18.04 6.33 0.67
C VAL C 495 -18.38 5.15 -0.25
N THR C 496 -19.63 4.71 -0.20
CA THR C 496 -20.11 3.61 -1.05
C THR C 496 -21.31 4.00 -1.91
N VAL C 497 -21.28 3.57 -3.17
CA VAL C 497 -22.33 3.93 -4.14
C VAL C 497 -22.97 2.69 -4.74
N LYS C 498 -24.30 2.71 -4.83
CA LYS C 498 -25.07 1.64 -5.47
C LYS C 498 -24.91 1.71 -6.99
N ILE C 499 -24.38 0.64 -7.57
CA ILE C 499 -24.19 0.54 -9.01
C ILE C 499 -25.23 -0.37 -9.67
N PRO C 500 -25.66 -0.03 -10.91
CA PRO C 500 -26.70 -0.76 -11.65
C PRO C 500 -26.46 -2.26 -11.80
N GLN C 501 -25.21 -2.66 -11.99
CA GLN C 501 -24.79 -4.07 -12.04
C GLN C 501 -23.28 -4.17 -11.90
N LYS C 502 -22.81 -5.06 -11.03
CA LYS C 502 -21.38 -5.21 -10.76
C LYS C 502 -20.72 -6.26 -11.64
N ASN C 503 -19.58 -5.88 -12.21
CA ASN C 503 -18.68 -6.81 -12.88
C ASN C 503 -17.28 -6.67 -12.33
N SER C 504 -16.53 -7.77 -12.32
CA SER C 504 -15.16 -7.77 -11.82
C SER C 504 -14.26 -6.79 -12.57
N LEU D 12 -35.98 -22.43 2.24
CA LEU D 12 -37.00 -22.16 3.29
C LEU D 12 -36.51 -22.65 4.66
N PRO D 13 -35.69 -21.84 5.35
CA PRO D 13 -35.13 -22.27 6.62
C PRO D 13 -36.09 -22.09 7.79
N SER D 14 -35.85 -22.82 8.87
CA SER D 14 -36.70 -22.78 10.06
C SER D 14 -35.88 -22.65 11.33
N PRO D 15 -36.45 -22.02 12.38
CA PRO D 15 -35.81 -22.02 13.69
C PRO D 15 -35.87 -23.39 14.35
N THR D 16 -34.82 -23.74 15.08
CA THR D 16 -34.76 -25.01 15.80
C THR D 16 -35.70 -25.01 17.02
N PRO D 17 -36.73 -25.87 16.99
CA PRO D 17 -37.72 -25.94 18.07
C PRO D 17 -37.12 -26.54 19.34
N ASN D 18 -37.69 -26.18 20.49
CA ASN D 18 -37.19 -26.63 21.79
C ASN D 18 -35.69 -26.41 21.92
N LEU D 19 -35.27 -25.16 21.72
CA LEU D 19 -33.85 -24.79 21.73
C LEU D 19 -33.20 -25.03 23.08
N GLU D 20 -32.04 -25.69 23.06
CA GLU D 20 -31.29 -26.01 24.27
C GLU D 20 -30.17 -25.00 24.47
N ILE D 21 -30.22 -24.27 25.58
CA ILE D 21 -29.12 -23.36 25.93
C ILE D 21 -28.13 -24.11 26.82
N LYS D 22 -27.19 -24.78 26.16
CA LYS D 22 -26.26 -25.67 26.85
C LYS D 22 -25.10 -24.90 27.48
N TYR D 23 -24.69 -23.81 26.86
CA TYR D 23 -23.51 -23.07 27.29
C TYR D 23 -23.86 -21.81 28.06
N THR D 24 -23.65 -21.86 29.37
CA THR D 24 -24.06 -20.80 30.27
C THR D 24 -22.97 -20.39 31.26
N LYS D 25 -21.83 -21.09 31.19
CA LYS D 25 -20.72 -20.86 32.11
C LYS D 25 -19.66 -19.90 31.54
N ILE D 26 -18.71 -19.51 32.38
CA ILE D 26 -17.62 -18.62 31.97
C ILE D 26 -16.57 -19.38 31.16
N PHE D 27 -16.07 -18.76 30.10
CA PHE D 27 -15.13 -19.40 29.18
C PHE D 27 -13.71 -18.84 29.32
N ILE D 28 -12.82 -19.62 29.94
CA ILE D 28 -11.41 -19.26 30.16
C ILE D 28 -10.50 -20.46 29.93
N ASN D 29 -9.43 -20.27 29.15
CA ASN D 29 -8.47 -21.34 28.81
C ASN D 29 -9.10 -22.60 28.23
N ASN D 30 -10.10 -22.41 27.38
CA ASN D 30 -10.91 -23.49 26.79
C ASN D 30 -11.58 -24.42 27.83
N GLU D 31 -11.82 -23.85 29.02
CA GLU D 31 -12.46 -24.55 30.11
C GLU D 31 -13.67 -23.77 30.60
N TRP D 32 -14.77 -24.48 30.83
CA TRP D 32 -15.97 -23.87 31.37
C TRP D 32 -15.88 -23.78 32.89
N GLN D 33 -15.89 -22.55 33.38
CA GLN D 33 -15.72 -22.28 34.81
C GLN D 33 -16.95 -21.60 35.39
N ASN D 34 -17.33 -22.01 36.60
CA ASN D 34 -18.36 -21.29 37.36
C ASN D 34 -17.80 -19.96 37.83
N SER D 35 -18.67 -19.02 38.13
CA SER D 35 -18.23 -17.71 38.62
C SER D 35 -17.57 -17.82 39.99
N GLU D 36 -16.55 -17.00 40.21
CA GLU D 36 -15.77 -17.02 41.46
C GLU D 36 -16.62 -16.69 42.68
N SER D 37 -17.50 -15.70 42.54
CA SER D 37 -18.47 -15.37 43.58
C SER D 37 -19.48 -16.50 43.76
N GLY D 38 -19.86 -17.11 42.64
CA GLY D 38 -20.85 -18.17 42.63
C GLY D 38 -22.18 -17.70 42.08
N ARG D 39 -22.37 -16.38 42.04
CA ARG D 39 -23.62 -15.77 41.58
C ARG D 39 -23.97 -16.12 40.13
N VAL D 40 -25.26 -16.04 39.83
CA VAL D 40 -25.79 -16.34 38.50
C VAL D 40 -26.87 -15.31 38.14
N PHE D 41 -26.72 -14.66 36.99
CA PHE D 41 -27.68 -13.64 36.55
C PHE D 41 -28.66 -14.15 35.48
N PRO D 42 -29.89 -13.60 35.45
CA PRO D 42 -30.90 -14.10 34.52
C PRO D 42 -30.84 -13.45 33.14
N VAL D 43 -31.21 -14.24 32.12
CA VAL D 43 -31.31 -13.76 30.75
C VAL D 43 -32.76 -13.92 30.27
N TYR D 44 -33.34 -12.85 29.76
CA TYR D 44 -34.76 -12.81 29.41
C TYR D 44 -35.04 -12.91 27.92
N ASN D 45 -36.16 -13.53 27.59
CA ASN D 45 -36.71 -13.47 26.25
C ASN D 45 -37.47 -12.15 26.11
N PRO D 46 -36.98 -11.24 25.24
CA PRO D 46 -37.60 -9.91 25.12
C PRO D 46 -38.95 -9.92 24.41
N ALA D 47 -39.29 -11.04 23.78
CA ALA D 47 -40.55 -11.18 23.06
C ALA D 47 -41.75 -11.38 23.99
N THR D 48 -41.48 -11.96 25.16
CA THR D 48 -42.52 -12.34 26.11
C THR D 48 -42.24 -11.81 27.52
N GLY D 49 -40.98 -11.50 27.79
CA GLY D 49 -40.56 -11.05 29.11
C GLY D 49 -40.12 -12.21 29.99
N GLU D 50 -40.44 -13.44 29.57
CA GLU D 50 -40.14 -14.65 30.33
C GLU D 50 -38.63 -14.94 30.36
N GLN D 51 -38.16 -15.50 31.48
CA GLN D 51 -36.75 -15.83 31.67
C GLN D 51 -36.35 -17.07 30.87
N VAL D 52 -35.32 -16.93 30.05
CA VAL D 52 -34.82 -18.03 29.22
C VAL D 52 -33.99 -19.01 30.04
N CYS D 53 -32.95 -18.50 30.70
CA CYS D 53 -32.01 -19.33 31.46
C CYS D 53 -31.21 -18.50 32.46
N GLU D 54 -30.15 -19.09 32.99
CA GLU D 54 -29.30 -18.45 33.98
C GLU D 54 -27.81 -18.61 33.66
N VAL D 55 -27.11 -17.49 33.55
CA VAL D 55 -25.70 -17.45 33.15
C VAL D 55 -24.78 -17.10 34.32
N GLN D 56 -23.59 -17.69 34.34
CA GLN D 56 -22.60 -17.42 35.38
C GLN D 56 -22.14 -15.96 35.35
N GLU D 57 -22.13 -15.31 36.51
CA GLU D 57 -21.88 -13.87 36.59
C GLU D 57 -20.42 -13.51 36.87
N ALA D 58 -19.77 -12.93 35.87
CA ALA D 58 -18.35 -12.56 35.97
C ALA D 58 -18.13 -11.24 36.71
N ASP D 59 -16.95 -11.11 37.35
CA ASP D 59 -16.56 -9.91 38.07
C ASP D 59 -15.03 -9.75 38.03
N LYS D 60 -14.49 -8.82 38.82
CA LYS D 60 -13.04 -8.56 38.88
C LYS D 60 -12.23 -9.84 39.06
N ALA D 61 -12.64 -10.68 40.01
CA ALA D 61 -11.98 -11.96 40.26
C ALA D 61 -11.97 -12.83 39.00
N ASP D 62 -13.13 -12.94 38.36
CA ASP D 62 -13.30 -13.73 37.14
C ASP D 62 -12.44 -13.21 35.99
N ILE D 63 -12.36 -11.88 35.86
CA ILE D 63 -11.54 -11.24 34.83
C ILE D 63 -10.05 -11.53 35.05
N ASP D 64 -9.60 -11.40 36.29
CA ASP D 64 -8.20 -11.63 36.65
C ASP D 64 -7.66 -12.95 36.10
N LYS D 65 -8.44 -14.02 36.26
CA LYS D 65 -8.07 -15.32 35.73
C LYS D 65 -7.99 -15.30 34.21
N ALA D 66 -8.96 -14.64 33.57
CA ALA D 66 -9.04 -14.59 32.11
C ALA D 66 -7.85 -13.87 31.50
N VAL D 67 -7.42 -12.79 32.15
CA VAL D 67 -6.26 -12.02 31.68
C VAL D 67 -5.00 -12.87 31.76
N GLN D 68 -4.80 -13.56 32.89
CA GLN D 68 -3.67 -14.47 33.06
C GLN D 68 -3.62 -15.55 31.99
N ALA D 69 -4.79 -16.05 31.63
CA ALA D 69 -4.90 -17.05 30.56
C ALA D 69 -4.48 -16.44 29.23
N ALA D 70 -4.97 -15.23 28.96
CA ALA D 70 -4.67 -14.51 27.73
C ALA D 70 -3.20 -14.14 27.63
N ARG D 71 -2.61 -13.71 28.75
CA ARG D 71 -1.19 -13.36 28.82
C ARG D 71 -0.29 -14.56 28.58
N LEU D 72 -0.68 -15.71 29.14
CA LEU D 72 0.07 -16.96 28.95
C LEU D 72 0.05 -17.40 27.49
N ALA D 73 -1.13 -17.30 26.87
CA ALA D 73 -1.31 -17.65 25.46
C ALA D 73 -0.54 -16.73 24.51
N PHE D 74 0.00 -15.63 25.06
CA PHE D 74 0.68 -14.61 24.28
C PHE D 74 2.20 -14.58 24.51
N SER D 75 2.67 -15.27 25.54
CA SER D 75 4.10 -15.32 25.85
C SER D 75 4.92 -15.86 24.68
N LEU D 76 6.20 -15.48 24.63
CA LEU D 76 7.07 -15.78 23.49
C LEU D 76 7.16 -17.27 23.10
N GLY D 77 6.97 -18.16 24.06
CA GLY D 77 7.02 -19.61 23.79
C GLY D 77 5.74 -20.19 23.20
N SER D 78 4.62 -19.56 23.51
CA SER D 78 3.27 -20.05 23.21
C SER D 78 3.02 -20.52 21.77
N VAL D 79 2.14 -21.52 21.66
CA VAL D 79 1.66 -22.06 20.38
C VAL D 79 1.11 -20.96 19.46
N TRP D 80 0.30 -20.08 20.04
CA TRP D 80 -0.32 -18.95 19.33
C TRP D 80 0.72 -17.96 18.81
N ARG D 81 1.90 -17.98 19.41
CA ARG D 81 2.98 -17.12 18.96
C ARG D 81 3.85 -17.82 17.93
N ARG D 82 4.12 -19.10 18.15
CA ARG D 82 4.93 -19.92 17.24
C ARG D 82 4.19 -20.26 15.96
N MET D 83 2.86 -20.21 16.02
CA MET D 83 1.98 -20.48 14.88
C MET D 83 2.29 -19.61 13.66
N ASP D 84 2.22 -20.23 12.48
CA ASP D 84 2.33 -19.51 11.21
C ASP D 84 1.18 -18.54 11.05
N ALA D 85 1.44 -17.39 10.43
CA ALA D 85 0.40 -16.41 10.15
C ALA D 85 -0.79 -17.03 9.40
N SER D 86 -0.49 -17.86 8.40
CA SER D 86 -1.53 -18.54 7.62
C SER D 86 -2.36 -19.52 8.47
N GLU D 87 -1.73 -20.13 9.48
CA GLU D 87 -2.45 -21.05 10.36
C GLU D 87 -3.41 -20.35 11.33
N ARG D 88 -3.18 -19.06 11.56
CA ARG D 88 -4.14 -18.22 12.27
C ARG D 88 -5.35 -17.99 11.37
N GLY D 89 -5.09 -17.80 10.08
CA GLY D 89 -6.13 -17.72 9.06
C GLY D 89 -6.91 -19.01 8.91
N ARG D 90 -6.22 -20.15 9.10
CA ARG D 90 -6.87 -21.45 9.01
C ARG D 90 -7.94 -21.63 10.09
N LEU D 91 -7.60 -21.27 11.31
CA LEU D 91 -8.51 -21.42 12.44
C LEU D 91 -9.76 -20.55 12.29
N LEU D 92 -9.56 -19.32 11.81
CA LEU D 92 -10.68 -18.40 11.54
C LEU D 92 -11.64 -18.95 10.49
N ASP D 93 -11.08 -19.63 9.49
CA ASP D 93 -11.88 -20.18 8.41
C ASP D 93 -12.67 -21.40 8.86
N LYS D 94 -12.06 -22.19 9.75
CA LYS D 94 -12.72 -23.35 10.34
C LYS D 94 -13.85 -22.91 11.27
N LEU D 95 -13.63 -21.79 11.97
CA LEU D 95 -14.67 -21.20 12.82
C LEU D 95 -15.87 -20.77 11.97
N ALA D 96 -15.60 -20.19 10.81
CA ALA D 96 -16.64 -19.80 9.87
C ALA D 96 -17.39 -21.03 9.34
N ASP D 97 -16.66 -22.12 9.12
CA ASP D 97 -17.25 -23.40 8.71
C ASP D 97 -18.28 -23.90 9.73
N LEU D 98 -17.91 -23.82 11.02
CA LEU D 98 -18.73 -24.31 12.11
C LEU D 98 -19.97 -23.44 12.35
N VAL D 99 -19.77 -22.12 12.23
CA VAL D 99 -20.87 -21.16 12.28
C VAL D 99 -21.89 -21.51 11.18
N GLU D 100 -21.38 -21.77 9.98
CA GLU D 100 -22.19 -22.16 8.81
C GLU D 100 -23.00 -23.43 9.08
N ARG D 101 -22.40 -24.40 9.75
CA ARG D 101 -23.08 -25.63 10.13
C ARG D 101 -24.15 -25.34 11.16
N ASP D 102 -23.84 -24.46 12.10
CA ASP D 102 -24.73 -24.15 13.20
C ASP D 102 -25.57 -22.90 12.94
N ARG D 103 -25.62 -22.47 11.67
CA ARG D 103 -26.34 -21.27 11.29
C ARG D 103 -27.78 -21.22 11.84
N ALA D 104 -28.44 -22.37 11.85
CA ALA D 104 -29.80 -22.49 12.37
C ALA D 104 -29.91 -22.12 13.84
N VAL D 105 -29.02 -22.69 14.67
CA VAL D 105 -29.08 -22.47 16.12
C VAL D 105 -28.53 -21.11 16.55
N LEU D 106 -27.48 -20.65 15.87
CA LEU D 106 -26.89 -19.35 16.18
C LEU D 106 -27.84 -18.22 15.82
N ALA D 107 -28.59 -18.38 14.73
CA ALA D 107 -29.65 -17.45 14.37
C ALA D 107 -30.77 -17.48 15.40
N THR D 108 -31.19 -18.69 15.78
CA THR D 108 -32.26 -18.90 16.76
C THR D 108 -31.90 -18.30 18.11
N MET D 109 -30.69 -18.58 18.58
CA MET D 109 -30.18 -17.97 19.81
C MET D 109 -30.20 -16.45 19.75
N GLU D 110 -29.88 -15.91 18.59
CA GLU D 110 -29.91 -14.45 18.39
C GLU D 110 -31.35 -13.94 18.39
N SER D 111 -32.24 -14.72 17.79
CA SER D 111 -33.65 -14.34 17.65
C SER D 111 -34.38 -14.43 18.97
N LEU D 112 -34.08 -15.48 19.72
CA LEU D 112 -34.73 -15.76 20.99
C LEU D 112 -34.23 -14.81 22.09
N ASN D 113 -32.93 -14.53 22.07
CA ASN D 113 -32.26 -13.72 23.09
C ASN D 113 -32.27 -12.22 22.79
N GLY D 114 -32.08 -11.87 21.53
CA GLY D 114 -32.00 -10.46 21.14
C GLY D 114 -33.31 -9.84 20.70
N GLY D 115 -34.28 -10.68 20.36
CA GLY D 115 -35.56 -10.23 19.86
C GLY D 115 -35.63 -10.05 18.35
N LYS D 116 -34.51 -10.24 17.67
CA LYS D 116 -34.45 -10.04 16.23
C LYS D 116 -35.22 -11.14 15.47
N PRO D 117 -36.07 -10.74 14.49
CA PRO D 117 -36.79 -11.69 13.64
C PRO D 117 -35.88 -12.75 13.00
N PHE D 118 -36.24 -14.01 13.17
CA PHE D 118 -35.38 -15.14 12.82
C PHE D 118 -34.81 -15.10 11.40
N LEU D 119 -35.67 -14.85 10.41
CA LEU D 119 -35.23 -14.87 9.01
C LEU D 119 -34.22 -13.76 8.70
N GLN D 120 -34.39 -12.61 9.37
CA GLN D 120 -33.42 -11.51 9.26
C GLN D 120 -32.11 -11.89 9.92
N ALA D 121 -32.18 -12.53 11.08
CA ALA D 121 -30.98 -12.94 11.81
C ALA D 121 -30.19 -14.04 11.09
N PHE D 122 -30.90 -14.88 10.34
CA PHE D 122 -30.29 -15.95 9.57
C PHE D 122 -29.62 -15.44 8.30
N TYR D 123 -30.34 -14.59 7.56
CA TYR D 123 -29.88 -14.12 6.27
C TYR D 123 -29.04 -12.84 6.33
N VAL D 124 -29.26 -12.02 7.34
CA VAL D 124 -28.54 -10.74 7.44
C VAL D 124 -27.36 -10.82 8.41
N ASP D 125 -27.66 -11.11 9.67
CA ASP D 125 -26.66 -11.08 10.75
C ASP D 125 -25.60 -12.17 10.61
N LEU D 126 -26.05 -13.42 10.45
CA LEU D 126 -25.15 -14.57 10.39
C LEU D 126 -24.39 -14.68 9.07
N GLN D 127 -24.94 -14.09 8.01
CA GLN D 127 -24.20 -13.95 6.77
C GLN D 127 -23.02 -13.03 7.05
N GLY D 128 -23.24 -12.00 7.85
CA GLY D 128 -22.19 -11.07 8.26
C GLY D 128 -21.14 -11.71 9.16
N VAL D 129 -21.58 -12.57 10.06
CA VAL D 129 -20.68 -13.27 11.00
C VAL D 129 -19.73 -14.20 10.25
N ILE D 130 -20.31 -15.02 9.37
CA ILE D 130 -19.55 -15.93 8.52
C ILE D 130 -18.58 -15.17 7.59
N LYS D 131 -19.10 -14.20 6.84
CA LYS D 131 -18.30 -13.43 5.89
C LYS D 131 -17.12 -12.69 6.52
N THR D 132 -17.24 -12.32 7.80
CA THR D 132 -16.15 -11.61 8.49
C THR D 132 -15.01 -12.52 8.93
N PHE D 133 -15.35 -13.70 9.44
CA PHE D 133 -14.33 -14.70 9.79
C PHE D 133 -13.59 -15.14 8.54
N ARG D 134 -14.33 -15.35 7.46
CA ARG D 134 -13.76 -15.69 6.16
C ARG D 134 -12.84 -14.58 5.65
N TYR D 135 -13.27 -13.33 5.83
CA TYR D 135 -12.52 -12.17 5.35
C TYR D 135 -11.19 -11.99 6.07
N TYR D 136 -11.21 -12.02 7.40
CA TYR D 136 -9.99 -11.81 8.18
C TYR D 136 -9.09 -13.02 8.20
N ALA D 137 -9.65 -14.20 7.94
CA ALA D 137 -8.85 -15.39 7.69
C ALA D 137 -7.87 -15.09 6.55
N GLY D 138 -8.40 -14.50 5.49
CA GLY D 138 -7.63 -14.09 4.33
C GLY D 138 -6.59 -13.02 4.60
N TRP D 139 -6.83 -12.14 5.57
CA TRP D 139 -5.85 -11.11 5.92
C TRP D 139 -4.67 -11.61 6.73
N ALA D 140 -4.87 -12.71 7.48
CA ALA D 140 -3.92 -13.17 8.50
C ALA D 140 -2.45 -13.20 8.05
N ASP D 141 -2.19 -13.68 6.85
CA ASP D 141 -0.81 -13.79 6.37
C ASP D 141 -0.43 -12.71 5.35
N LYS D 142 -1.23 -11.64 5.31
CA LYS D 142 -1.04 -10.57 4.31
C LYS D 142 -0.86 -9.20 4.97
N ILE D 143 -0.56 -9.20 6.26
CA ILE D 143 -0.25 -7.98 7.01
C ILE D 143 1.21 -7.64 6.73
N HIS D 144 1.41 -6.73 5.78
CA HIS D 144 2.75 -6.41 5.28
C HIS D 144 3.36 -5.19 5.98
N GLY D 145 4.68 -5.21 6.14
CA GLY D 145 5.42 -4.04 6.62
C GLY D 145 5.95 -3.26 5.43
N MET D 146 7.07 -2.58 5.61
CA MET D 146 7.71 -1.85 4.51
C MET D 146 9.23 -1.91 4.60
N THR D 147 9.88 -1.51 3.52
CA THR D 147 11.31 -1.24 3.52
C THR D 147 11.50 0.18 3.01
N ILE D 148 12.05 1.04 3.87
CA ILE D 148 12.20 2.46 3.56
C ILE D 148 13.65 2.75 3.15
N PRO D 149 13.84 3.56 2.08
CA PRO D 149 15.19 3.98 1.69
C PRO D 149 15.66 5.23 2.46
N VAL D 150 15.78 5.10 3.78
CA VAL D 150 16.20 6.19 4.66
C VAL D 150 17.64 6.62 4.39
N ASP D 151 17.91 7.92 4.52
CA ASP D 151 19.22 8.53 4.22
C ASP D 151 20.39 7.87 4.94
N GLY D 152 21.57 8.01 4.36
CA GLY D 152 22.80 7.45 4.93
C GLY D 152 22.99 5.98 4.58
N ASP D 153 24.02 5.36 5.17
CA ASP D 153 24.25 3.93 4.99
C ASP D 153 23.48 3.13 6.04
N TYR D 154 22.17 3.08 5.84
CA TYR D 154 21.26 2.34 6.71
C TYR D 154 20.22 1.60 5.90
N PHE D 155 19.65 0.55 6.50
CA PHE D 155 18.54 -0.19 5.92
C PHE D 155 17.46 -0.37 6.98
N THR D 156 16.34 0.31 6.79
CA THR D 156 15.25 0.29 7.75
C THR D 156 14.03 -0.45 7.21
N PHE D 157 13.57 -1.45 7.96
CA PHE D 157 12.34 -2.16 7.65
C PHE D 157 11.40 -2.13 8.85
N THR D 158 10.11 -2.30 8.62
CA THR D 158 9.14 -2.29 9.69
C THR D 158 8.41 -3.63 9.78
N ARG D 159 8.14 -4.05 11.01
CA ARG D 159 7.30 -5.21 11.28
C ARG D 159 5.95 -4.73 11.80
N HIS D 160 4.89 -5.46 11.44
CA HIS D 160 3.60 -5.30 12.08
C HIS D 160 3.40 -6.45 13.06
N GLU D 161 3.42 -6.13 14.35
CA GLU D 161 3.36 -7.13 15.40
C GLU D 161 2.11 -6.97 16.25
N PRO D 162 1.58 -8.08 16.81
CA PRO D 162 0.42 -8.00 17.69
C PRO D 162 0.70 -7.16 18.94
N ILE D 163 -0.33 -6.50 19.44
CA ILE D 163 -0.23 -5.64 20.62
C ILE D 163 -0.14 -6.46 21.90
N GLY D 164 -1.08 -7.38 22.09
CA GLY D 164 -1.09 -8.26 23.26
C GLY D 164 -2.46 -8.79 23.67
N VAL D 165 -2.78 -8.65 24.95
CA VAL D 165 -4.11 -8.98 25.46
C VAL D 165 -5.04 -7.82 25.14
N CYS D 166 -6.07 -8.10 24.35
CA CYS D 166 -7.05 -7.09 23.98
C CYS D 166 -8.35 -7.28 24.75
N GLY D 167 -8.78 -6.20 25.41
CA GLY D 167 -10.06 -6.18 26.09
C GLY D 167 -11.13 -5.61 25.18
N GLN D 168 -12.21 -6.34 25.03
CA GLN D 168 -13.27 -5.93 24.12
C GLN D 168 -14.62 -5.97 24.83
N ILE D 169 -15.35 -4.87 24.71
CA ILE D 169 -16.68 -4.76 25.29
C ILE D 169 -17.67 -4.40 24.18
N ILE D 170 -18.74 -5.18 24.06
CA ILE D 170 -19.76 -4.96 23.03
C ILE D 170 -21.17 -4.70 23.60
N PRO D 171 -22.07 -4.10 22.80
CA PRO D 171 -23.43 -3.88 23.26
C PRO D 171 -24.39 -5.00 22.82
N TRP D 172 -25.68 -4.76 22.99
CA TRP D 172 -26.71 -5.75 22.69
C TRP D 172 -27.32 -5.59 21.29
N ASN D 173 -26.91 -4.54 20.58
CA ASN D 173 -27.38 -4.20 19.22
C ASN D 173 -27.31 -5.37 18.26
N PHE D 174 -26.10 -5.86 18.03
CA PHE D 174 -25.85 -7.01 17.18
C PHE D 174 -24.92 -7.94 17.96
N PRO D 175 -25.48 -8.67 18.95
CA PRO D 175 -24.69 -9.45 19.92
C PRO D 175 -23.63 -10.35 19.27
N LEU D 176 -23.98 -11.00 18.17
CA LEU D 176 -23.06 -11.93 17.50
C LEU D 176 -22.23 -11.30 16.39
N LEU D 177 -22.81 -10.34 15.67
CA LEU D 177 -22.05 -9.57 14.67
C LEU D 177 -20.95 -8.77 15.35
N MET D 178 -21.31 -8.06 16.43
CA MET D 178 -20.35 -7.30 17.22
C MET D 178 -19.24 -8.19 17.78
N PHE D 179 -19.59 -9.43 18.10
CA PHE D 179 -18.62 -10.42 18.58
C PHE D 179 -17.64 -10.75 17.47
N ALA D 180 -18.16 -11.18 16.33
CA ALA D 180 -17.34 -11.45 15.15
C ALA D 180 -16.47 -10.24 14.80
N TRP D 181 -17.08 -9.05 14.83
CA TRP D 181 -16.42 -7.81 14.41
C TRP D 181 -15.25 -7.40 15.30
N LYS D 182 -15.18 -7.98 16.50
CA LYS D 182 -14.08 -7.68 17.43
C LYS D 182 -13.06 -8.80 17.46
N ILE D 183 -13.55 -10.03 17.62
CA ILE D 183 -12.74 -11.24 17.60
C ILE D 183 -11.89 -11.34 16.32
N ALA D 184 -12.55 -11.30 15.16
CA ALA D 184 -11.93 -11.61 13.87
C ALA D 184 -10.65 -10.82 13.54
N PRO D 185 -10.72 -9.47 13.60
CA PRO D 185 -9.52 -8.68 13.31
C PRO D 185 -8.40 -8.92 14.32
N ALA D 186 -8.75 -8.95 15.60
CA ALA D 186 -7.80 -9.15 16.70
C ALA D 186 -7.05 -10.46 16.58
N LEU D 187 -7.77 -11.52 16.23
CA LEU D 187 -7.19 -12.85 16.04
C LEU D 187 -6.33 -12.92 14.78
N CYS D 188 -6.78 -12.24 13.74
CA CYS D 188 -6.04 -12.15 12.48
C CYS D 188 -4.64 -11.57 12.66
N CYS D 189 -4.52 -10.62 13.59
CA CYS D 189 -3.24 -9.96 13.87
C CYS D 189 -2.39 -10.70 14.91
N GLY D 190 -2.99 -11.68 15.57
CA GLY D 190 -2.25 -12.56 16.46
C GLY D 190 -2.38 -12.23 17.93
N ASN D 191 -3.32 -11.35 18.24
CA ASN D 191 -3.61 -10.97 19.63
C ASN D 191 -4.34 -12.09 20.40
N THR D 192 -4.53 -11.86 21.69
CA THR D 192 -5.37 -12.73 22.52
C THR D 192 -6.52 -11.88 23.05
N VAL D 193 -7.67 -12.51 23.27
CA VAL D 193 -8.90 -11.76 23.57
C VAL D 193 -9.53 -12.08 24.94
N VAL D 194 -9.91 -11.00 25.64
CA VAL D 194 -10.83 -11.09 26.79
C VAL D 194 -12.05 -10.25 26.41
N ILE D 195 -13.17 -10.93 26.14
CA ILE D 195 -14.35 -10.28 25.57
C ILE D 195 -15.55 -10.33 26.52
N LYS D 196 -16.26 -9.21 26.60
CA LYS D 196 -17.35 -9.06 27.54
C LYS D 196 -18.65 -8.70 26.80
N PRO D 197 -19.48 -9.72 26.53
CA PRO D 197 -20.75 -9.48 25.86
C PRO D 197 -21.74 -8.76 26.79
N ALA D 198 -22.72 -8.07 26.20
CA ALA D 198 -23.71 -7.32 26.99
C ALA D 198 -24.51 -8.25 27.90
N GLU D 199 -24.86 -7.74 29.07
CA GLU D 199 -25.54 -8.53 30.11
C GLU D 199 -26.91 -9.07 29.67
N GLN D 200 -27.53 -8.40 28.71
CA GLN D 200 -28.85 -8.80 28.24
C GLN D 200 -28.81 -9.84 27.11
N THR D 201 -27.67 -9.92 26.41
CA THR D 201 -27.50 -10.90 25.32
C THR D 201 -26.14 -11.59 25.28
N PRO D 202 -25.86 -12.49 26.25
CA PRO D 202 -24.57 -13.18 26.23
C PRO D 202 -24.57 -14.54 25.50
N LEU D 203 -25.77 -15.07 25.23
CA LEU D 203 -25.94 -16.46 24.78
C LEU D 203 -25.24 -16.80 23.46
N SER D 204 -25.43 -15.94 22.45
CA SER D 204 -24.80 -16.14 21.15
C SER D 204 -23.27 -16.15 21.25
N ALA D 205 -22.72 -15.28 22.10
CA ALA D 205 -21.28 -15.22 22.32
C ALA D 205 -20.75 -16.41 23.11
N LEU D 206 -21.49 -16.87 24.10
CA LEU D 206 -21.09 -18.05 24.87
C LEU D 206 -21.07 -19.33 24.02
N TYR D 207 -22.07 -19.47 23.15
CA TYR D 207 -22.12 -20.61 22.24
C TYR D 207 -20.88 -20.63 21.35
N MET D 208 -20.41 -19.45 20.97
CA MET D 208 -19.20 -19.33 20.16
C MET D 208 -17.97 -19.86 20.87
N GLY D 209 -18.05 -19.94 22.20
CA GLY D 209 -16.98 -20.52 23.01
C GLY D 209 -16.70 -21.96 22.61
N ALA D 210 -17.76 -22.75 22.54
CA ALA D 210 -17.68 -24.16 22.15
C ALA D 210 -17.04 -24.30 20.77
N LEU D 211 -17.49 -23.48 19.82
CA LEU D 211 -16.99 -23.52 18.44
C LEU D 211 -15.54 -23.05 18.34
N ILE D 212 -15.13 -22.21 19.28
CA ILE D 212 -13.73 -21.77 19.36
C ILE D 212 -12.83 -22.93 19.78
N LYS D 213 -13.24 -23.68 20.81
CA LYS D 213 -12.50 -24.87 21.24
C LYS D 213 -12.51 -25.95 20.17
N GLU D 214 -13.65 -26.13 19.51
CA GLU D 214 -13.81 -27.16 18.48
C GLU D 214 -12.93 -26.91 17.27
N ALA D 215 -12.82 -25.65 16.86
CA ALA D 215 -11.98 -25.27 15.73
C ALA D 215 -10.51 -25.50 16.04
N GLY D 216 -10.20 -25.62 17.33
CA GLY D 216 -8.85 -25.95 17.78
C GLY D 216 -8.00 -24.73 18.04
N PHE D 217 -8.63 -23.66 18.53
CA PHE D 217 -7.90 -22.48 18.97
C PHE D 217 -7.12 -22.81 20.23
N PRO D 218 -5.85 -22.36 20.30
CA PRO D 218 -5.04 -22.60 21.50
C PRO D 218 -5.74 -22.08 22.75
N PRO D 219 -5.55 -22.75 23.89
CA PRO D 219 -6.19 -22.30 25.13
C PRO D 219 -5.78 -20.87 25.50
N GLY D 220 -6.73 -20.07 25.96
CA GLY D 220 -6.45 -18.70 26.40
C GLY D 220 -6.37 -17.65 25.30
N VAL D 221 -6.60 -18.05 24.05
CA VAL D 221 -6.62 -17.10 22.93
C VAL D 221 -7.92 -16.29 22.93
N ILE D 222 -9.04 -16.95 23.19
CA ILE D 222 -10.30 -16.24 23.37
C ILE D 222 -10.91 -16.58 24.73
N ASN D 223 -10.97 -15.59 25.61
CA ASN D 223 -11.63 -15.71 26.90
C ASN D 223 -12.93 -14.90 26.91
N ILE D 224 -14.06 -15.61 26.99
CA ILE D 224 -15.38 -14.97 26.96
C ILE D 224 -15.95 -14.87 28.37
N LEU D 225 -16.30 -13.64 28.78
CA LEU D 225 -16.87 -13.42 30.11
C LEU D 225 -18.20 -12.64 30.09
N PRO D 226 -19.32 -13.35 30.31
CA PRO D 226 -20.62 -12.71 30.38
C PRO D 226 -20.84 -12.06 31.74
N GLY D 227 -21.41 -10.86 31.74
CA GLY D 227 -21.65 -10.11 32.98
C GLY D 227 -22.06 -8.67 32.77
N TYR D 228 -22.08 -7.92 33.87
CA TYR D 228 -22.53 -6.53 33.87
C TYR D 228 -21.42 -5.52 33.59
N GLY D 229 -21.82 -4.29 33.30
CA GLY D 229 -20.89 -3.21 32.99
C GLY D 229 -19.95 -2.82 34.11
N PRO D 230 -20.49 -2.17 35.16
CA PRO D 230 -19.69 -1.72 36.30
C PRO D 230 -18.84 -2.81 36.99
N THR D 231 -19.27 -4.06 36.93
CA THR D 231 -18.46 -5.15 37.49
C THR D 231 -17.41 -5.66 36.49
N ALA D 232 -17.84 -6.53 35.57
CA ALA D 232 -16.95 -7.17 34.60
C ALA D 232 -16.37 -6.17 33.60
N GLY D 233 -17.22 -5.34 33.01
CA GLY D 233 -16.78 -4.36 32.01
C GLY D 233 -15.73 -3.40 32.51
N ALA D 234 -15.99 -2.77 33.65
CA ALA D 234 -15.07 -1.80 34.25
C ALA D 234 -13.79 -2.44 34.79
N ALA D 235 -13.86 -3.74 35.11
CA ALA D 235 -12.68 -4.49 35.56
C ALA D 235 -11.65 -4.59 34.44
N ILE D 236 -12.14 -4.65 33.21
CA ILE D 236 -11.30 -4.71 32.01
C ILE D 236 -10.56 -3.38 31.80
N ALA D 237 -11.33 -2.31 31.69
CA ALA D 237 -10.79 -0.97 31.43
C ALA D 237 -9.80 -0.48 32.49
N SER D 238 -9.82 -1.13 33.66
CA SER D 238 -8.94 -0.77 34.77
C SER D 238 -7.75 -1.73 34.92
N HIS D 239 -7.91 -2.95 34.43
CA HIS D 239 -6.89 -3.98 34.60
C HIS D 239 -5.53 -3.47 34.15
N ILE D 240 -4.50 -3.79 34.94
CA ILE D 240 -3.14 -3.33 34.71
C ILE D 240 -2.37 -4.26 33.76
N GLY D 241 -3.02 -5.33 33.30
CA GLY D 241 -2.38 -6.32 32.44
C GLY D 241 -3.04 -6.50 31.08
N ILE D 242 -3.95 -5.58 30.72
CA ILE D 242 -4.59 -5.57 29.40
C ILE D 242 -4.01 -4.44 28.55
N ASP D 243 -3.45 -4.79 27.39
CA ASP D 243 -2.68 -3.85 26.58
C ASP D 243 -3.54 -2.89 25.76
N LYS D 244 -4.72 -3.33 25.37
CA LYS D 244 -5.60 -2.57 24.48
C LYS D 244 -7.06 -2.83 24.80
N ILE D 245 -7.89 -1.80 24.66
CA ILE D 245 -9.33 -1.93 24.85
C ILE D 245 -10.12 -1.36 23.69
N ALA D 246 -11.10 -2.14 23.20
CA ALA D 246 -12.01 -1.67 22.18
C ALA D 246 -13.44 -1.72 22.70
N PHE D 247 -14.03 -0.54 22.85
CA PHE D 247 -15.38 -0.40 23.35
C PHE D 247 -16.32 0.11 22.26
N THR D 248 -17.54 -0.42 22.25
CA THR D 248 -18.62 0.15 21.46
C THR D 248 -19.92 0.16 22.27
N GLY D 249 -20.60 1.31 22.29
CA GLY D 249 -21.85 1.48 23.02
C GLY D 249 -22.25 2.94 23.15
N SER D 250 -22.80 3.29 24.31
CA SER D 250 -23.25 4.66 24.59
C SER D 250 -22.08 5.60 24.88
N THR D 251 -22.29 6.89 24.59
CA THR D 251 -21.25 7.91 24.72
C THR D 251 -20.75 8.13 26.16
N GLU D 252 -21.66 8.18 27.14
CA GLU D 252 -21.26 8.48 28.52
C GLU D 252 -20.57 7.31 29.21
N VAL D 253 -20.79 6.10 28.70
CA VAL D 253 -20.06 4.93 29.17
C VAL D 253 -18.68 4.92 28.52
N GLY D 254 -18.62 5.33 27.25
CA GLY D 254 -17.36 5.51 26.53
C GLY D 254 -16.46 6.57 27.13
N LYS D 255 -17.06 7.65 27.65
CA LYS D 255 -16.31 8.72 28.34
C LYS D 255 -15.62 8.21 29.60
N LEU D 256 -16.23 7.21 30.26
CA LEU D 256 -15.66 6.60 31.45
C LEU D 256 -14.63 5.52 31.13
N ILE D 257 -14.62 5.06 29.88
CA ILE D 257 -13.67 4.05 29.42
C ILE D 257 -12.29 4.66 29.19
N GLN D 258 -12.22 5.73 28.38
CA GLN D 258 -10.95 6.37 28.04
C GLN D 258 -10.30 7.00 29.27
N GLU D 259 -11.13 7.40 30.23
CA GLU D 259 -10.66 8.00 31.47
C GLU D 259 -10.03 6.97 32.42
N ALA D 260 -10.73 5.86 32.64
CA ALA D 260 -10.27 4.79 33.52
C ALA D 260 -9.09 4.01 32.92
N ALA D 261 -8.92 4.11 31.61
CA ALA D 261 -7.78 3.52 30.91
C ALA D 261 -6.53 4.38 31.09
N GLY D 262 -6.73 5.70 31.15
CA GLY D 262 -5.63 6.65 31.33
C GLY D 262 -5.16 6.78 32.77
N ARG D 263 -5.94 6.23 33.69
CA ARG D 263 -5.59 6.25 35.11
C ARG D 263 -4.89 4.96 35.54
N SER D 264 -4.97 3.94 34.69
CA SER D 264 -4.41 2.62 35.01
C SER D 264 -3.04 2.36 34.37
N ASN D 265 -3.01 2.17 33.05
CA ASN D 265 -1.78 1.79 32.36
C ASN D 265 -1.57 2.46 30.99
N LEU D 266 -2.41 3.43 30.66
CA LEU D 266 -2.39 4.14 29.37
C LEU D 266 -2.57 3.20 28.17
N LYS D 267 -3.41 2.18 28.34
CA LYS D 267 -3.72 1.22 27.28
C LYS D 267 -4.40 1.90 26.09
N ARG D 268 -4.14 1.41 24.88
CA ARG D 268 -4.72 1.99 23.67
C ARG D 268 -6.23 1.88 23.68
N VAL D 269 -6.90 2.99 23.42
CA VAL D 269 -8.37 3.04 23.48
C VAL D 269 -8.97 3.28 22.10
N THR D 270 -9.88 2.38 21.71
CA THR D 270 -10.70 2.57 20.51
C THR D 270 -12.17 2.56 20.89
N LEU D 271 -12.80 3.72 20.76
CA LEU D 271 -14.22 3.85 20.99
C LEU D 271 -15.01 3.73 19.68
N GLU D 272 -16.28 3.37 19.82
CA GLU D 272 -17.18 3.28 18.69
C GLU D 272 -18.56 3.64 19.20
N LEU D 273 -18.78 4.94 19.35
CA LEU D 273 -19.98 5.47 19.97
C LEU D 273 -21.09 5.68 18.94
N GLY D 274 -22.30 5.92 19.44
CA GLY D 274 -23.44 6.14 18.57
C GLY D 274 -23.40 7.53 17.95
N GLY D 275 -24.59 8.06 17.68
CA GLY D 275 -24.72 9.38 17.08
C GLY D 275 -25.72 9.38 15.95
N LYS D 276 -26.32 10.54 15.71
CA LYS D 276 -27.31 10.73 14.64
C LYS D 276 -26.73 10.44 13.25
N SER D 277 -27.61 10.01 12.35
CA SER D 277 -27.22 9.67 10.99
C SER D 277 -28.27 10.15 10.01
N PRO D 278 -28.04 11.35 9.42
CA PRO D 278 -29.00 11.99 8.52
C PRO D 278 -29.14 11.33 7.14
N ASN D 279 -30.38 11.04 6.76
CA ASN D 279 -30.71 10.63 5.40
C ASN D 279 -31.18 11.85 4.61
N ILE D 280 -30.59 12.08 3.44
CA ILE D 280 -30.97 13.20 2.60
C ILE D 280 -31.57 12.69 1.29
N ILE D 281 -32.80 13.09 1.01
CA ILE D 281 -33.51 12.64 -0.18
C ILE D 281 -33.90 13.83 -1.04
N PHE D 282 -33.36 13.89 -2.25
CA PHE D 282 -33.66 14.95 -3.20
C PHE D 282 -34.84 14.56 -4.09
N ALA D 283 -35.37 15.54 -4.82
CA ALA D 283 -36.58 15.36 -5.61
C ALA D 283 -36.41 14.44 -6.82
N ASP D 284 -35.22 14.46 -7.41
CA ASP D 284 -34.93 13.69 -8.62
C ASP D 284 -34.80 12.19 -8.38
N ALA D 285 -34.63 11.79 -7.12
CA ALA D 285 -34.53 10.38 -6.73
C ALA D 285 -35.84 9.63 -6.96
N ASP D 286 -35.75 8.34 -7.26
CA ASP D 286 -36.93 7.50 -7.48
C ASP D 286 -37.65 7.20 -6.17
N LEU D 287 -38.88 7.69 -6.08
CA LEU D 287 -39.70 7.62 -4.87
C LEU D 287 -39.84 6.20 -4.32
N ASP D 288 -40.18 5.25 -5.20
CA ASP D 288 -40.41 3.85 -4.82
C ASP D 288 -39.22 3.21 -4.09
N TYR D 289 -38.03 3.52 -4.56
CA TYR D 289 -36.80 2.98 -3.97
C TYR D 289 -36.38 3.77 -2.72
N ALA D 290 -36.49 5.09 -2.80
CA ALA D 290 -36.06 5.98 -1.72
C ALA D 290 -36.85 5.77 -0.44
N VAL D 291 -38.18 5.73 -0.57
CA VAL D 291 -39.05 5.51 0.59
C VAL D 291 -38.79 4.16 1.23
N GLU D 292 -38.59 3.14 0.41
CA GLU D 292 -38.34 1.78 0.88
C GLU D 292 -37.01 1.66 1.63
N GLN D 293 -35.94 2.21 1.06
CA GLN D 293 -34.59 2.08 1.65
C GLN D 293 -34.38 2.96 2.88
N ALA D 294 -35.03 4.14 2.90
CA ALA D 294 -34.96 5.03 4.05
C ALA D 294 -35.81 4.52 5.20
N HIS D 295 -36.89 3.81 4.86
CA HIS D 295 -37.74 3.11 5.85
C HIS D 295 -36.97 1.95 6.48
N GLN D 296 -36.37 1.11 5.65
CA GLN D 296 -35.52 0.01 6.12
C GLN D 296 -34.19 0.52 6.67
N GLY D 297 -33.96 1.82 6.55
CA GLY D 297 -32.81 2.47 7.17
C GLY D 297 -33.05 2.70 8.65
N VAL D 298 -34.23 3.23 8.97
CA VAL D 298 -34.59 3.55 10.36
C VAL D 298 -35.07 2.32 11.12
N PHE D 299 -35.98 1.55 10.52
CA PHE D 299 -36.70 0.46 11.19
C PHE D 299 -35.96 -0.88 11.25
N PHE D 300 -34.83 -0.98 10.54
CA PHE D 300 -34.03 -2.20 10.52
C PHE D 300 -33.52 -2.53 11.93
N ASN D 301 -33.57 -3.83 12.28
CA ASN D 301 -33.21 -4.34 13.61
C ASN D 301 -33.87 -3.56 14.77
N GLN D 302 -35.18 -3.36 14.65
CA GLN D 302 -36.00 -2.68 15.67
C GLN D 302 -35.60 -1.22 15.93
N GLY D 303 -34.88 -0.61 14.99
CA GLY D 303 -34.44 0.78 15.11
C GLY D 303 -33.28 1.03 16.06
N GLN D 304 -32.84 -0.03 16.74
CA GLN D 304 -31.79 0.09 17.76
C GLN D 304 -30.42 -0.36 17.25
N CYS D 305 -29.82 0.50 16.43
CA CYS D 305 -28.45 0.30 15.95
C CYS D 305 -27.73 1.62 15.67
N CYS D 306 -26.50 1.72 16.17
CA CYS D 306 -25.66 2.90 15.98
C CYS D 306 -25.42 3.21 14.50
N THR D 307 -25.43 2.16 13.69
CA THR D 307 -25.28 2.26 12.24
C THR D 307 -26.47 2.94 11.55
N ALA D 308 -27.66 2.79 12.14
CA ALA D 308 -28.89 3.40 11.61
C ALA D 308 -28.96 4.89 11.89
N GLY D 309 -29.93 5.56 11.25
CA GLY D 309 -30.13 7.00 11.39
C GLY D 309 -31.58 7.43 11.29
N SER D 310 -32.08 8.00 12.37
CA SER D 310 -33.51 8.28 12.53
C SER D 310 -34.00 9.51 11.75
N ARG D 311 -33.15 10.54 11.65
CA ARG D 311 -33.56 11.80 11.04
C ARG D 311 -33.41 11.80 9.52
N ILE D 312 -34.49 12.15 8.82
CA ILE D 312 -34.53 12.15 7.36
C ILE D 312 -34.94 13.53 6.84
N PHE D 313 -34.11 14.09 5.98
CA PHE D 313 -34.41 15.36 5.31
C PHE D 313 -34.96 15.09 3.91
N VAL D 314 -36.17 15.57 3.66
CA VAL D 314 -36.85 15.38 2.38
C VAL D 314 -37.09 16.74 1.71
N GLU D 315 -36.80 16.82 0.41
CA GLU D 315 -36.97 18.07 -0.35
C GLU D 315 -38.44 18.49 -0.40
N GLU D 316 -38.67 19.80 -0.32
CA GLU D 316 -40.01 20.38 -0.25
C GLU D 316 -40.99 19.88 -1.33
N SER D 317 -40.47 19.70 -2.54
CA SER D 317 -41.25 19.26 -3.70
C SER D 317 -41.97 17.94 -3.49
N ILE D 318 -41.27 16.97 -2.91
CA ILE D 318 -41.78 15.61 -2.74
C ILE D 318 -42.18 15.30 -1.30
N TYR D 319 -42.05 16.29 -0.43
CA TYR D 319 -42.33 16.14 1.00
C TYR D 319 -43.72 15.57 1.30
N GLU D 320 -44.72 16.07 0.58
CA GLU D 320 -46.10 15.59 0.72
C GLU D 320 -46.23 14.10 0.41
N GLU D 321 -45.67 13.69 -0.73
CA GLU D 321 -45.72 12.30 -1.17
C GLU D 321 -44.95 11.36 -0.26
N PHE D 322 -43.79 11.81 0.21
CA PHE D 322 -42.89 10.99 1.01
C PHE D 322 -43.50 10.58 2.36
N VAL D 323 -44.16 11.52 3.03
CA VAL D 323 -44.92 11.25 4.24
C VAL D 323 -46.02 10.23 3.92
N ARG D 324 -46.83 10.57 2.91
CA ARG D 324 -47.94 9.72 2.47
C ARG D 324 -47.50 8.31 2.07
N ARG D 325 -46.27 8.18 1.58
CA ARG D 325 -45.69 6.87 1.26
C ARG D 325 -45.18 6.18 2.52
N SER D 326 -44.53 6.95 3.40
CA SER D 326 -43.95 6.42 4.64
C SER D 326 -45.00 5.97 5.64
N VAL D 327 -46.16 6.64 5.64
CA VAL D 327 -47.25 6.27 6.56
C VAL D 327 -47.91 4.95 6.14
N GLU D 328 -47.90 4.67 4.83
CA GLU D 328 -48.44 3.41 4.31
C GLU D 328 -47.48 2.24 4.52
N ARG D 329 -46.18 2.54 4.60
CA ARG D 329 -45.16 1.53 4.87
C ARG D 329 -45.06 1.14 6.35
N ALA D 330 -45.53 2.03 7.21
CA ALA D 330 -45.52 1.80 8.66
C ALA D 330 -46.80 1.13 9.14
N LYS D 331 -47.92 1.47 8.49
CA LYS D 331 -49.22 0.88 8.78
C LYS D 331 -49.28 -0.61 8.41
N ARG D 332 -48.53 -1.00 7.39
CA ARG D 332 -48.51 -2.39 6.91
C ARG D 332 -47.37 -3.20 7.52
N ARG D 333 -46.44 -2.52 8.18
CA ARG D 333 -45.27 -3.15 8.80
C ARG D 333 -45.70 -4.15 9.88
N VAL D 334 -45.68 -5.44 9.53
CA VAL D 334 -46.10 -6.50 10.47
C VAL D 334 -45.11 -6.64 11.64
N VAL D 335 -45.63 -6.40 12.84
CA VAL D 335 -44.84 -6.50 14.06
C VAL D 335 -45.41 -7.64 14.87
N GLY D 336 -44.52 -8.44 15.46
CA GLY D 336 -44.93 -9.59 16.26
C GLY D 336 -43.80 -10.54 16.58
N SER D 337 -44.15 -11.79 16.87
CA SER D 337 -43.20 -12.82 17.30
C SER D 337 -42.02 -12.99 16.33
N PRO D 338 -40.79 -12.94 16.86
CA PRO D 338 -39.57 -13.09 16.06
C PRO D 338 -39.44 -14.43 15.34
N PHE D 339 -40.03 -15.49 15.91
CA PHE D 339 -39.98 -16.83 15.31
C PHE D 339 -40.96 -16.98 14.16
N ASP D 340 -41.97 -16.10 14.14
CA ASP D 340 -42.97 -16.10 13.08
C ASP D 340 -42.35 -15.53 11.80
N PRO D 341 -42.47 -16.28 10.67
CA PRO D 341 -41.80 -15.90 9.42
C PRO D 341 -42.31 -14.61 8.80
N THR D 342 -43.56 -14.26 9.07
CA THR D 342 -44.19 -13.08 8.48
C THR D 342 -43.68 -11.76 9.05
N THR D 343 -43.28 -11.77 10.32
CA THR D 343 -43.00 -10.53 11.05
C THR D 343 -41.77 -9.78 10.58
N GLU D 344 -41.93 -8.47 10.40
CA GLU D 344 -40.85 -7.60 9.95
C GLU D 344 -40.09 -7.02 11.13
N GLN D 345 -40.78 -6.87 12.26
CA GLN D 345 -40.23 -6.17 13.41
C GLN D 345 -40.41 -6.98 14.69
N GLY D 346 -39.32 -7.12 15.43
CA GLY D 346 -39.35 -7.77 16.74
C GLY D 346 -39.60 -6.77 17.86
N PRO D 347 -39.48 -7.23 19.12
CA PRO D 347 -39.65 -6.37 20.28
C PRO D 347 -38.36 -5.63 20.58
N GLN D 348 -38.43 -4.60 21.44
CA GLN D 348 -37.24 -3.92 21.92
C GLN D 348 -36.58 -4.78 22.99
N ILE D 349 -35.31 -4.53 23.27
CA ILE D 349 -34.51 -5.39 24.14
C ILE D 349 -34.88 -5.30 25.64
N ASP D 350 -35.15 -4.09 26.11
CA ASP D 350 -35.27 -3.80 27.54
C ASP D 350 -36.60 -3.16 27.92
N LYS D 351 -36.90 -3.23 29.21
CA LYS D 351 -37.90 -2.35 29.82
C LYS D 351 -37.31 -0.95 29.88
N LYS D 352 -36.01 -0.88 30.22
CA LYS D 352 -35.27 0.39 30.27
C LYS D 352 -35.24 1.10 28.91
N GLN D 353 -35.11 0.31 27.86
CA GLN D 353 -35.12 0.83 26.50
C GLN D 353 -36.55 1.17 26.07
N TYR D 354 -37.47 0.26 26.33
CA TYR D 354 -38.89 0.46 26.01
C TYR D 354 -39.39 1.78 26.58
N ASN D 355 -39.10 2.02 27.86
CA ASN D 355 -39.52 3.24 28.54
C ASN D 355 -38.89 4.49 27.95
N LYS D 356 -37.61 4.39 27.62
CA LYS D 356 -36.83 5.53 27.12
C LYS D 356 -37.33 6.02 25.76
N ILE D 357 -37.81 5.10 24.93
CA ILE D 357 -38.36 5.42 23.61
C ILE D 357 -39.71 6.11 23.74
N LEU D 358 -40.61 5.54 24.53
CA LEU D 358 -41.94 6.11 24.77
C LEU D 358 -41.86 7.56 25.29
N GLU D 359 -40.95 7.79 26.23
CA GLU D 359 -40.67 9.11 26.79
C GLU D 359 -40.34 10.14 25.70
N LEU D 360 -39.48 9.72 24.77
CA LEU D 360 -39.04 10.58 23.68
C LEU D 360 -40.14 10.83 22.65
N ILE D 361 -41.06 9.88 22.51
CA ILE D 361 -42.22 10.02 21.62
C ILE D 361 -43.17 11.12 22.11
N GLN D 362 -43.69 10.99 23.33
CA GLN D 362 -44.60 11.99 23.91
C GLN D 362 -43.90 13.32 24.17
N SER D 363 -42.58 13.30 24.13
CA SER D 363 -41.76 14.50 24.09
C SER D 363 -41.96 15.20 22.75
N GLY D 364 -41.86 14.43 21.68
CA GLY D 364 -42.07 14.92 20.32
C GLY D 364 -43.49 15.35 20.03
N VAL D 365 -44.45 14.64 20.62
CA VAL D 365 -45.87 14.97 20.49
C VAL D 365 -46.15 16.32 21.15
N ALA D 366 -45.67 16.49 22.39
CA ALA D 366 -45.89 17.72 23.16
C ALA D 366 -45.07 18.91 22.66
N GLU D 367 -44.27 18.70 21.62
CA GLU D 367 -43.35 19.74 21.13
C GLU D 367 -43.68 20.28 19.73
N GLY D 368 -44.76 19.78 19.12
CA GLY D 368 -45.23 20.31 17.84
C GLY D 368 -45.35 19.31 16.71
N ALA D 369 -44.37 18.41 16.61
CA ALA D 369 -44.32 17.38 15.57
C ALA D 369 -45.63 16.61 15.42
N LYS D 370 -45.94 16.20 14.18
CA LYS D 370 -47.20 15.52 13.87
C LYS D 370 -47.07 14.00 13.96
N LEU D 371 -47.76 13.42 14.95
CA LEU D 371 -47.84 11.97 15.09
C LEU D 371 -48.73 11.40 13.98
N GLU D 372 -48.08 10.85 12.97
CA GLU D 372 -48.78 10.29 11.81
C GLU D 372 -49.38 8.93 12.13
N CYS D 373 -48.57 8.07 12.75
CA CYS D 373 -48.99 6.72 13.13
C CYS D 373 -48.17 6.24 14.32
N GLY D 374 -48.72 5.27 15.06
CA GLY D 374 -48.03 4.67 16.19
C GLY D 374 -48.05 5.51 17.45
N GLY D 375 -46.92 5.49 18.18
CA GLY D 375 -46.78 6.25 19.43
C GLY D 375 -46.86 5.36 20.65
N LYS D 376 -47.93 4.59 20.75
CA LYS D 376 -48.15 3.68 21.89
C LYS D 376 -47.46 2.34 21.67
N GLY D 377 -47.28 1.59 22.76
CA GLY D 377 -46.78 0.22 22.68
C GLY D 377 -47.84 -0.72 22.17
N LEU D 378 -47.48 -1.99 21.96
CA LEU D 378 -48.43 -2.94 21.35
C LEU D 378 -49.31 -3.77 22.29
N GLY D 379 -48.73 -4.33 23.34
CA GLY D 379 -49.51 -5.11 24.30
C GLY D 379 -48.76 -5.50 25.57
N ARG D 380 -49.42 -6.31 26.39
CA ARG D 380 -48.84 -6.81 27.64
C ARG D 380 -48.00 -8.04 27.35
N LYS D 381 -46.68 -7.90 27.60
CA LYS D 381 -45.70 -8.98 27.45
C LYS D 381 -44.76 -8.67 26.31
N GLY D 382 -43.48 -8.66 26.64
CA GLY D 382 -42.46 -8.20 25.72
C GLY D 382 -42.43 -6.68 25.72
N PHE D 383 -41.78 -6.13 24.70
CA PHE D 383 -41.55 -4.69 24.63
C PHE D 383 -41.74 -4.22 23.20
N PHE D 384 -42.95 -4.39 22.68
CA PHE D 384 -43.29 -3.98 21.33
C PHE D 384 -43.78 -2.55 21.29
N ILE D 385 -43.19 -1.75 20.40
CA ILE D 385 -43.67 -0.41 20.11
C ILE D 385 -44.12 -0.41 18.65
N GLU D 386 -45.35 0.05 18.41
CA GLU D 386 -45.87 0.11 17.04
C GLU D 386 -45.17 1.20 16.20
N PRO D 387 -44.80 0.87 14.95
CA PRO D 387 -44.08 1.77 14.03
C PRO D 387 -44.60 3.20 14.10
N THR D 388 -43.68 4.15 14.22
CA THR D 388 -44.03 5.54 14.48
C THR D 388 -43.38 6.50 13.47
N VAL D 389 -44.19 7.38 12.90
CA VAL D 389 -43.72 8.40 11.96
C VAL D 389 -44.06 9.79 12.49
N PHE D 390 -43.05 10.64 12.64
CA PHE D 390 -43.26 12.04 12.99
C PHE D 390 -43.03 12.96 11.80
N SER D 391 -43.94 13.91 11.63
CA SER D 391 -43.90 14.85 10.51
C SER D 391 -43.60 16.27 10.97
N ASN D 392 -43.12 17.09 10.03
CA ASN D 392 -42.82 18.50 10.29
C ASN D 392 -41.91 18.74 11.49
N VAL D 393 -40.82 17.96 11.55
CA VAL D 393 -39.85 18.05 12.64
C VAL D 393 -38.84 19.16 12.33
N THR D 394 -38.38 19.85 13.38
CA THR D 394 -37.33 20.87 13.22
C THR D 394 -36.08 20.53 14.03
N ASP D 395 -34.97 21.17 13.68
CA ASP D 395 -33.65 20.88 14.25
C ASP D 395 -33.52 21.07 15.76
N ASP D 396 -34.18 22.11 16.26
CA ASP D 396 -34.10 22.49 17.67
C ASP D 396 -34.80 21.52 18.63
N MET D 397 -35.68 20.69 18.08
CA MET D 397 -36.52 19.77 18.88
C MET D 397 -35.71 18.69 19.61
N ARG D 398 -36.25 18.24 20.75
CA ARG D 398 -35.59 17.24 21.58
C ARG D 398 -35.33 15.94 20.83
N ILE D 399 -36.26 15.54 19.97
CA ILE D 399 -36.12 14.29 19.21
C ILE D 399 -35.07 14.37 18.10
N ALA D 400 -34.71 15.60 17.71
CA ALA D 400 -33.74 15.84 16.65
C ALA D 400 -32.29 15.77 17.15
N LYS D 401 -32.05 16.28 18.36
CA LYS D 401 -30.71 16.28 18.96
C LYS D 401 -30.31 14.89 19.46
N GLU D 402 -31.11 14.33 20.38
CA GLU D 402 -30.91 12.98 20.89
C GLU D 402 -31.58 12.02 19.93
N GLU D 403 -30.83 11.05 19.41
CA GLU D 403 -31.42 10.06 18.52
C GLU D 403 -32.20 9.01 19.29
N ILE D 404 -33.41 8.72 18.81
CA ILE D 404 -34.26 7.68 19.39
C ILE D 404 -33.77 6.33 18.89
N PHE D 405 -33.46 5.46 19.83
CA PHE D 405 -32.91 4.14 19.54
C PHE D 405 -34.00 3.07 19.36
N GLY D 406 -35.12 3.46 18.76
CA GLY D 406 -36.24 2.56 18.52
C GLY D 406 -36.89 2.77 17.16
N PRO D 407 -38.09 2.17 16.95
CA PRO D 407 -38.81 2.28 15.69
C PRO D 407 -39.60 3.58 15.57
N VAL D 408 -38.87 4.69 15.46
CA VAL D 408 -39.46 6.01 15.29
C VAL D 408 -38.70 6.74 14.20
N GLN D 409 -39.36 7.01 13.08
CA GLN D 409 -38.71 7.79 12.03
C GLN D 409 -39.16 9.25 12.07
N GLU D 410 -38.29 10.14 11.65
CA GLU D 410 -38.58 11.57 11.63
C GLU D 410 -38.36 12.12 10.23
N ILE D 411 -39.37 12.83 9.73
CA ILE D 411 -39.31 13.41 8.39
C ILE D 411 -39.29 14.94 8.46
N LEU D 412 -38.20 15.53 7.97
CA LEU D 412 -38.00 16.97 7.97
C LEU D 412 -38.02 17.51 6.55
N ARG D 413 -38.28 18.82 6.40
CA ARG D 413 -38.26 19.45 5.08
C ARG D 413 -37.09 20.41 4.93
N PHE D 414 -36.54 20.49 3.72
CA PHE D 414 -35.45 21.41 3.43
C PHE D 414 -35.58 22.06 2.05
N LYS D 415 -35.00 23.25 1.93
CA LYS D 415 -35.12 24.08 0.74
C LYS D 415 -33.95 23.87 -0.23
N THR D 416 -32.75 24.29 0.18
CA THR D 416 -31.57 24.24 -0.67
C THR D 416 -30.55 23.20 -0.20
N MET D 417 -29.59 22.88 -1.08
CA MET D 417 -28.51 21.94 -0.78
C MET D 417 -27.61 22.48 0.33
N ASP D 418 -27.29 23.77 0.26
CA ASP D 418 -26.50 24.45 1.28
C ASP D 418 -27.13 24.30 2.66
N GLU D 419 -28.47 24.31 2.69
CA GLU D 419 -29.21 24.20 3.94
C GLU D 419 -28.97 22.86 4.64
N VAL D 420 -29.22 21.76 3.93
CA VAL D 420 -29.03 20.42 4.51
C VAL D 420 -27.62 20.11 4.93
N ILE D 421 -26.65 20.52 4.12
CA ILE D 421 -25.23 20.27 4.44
C ILE D 421 -24.88 20.86 5.80
N GLU D 422 -25.29 22.11 6.02
CA GLU D 422 -25.13 22.76 7.32
C GLU D 422 -25.96 22.09 8.43
N ARG D 423 -27.21 21.75 8.10
CA ARG D 423 -28.13 21.16 9.06
C ARG D 423 -27.74 19.73 9.48
N ALA D 424 -27.26 18.94 8.52
CA ALA D 424 -26.84 17.57 8.78
C ALA D 424 -25.48 17.49 9.46
N ASN D 425 -24.56 18.39 9.08
CA ASN D 425 -23.25 18.48 9.71
C ASN D 425 -23.32 18.85 11.18
N ASN D 426 -24.38 19.56 11.56
CA ASN D 426 -24.58 20.01 12.92
C ASN D 426 -24.87 18.85 13.88
N SER D 427 -23.78 18.22 14.32
CA SER D 427 -23.86 17.06 15.21
C SER D 427 -22.60 16.97 16.08
N ASP D 428 -22.68 16.18 17.14
CA ASP D 428 -21.55 15.95 18.03
C ASP D 428 -20.85 14.60 17.76
N PHE D 429 -19.60 14.70 17.33
CA PHE D 429 -18.72 13.57 16.95
C PHE D 429 -19.27 12.61 15.87
N GLY D 430 -19.91 11.51 16.28
CA GLY D 430 -20.35 10.46 15.34
C GLY D 430 -21.28 10.91 14.22
N LEU D 431 -21.01 10.46 13.00
CA LEU D 431 -21.85 10.78 11.84
C LEU D 431 -21.74 9.77 10.69
N VAL D 432 -22.91 9.43 10.13
CA VAL D 432 -23.03 8.58 8.94
C VAL D 432 -24.07 9.22 8.04
N ALA D 433 -23.74 9.39 6.76
CA ALA D 433 -24.65 10.04 5.82
C ALA D 433 -25.24 9.07 4.78
N ALA D 434 -26.42 9.41 4.28
CA ALA D 434 -27.06 8.66 3.20
C ALA D 434 -27.84 9.60 2.28
N VAL D 435 -27.36 9.74 1.04
CA VAL D 435 -28.02 10.58 0.04
C VAL D 435 -28.73 9.78 -1.06
N PHE D 436 -29.91 10.27 -1.46
CA PHE D 436 -30.66 9.68 -2.55
C PHE D 436 -30.88 10.70 -3.65
N THR D 437 -30.20 10.50 -4.77
CA THR D 437 -30.18 11.43 -5.89
C THR D 437 -29.83 10.67 -7.17
N ASN D 438 -30.13 11.27 -8.31
CA ASN D 438 -29.64 10.77 -9.59
C ASN D 438 -28.73 11.79 -10.27
N ASP D 439 -28.50 12.90 -9.58
CA ASP D 439 -27.61 13.97 -10.03
C ASP D 439 -26.19 13.76 -9.48
N ILE D 440 -25.22 13.68 -10.38
CA ILE D 440 -23.81 13.44 -10.03
C ILE D 440 -23.24 14.59 -9.22
N ASN D 441 -23.48 15.82 -9.69
CA ASN D 441 -22.98 17.03 -9.05
C ASN D 441 -23.58 17.26 -7.67
N LYS D 442 -24.82 16.80 -7.47
CA LYS D 442 -25.47 16.87 -6.17
C LYS D 442 -24.92 15.82 -5.21
N ALA D 443 -24.76 14.59 -5.70
CA ALA D 443 -24.24 13.49 -4.89
C ALA D 443 -22.79 13.72 -4.45
N LEU D 444 -21.94 14.12 -5.39
CA LEU D 444 -20.52 14.33 -5.11
C LEU D 444 -20.23 15.56 -4.25
N THR D 445 -21.06 16.59 -4.37
CA THR D 445 -20.94 17.77 -3.50
C THR D 445 -21.28 17.39 -2.06
N VAL D 446 -22.41 16.71 -1.88
CA VAL D 446 -22.89 16.35 -0.55
C VAL D 446 -22.01 15.30 0.12
N SER D 447 -21.66 14.24 -0.61
CA SER D 447 -20.82 13.17 -0.07
C SER D 447 -19.45 13.67 0.38
N SER D 448 -18.89 14.64 -0.34
CA SER D 448 -17.60 15.21 -0.01
C SER D 448 -17.67 16.16 1.19
N ALA D 449 -18.72 16.98 1.21
CA ALA D 449 -18.87 18.03 2.22
C ALA D 449 -19.32 17.49 3.57
N MET D 450 -19.97 16.33 3.55
CA MET D 450 -20.56 15.74 4.75
C MET D 450 -19.49 15.33 5.75
N GLN D 451 -19.61 15.84 6.98
CA GLN D 451 -18.64 15.57 8.03
C GLN D 451 -18.88 14.22 8.70
N ALA D 452 -18.81 13.16 7.90
CA ALA D 452 -19.11 11.82 8.38
C ALA D 452 -17.96 10.85 8.15
N GLY D 453 -18.04 9.68 8.77
CA GLY D 453 -17.07 8.62 8.58
C GLY D 453 -17.40 7.81 7.34
N THR D 454 -18.65 7.34 7.28
CA THR D 454 -19.12 6.60 6.12
C THR D 454 -20.28 7.34 5.46
N VAL D 455 -20.31 7.33 4.12
CA VAL D 455 -21.39 7.95 3.36
C VAL D 455 -21.94 6.98 2.33
N TRP D 456 -23.23 6.66 2.45
CA TRP D 456 -23.89 5.80 1.47
C TRP D 456 -24.57 6.65 0.40
N ILE D 457 -24.42 6.26 -0.85
CA ILE D 457 -25.11 6.95 -1.95
C ILE D 457 -26.10 6.00 -2.63
N ASN D 458 -27.38 6.35 -2.54
CA ASN D 458 -28.50 5.57 -3.10
C ASN D 458 -28.75 4.19 -2.47
N CYS D 459 -28.42 4.06 -1.19
CA CYS D 459 -28.54 2.80 -0.46
C CYS D 459 -28.36 3.04 1.04
N TYR D 460 -28.37 1.97 1.83
CA TYR D 460 -28.12 2.07 3.27
C TYR D 460 -27.36 0.87 3.85
N ASN D 461 -27.63 -0.32 3.31
CA ASN D 461 -26.86 -1.55 3.61
C ASN D 461 -26.92 -2.01 5.09
N ALA D 462 -26.15 -3.06 5.41
CA ALA D 462 -26.08 -3.59 6.77
C ALA D 462 -25.28 -2.67 7.69
N GLY D 482 -12.63 -3.49 6.44
CA GLY D 482 -11.57 -3.53 5.40
C GLY D 482 -10.17 -3.53 6.00
N GLU D 483 -9.19 -3.14 5.18
CA GLU D 483 -7.79 -3.08 5.61
C GLU D 483 -7.56 -2.18 6.82
N PHE D 484 -8.26 -1.04 6.86
CA PHE D 484 -8.15 -0.09 7.96
C PHE D 484 -8.72 -0.64 9.27
N GLY D 485 -9.42 -1.78 9.18
CA GLY D 485 -9.97 -2.45 10.35
C GLY D 485 -8.91 -3.09 11.24
N LEU D 486 -7.83 -3.58 10.63
CA LEU D 486 -6.77 -4.27 11.36
C LEU D 486 -5.56 -3.39 11.71
N ARG D 487 -5.64 -2.11 11.36
CA ARG D 487 -4.58 -1.16 11.71
C ARG D 487 -4.57 -0.84 13.20
N GLU D 488 -5.72 -1.06 13.83
CA GLU D 488 -5.90 -0.77 15.25
C GLU D 488 -5.56 -1.96 16.16
N TYR D 489 -5.27 -3.11 15.56
CA TYR D 489 -4.97 -4.34 16.34
C TYR D 489 -3.53 -4.83 16.25
N SER D 490 -2.68 -4.09 15.54
CA SER D 490 -1.25 -4.38 15.49
C SER D 490 -0.43 -3.11 15.64
N GLU D 491 0.75 -3.22 16.24
CA GLU D 491 1.64 -2.08 16.39
C GLU D 491 2.92 -2.18 15.53
N VAL D 492 3.25 -1.06 14.89
CA VAL D 492 4.43 -0.95 14.02
C VAL D 492 5.72 -1.06 14.84
N LYS D 493 6.69 -1.76 14.27
CA LYS D 493 8.01 -1.88 14.88
C LYS D 493 9.09 -1.64 13.82
N THR D 494 9.67 -0.45 13.85
CA THR D 494 10.75 -0.10 12.92
C THR D 494 12.08 -0.69 13.40
N VAL D 495 12.82 -1.30 12.49
CA VAL D 495 14.16 -1.82 12.80
C VAL D 495 15.13 -1.33 11.73
N THR D 496 16.13 -0.57 12.15
CA THR D 496 17.08 0.02 11.20
C THR D 496 18.49 -0.56 11.37
N VAL D 497 19.08 -1.02 10.27
CA VAL D 497 20.39 -1.69 10.31
C VAL D 497 21.45 -0.82 9.63
N LYS D 498 22.61 -0.71 10.28
CA LYS D 498 23.77 -0.02 9.71
C LYS D 498 24.48 -0.95 8.74
N ILE D 499 24.59 -0.51 7.50
CA ILE D 499 25.21 -1.32 6.45
C ILE D 499 26.58 -0.75 6.01
N PRO D 500 27.48 -1.62 5.50
CA PRO D 500 28.82 -1.19 5.08
C PRO D 500 28.79 -0.10 4.01
N GLN D 501 27.99 -0.30 2.97
CA GLN D 501 27.85 0.66 1.88
C GLN D 501 26.49 0.54 1.23
N LYS D 502 25.82 1.67 1.04
CA LYS D 502 24.50 1.68 0.43
C LYS D 502 24.54 1.92 -1.07
N ASN D 503 23.82 1.08 -1.81
CA ASN D 503 23.56 1.31 -3.22
C ASN D 503 22.05 1.33 -3.47
N SER D 504 21.65 1.79 -4.65
CA SER D 504 20.23 1.94 -4.98
C SER D 504 19.51 0.59 -5.03
PA NAD E . 6.35 6.92 -35.02
O1A NAD E . 6.33 6.89 -36.54
O2A NAD E . 6.47 5.63 -34.25
O5B NAD E . 7.52 7.91 -34.55
C5B NAD E . 7.74 8.15 -33.17
C4B NAD E . 9.19 7.84 -32.80
O4B NAD E . 9.54 6.50 -33.17
C3B NAD E . 10.17 8.77 -33.52
O3B NAD E . 10.96 9.45 -32.53
C2B NAD E . 11.03 7.86 -34.36
O2B NAD E . 12.40 8.26 -34.31
C1B NAD E . 10.85 6.48 -33.74
N9A NAD E . 11.01 5.37 -34.74
C8A NAD E . 10.59 5.38 -36.01
N7A NAD E . 10.92 4.20 -36.59
C5A NAD E . 11.54 3.45 -35.65
C6A NAD E . 12.14 2.08 -35.64
N6A NAD E . 12.13 1.30 -36.75
N1A NAD E . 12.69 1.64 -34.50
C2A NAD E . 12.70 2.42 -33.41
N3A NAD E . 12.17 3.66 -33.39
C4A NAD E . 11.59 4.20 -34.49
O3 NAD E . 5.01 7.67 -34.51
PN NAD E . 4.46 9.07 -35.13
O1N NAD E . 5.63 9.69 -35.85
O2N NAD E . 3.32 8.64 -36.03
O5D NAD E . 4.02 9.83 -33.90
PA NAD F . 10.55 -25.95 -22.93
O1A NAD F . 10.55 -24.44 -22.92
O2A NAD F . 10.91 -26.70 -24.18
O5B NAD F . 9.10 -26.46 -22.45
C5B NAD F . 8.24 -25.65 -21.65
C4B NAD F . 6.84 -25.68 -22.21
O4B NAD F . 6.77 -24.95 -23.45
C3B NAD F . 6.35 -27.09 -22.50
O3B NAD F . 5.08 -27.28 -21.88
C2B NAD F . 6.23 -27.16 -24.01
O2B NAD F . 5.09 -27.92 -24.43
C1B NAD F . 6.09 -25.72 -24.44
N9A NAD F . 6.64 -25.48 -25.81
C8A NAD F . 7.63 -26.15 -26.42
N7A NAD F . 7.83 -25.64 -27.65
C5A NAD F . 6.94 -24.63 -27.81
C6A NAD F . 6.64 -23.66 -28.90
N6A NAD F . 7.33 -23.71 -30.07
N1A NAD F . 5.67 -22.76 -28.71
C2A NAD F . 4.99 -22.73 -27.56
N3A NAD F . 5.23 -23.58 -26.55
C4A NAD F . 6.20 -24.53 -26.64
O3 NAD F . 11.52 -26.44 -21.73
PN NAD F . 11.63 -27.98 -21.26
O1N NAD F . 12.66 -27.94 -20.16
O2N NAD F . 10.23 -28.31 -20.78
O5D NAD F . 12.08 -28.73 -22.49
PA NAD G . 6.81 18.18 30.50
O1A NAD G . 6.78 19.27 31.53
O2A NAD G . 5.61 17.28 30.33
O5B NAD G . 7.13 18.85 29.06
C5B NAD G . 6.25 18.60 27.97
C4B NAD G . 5.31 19.79 27.79
O4B NAD G . 4.07 19.59 28.47
C3B NAD G . 5.91 21.07 28.34
O3B NAD G . 6.22 21.92 27.24
C2B NAD G . 4.81 21.70 29.18
O2B NAD G . 4.58 23.05 28.78
C1B NAD G . 3.58 20.85 28.93
N9A NAD G . 2.77 20.73 30.16
C8A NAD G . 3.24 20.72 31.42
N7A NAD G . 2.19 20.60 32.27
C5A NAD G . 1.07 20.54 31.53
C6A NAD G . -0.38 20.42 31.85
N6A NAD G . -0.82 20.33 33.12
N1A NAD G . -1.25 20.39 30.83
C2A NAD G . -0.81 20.48 29.57
N3A NAD G . 0.49 20.59 29.25
C4A NAD G . 1.44 20.62 30.20
O3 NAD G . 8.10 17.25 30.76
PN NAD G . 9.58 17.87 30.89
O1N NAD G . 9.46 19.24 30.26
O2N NAD G . 9.83 17.90 32.38
O5D NAD G . 10.45 16.91 30.13
PA NAD H . -24.00 0.62 27.39
O1A NAD H . -22.70 1.38 27.17
O2A NAD H . -24.79 0.83 28.65
O5B NAD H . -23.68 -0.94 27.24
C5B NAD H . -22.72 -1.42 26.30
C4B NAD H . -21.68 -2.29 27.00
O4B NAD H . -20.90 -1.50 27.90
C3B NAD H . -22.33 -3.39 27.84
O3B NAD H . -21.73 -4.64 27.49
C2B NAD H . -22.01 -3.03 29.28
O2B NAD H . -21.75 -4.19 30.07
C1B NAD H . -20.79 -2.14 29.17
N9A NAD H . -20.70 -1.18 30.31
C8A NAD H . -21.72 -0.55 30.90
N7A NAD H . -21.25 0.24 31.90
C5A NAD H . -19.92 0.10 31.92
C6A NAD H . -18.84 0.68 32.75
N6A NAD H . -19.11 1.55 33.74
N1A NAD H . -17.57 0.31 32.49
C2A NAD H . -17.30 -0.55 31.50
N3A NAD H . -18.25 -1.10 30.73
C4A NAD H . -19.57 -0.79 30.91
O3 NAD H . -24.93 0.87 26.09
PN NAD H . -26.53 0.76 26.12
O1N NAD H . -26.97 2.01 26.86
O2N NAD H . -26.83 -0.53 26.85
O5D NAD H . -26.92 0.75 24.66
#